data_6PY8
#
_entry.id   6PY8
#
_cell.length_a   79.880
_cell.length_b   103.650
_cell.length_c   301.420
_cell.angle_alpha   90.00
_cell.angle_beta   90.00
_cell.angle_gamma   90.00
#
_symmetry.space_group_name_H-M   'P 21 21 21'
#
loop_
_entity.id
_entity.type
_entity.pdbx_description
1 polymer 'Notch-regulated ankyrin repeat-containing protein'
2 polymer DNA
3 polymer DNA
4 polymer 'Recombining binding protein suppressor of hairless'
5 polymer 'Neurogenic locus notch homolog protein 1'
#
loop_
_entity_poly.entity_id
_entity_poly.type
_entity_poly.pdbx_seq_one_letter_code
_entity_poly.pdbx_strand_id
1 'polypeptide(L)'
;MSQAELSTCSAPQTQRIFQEAVRKGNTQELQSLLQNMTNCEFNVNSFGPEGQTALHQSVIDGNLELVKLLVKFGADIRLA
NRDGWSALHIAAFGGHQDIVLYLITKAKYAASGR
;
B,G
2 'polydeoxyribonucleotide' (DT)(DT)(DG)(DA)(DC)(DT)(DG)(DT)(DG)(DG)(DG)(DA)(DA)(DA)(DG)(DA) A,X
3 'polydeoxyribonucleotide' (DA)(DA)(DT)(DC)(DT)(DT)(DT)(DC)(DC)(DC)(DA)(DC)(DA)(DG)(DT)(DC) D,Y
4 'polypeptide(L)'
;GERPPPKRLTREAMRNYLKERGDQTVLILHAKVAQKSYGNEKRFFCPPPCVYLMGSGWKKKKEQMERDGCSEQESQPCAF
IGIGNSDQEMQQLNLEGKNYCTAKTLYISDSDKRKHFMLSVKMFYGNSDDIGVFLSKRIKVISKPSKKKQSLKNADLCIA
SGTKVALFNRLRSQTVSTRYLHVEGGNFHASSQQWGAFFIHLLDDDESEGEEFTVRDGYIHYGQTVKLVCSVTGMALPRL
IIRKVDKQTALLDADDPVSQLHKCAFYLKDTERMYLCLSQERIIQFQATPCPKEPNKEMINDGASWTIISTDKAEYTFYE
GMGPVLAPVTPVPVVESLQLNGGGDVAMLELTGQNFTPNLRVWFGDVEAETMYRCGESMLCVVPDISAFREGWRWVRQPV
QVPVTLVRNDGIIYSTSLTFTYTPEPGPRPHCSAAGAILRANSS
;
C,E
5 'polypeptide(L)'
;KRRRQHGQLWFPEGFKVSEASKKKRREPLGEDSVGLKPLKNASDGALMDDNQNEWGDEDLETKKFRFEEPVVLPDLDDQT
DHRQWTQQHLDAADLRMSAMAPTPPQGEVDADCMDVNVRGPDGFTPLMIASCSGGGLETGNSEEEEDAPAVISDFIYQGA
SLHNQTDRTGETALHLAARYSRSDAAKRLLEASADANIQDNMGRTPLHAAVSADAQGVFQILIRNRATDLDARMHDGTTP
LILAARLAVEGMLEDLINSHADVNAVDDLGKSALHWAAAVNNVDAAVVLLKNGANKDMQNNREETPLFLAAREGSYETAK
VLLDHFANRDITDHMDRLPRDIAQERMHHDIVRLLDEYNLVRSPQLHGA
;
F,K
#
loop_
_chem_comp.id
_chem_comp.type
_chem_comp.name
_chem_comp.formula
DA DNA linking 2'-DEOXYADENOSINE-5'-MONOPHOSPHATE 'C10 H14 N5 O6 P'
DC DNA linking 2'-DEOXYCYTIDINE-5'-MONOPHOSPHATE 'C9 H14 N3 O7 P'
DG DNA linking 2'-DEOXYGUANOSINE-5'-MONOPHOSPHATE 'C10 H14 N5 O7 P'
DT DNA linking THYMIDINE-5'-MONOPHOSPHATE 'C10 H15 N2 O8 P'
#
# COMPACT_ATOMS: atom_id res chain seq x y z
N GLN A 13 -22.95 43.31 38.45
CA GLN A 13 -21.49 43.36 38.60
C GLN A 13 -21.02 42.39 39.68
N THR A 14 -21.51 42.58 40.90
CA THR A 14 -21.13 41.70 42.00
C THR A 14 -21.73 40.31 41.85
N GLN A 15 -22.86 40.19 41.15
CA GLN A 15 -23.49 38.89 40.96
C GLN A 15 -22.74 38.03 39.96
N ARG A 16 -21.89 38.63 39.12
CA ARG A 16 -21.14 37.85 38.14
C ARG A 16 -20.02 37.05 38.80
N ILE A 17 -19.35 37.63 39.81
CA ILE A 17 -18.28 36.96 40.53
C ILE A 17 -18.79 36.05 41.63
N PHE A 18 -20.07 35.66 41.60
CA PHE A 18 -20.59 34.81 42.65
C PHE A 18 -20.33 33.34 42.35
N GLN A 19 -20.69 32.89 41.15
CA GLN A 19 -20.50 31.49 40.78
C GLN A 19 -19.03 31.10 40.79
N GLU A 20 -18.16 31.97 40.26
CA GLU A 20 -16.73 31.69 40.27
C GLU A 20 -16.17 31.62 41.68
N ALA A 21 -16.86 32.18 42.67
CA ALA A 21 -16.44 32.10 44.06
C ALA A 21 -17.27 31.13 44.88
N VAL A 22 -18.47 30.76 44.43
CA VAL A 22 -19.30 29.82 45.16
C VAL A 22 -19.06 28.37 44.75
N ARG A 23 -18.64 28.14 43.49
CA ARG A 23 -18.35 26.78 43.06
C ARG A 23 -17.12 26.21 43.74
N LYS A 24 -16.26 27.06 44.29
CA LYS A 24 -15.07 26.62 45.03
C LYS A 24 -15.39 26.23 46.47
N GLY A 25 -16.67 26.02 46.80
CA GLY A 25 -17.07 25.62 48.13
C GLY A 25 -17.65 24.21 48.19
N ASN A 26 -17.98 23.61 47.03
CA ASN A 26 -18.52 22.25 46.97
C ASN A 26 -19.80 22.12 47.80
N THR A 27 -20.70 23.08 47.64
CA THR A 27 -21.96 23.11 48.35
C THR A 27 -23.09 23.00 47.33
N GLN A 28 -23.83 21.90 47.37
CA GLN A 28 -24.93 21.70 46.43
C GLN A 28 -26.18 22.49 46.83
N GLU A 29 -26.41 22.67 48.14
CA GLU A 29 -27.58 23.39 48.59
C GLU A 29 -27.52 24.86 48.19
N LEU A 30 -26.37 25.50 48.38
CA LEU A 30 -26.22 26.90 48.00
C LEU A 30 -26.35 27.07 46.49
N GLN A 31 -25.80 26.14 45.72
CA GLN A 31 -25.93 26.21 44.27
C GLN A 31 -27.39 26.09 43.85
N SER A 32 -28.10 25.09 44.39
CA SER A 32 -29.51 24.90 44.06
C SER A 32 -30.36 26.09 44.49
N LEU A 33 -29.98 26.74 45.60
CA LEU A 33 -30.72 27.91 46.05
C LEU A 33 -30.49 29.11 45.14
N LEU A 34 -29.22 29.42 44.87
CA LEU A 34 -28.92 30.57 44.02
C LEU A 34 -29.31 30.34 42.57
N GLN A 35 -29.58 29.08 42.18
CA GLN A 35 -30.00 28.78 40.82
C GLN A 35 -31.49 28.52 40.69
N ASN A 36 -32.20 28.26 41.78
CA ASN A 36 -33.65 28.15 41.72
C ASN A 36 -34.27 29.51 41.42
N MET A 37 -33.86 30.55 42.16
CA MET A 37 -34.20 31.91 41.78
C MET A 37 -33.50 32.32 40.48
N THR A 38 -32.48 31.58 40.07
CA THR A 38 -31.74 31.79 38.82
C THR A 38 -31.14 33.19 38.85
N ASN A 39 -30.95 33.79 37.68
CA ASN A 39 -30.36 35.12 37.60
C ASN A 39 -30.77 35.76 36.28
N CYS A 40 -30.52 37.05 36.17
CA CYS A 40 -30.81 37.81 34.97
C CYS A 40 -29.58 38.12 34.15
N GLU A 41 -28.41 38.22 34.79
CA GLU A 41 -27.18 38.51 34.07
C GLU A 41 -26.86 37.45 33.03
N PHE A 42 -27.49 36.28 33.11
CA PHE A 42 -27.28 35.19 32.16
C PHE A 42 -25.81 34.81 32.05
N ASN A 43 -25.17 34.67 33.21
CA ASN A 43 -23.74 34.31 33.23
C ASN A 43 -23.52 32.97 32.55
N VAL A 44 -24.42 32.01 32.76
CA VAL A 44 -24.40 30.68 32.14
C VAL A 44 -22.97 30.15 32.11
N ASN A 45 -22.55 29.53 31.01
CA ASN A 45 -21.15 29.17 30.81
C ASN A 45 -20.27 30.40 31.00
N SER A 46 -19.52 30.44 32.10
CA SER A 46 -18.73 31.61 32.46
C SER A 46 -17.28 31.20 32.66
N PHE A 47 -16.38 31.73 31.84
CA PHE A 47 -14.96 31.43 31.98
C PHE A 47 -14.43 32.02 33.27
N GLY A 48 -13.82 31.18 34.10
CA GLY A 48 -13.35 31.60 35.40
C GLY A 48 -11.98 32.27 35.37
N PRO A 49 -11.28 32.26 36.50
CA PRO A 49 -9.95 32.89 36.53
C PRO A 49 -8.93 32.16 35.67
N GLU A 50 -8.88 30.83 35.76
CA GLU A 50 -8.02 30.03 34.89
C GLU A 50 -8.62 29.79 33.51
N GLY A 51 -9.63 30.56 33.14
CA GLY A 51 -10.32 30.35 31.88
C GLY A 51 -11.20 29.11 31.84
N GLN A 52 -11.31 28.38 32.95
CA GLN A 52 -12.14 27.19 33.04
C GLN A 52 -13.50 27.57 33.63
N THR A 53 -14.57 27.15 32.96
CA THR A 53 -15.91 27.40 33.47
C THR A 53 -16.11 26.62 34.78
N ALA A 54 -17.22 26.95 35.46
CA ALA A 54 -17.58 26.19 36.66
C ALA A 54 -17.71 24.71 36.36
N LEU A 55 -18.13 24.36 35.13
CA LEU A 55 -18.21 22.97 34.72
C LEU A 55 -16.84 22.30 34.76
N HIS A 56 -15.82 22.97 34.22
CA HIS A 56 -14.50 22.36 34.12
C HIS A 56 -13.88 22.14 35.49
N GLN A 57 -13.89 23.17 36.34
CA GLN A 57 -13.30 23.00 37.67
C GLN A 57 -14.18 22.13 38.58
N SER A 58 -15.48 22.02 38.29
CA SER A 58 -16.30 21.05 39.01
C SER A 58 -15.92 19.63 38.63
N VAL A 59 -15.60 19.40 37.35
CA VAL A 59 -15.06 18.10 36.95
C VAL A 59 -13.70 17.88 37.60
N ILE A 60 -12.89 18.94 37.72
CA ILE A 60 -11.61 18.84 38.40
C ILE A 60 -11.81 18.39 39.84
N ASP A 61 -12.79 18.97 40.53
CA ASP A 61 -13.06 18.58 41.92
C ASP A 61 -13.53 17.13 41.98
N GLY A 62 -14.48 16.75 41.13
CA GLY A 62 -14.93 15.39 41.07
C GLY A 62 -16.19 15.11 41.87
N ASN A 63 -17.26 15.86 41.59
CA ASN A 63 -18.55 15.66 42.24
C ASN A 63 -19.63 15.68 41.16
N LEU A 64 -20.39 14.58 41.07
CA LEU A 64 -21.31 14.41 39.96
C LEU A 64 -22.54 15.31 40.09
N GLU A 65 -22.94 15.64 41.32
CA GLU A 65 -24.14 16.44 41.51
C GLU A 65 -23.98 17.85 40.97
N LEU A 66 -22.81 18.46 41.20
CA LEU A 66 -22.56 19.81 40.72
C LEU A 66 -22.59 19.87 39.21
N VAL A 67 -21.83 18.99 38.54
CA VAL A 67 -21.79 18.98 37.08
C VAL A 67 -23.17 18.66 36.51
N LYS A 68 -23.93 17.79 37.18
CA LYS A 68 -25.26 17.48 36.68
C LYS A 68 -26.19 18.67 36.78
N LEU A 69 -26.15 19.41 37.90
CA LEU A 69 -26.94 20.63 38.00
C LEU A 69 -26.54 21.65 36.93
N LEU A 70 -25.24 21.78 36.68
CA LEU A 70 -24.77 22.71 35.66
C LEU A 70 -25.32 22.33 34.29
N VAL A 71 -25.11 21.07 33.88
CA VAL A 71 -25.65 20.60 32.60
C VAL A 71 -27.16 20.78 32.56
N LYS A 72 -27.83 20.64 33.70
CA LYS A 72 -29.27 20.89 33.76
C LYS A 72 -29.59 22.32 33.37
N PHE A 73 -28.83 23.28 33.90
CA PHE A 73 -29.10 24.69 33.61
C PHE A 73 -28.28 25.20 32.43
N GLY A 74 -28.57 24.61 31.27
CA GLY A 74 -28.13 25.12 29.99
C GLY A 74 -26.62 25.17 29.74
N ALA A 75 -25.84 24.61 30.65
CA ALA A 75 -24.38 24.62 30.48
C ALA A 75 -24.01 23.73 29.30
N ASP A 76 -23.55 24.35 28.22
CA ASP A 76 -23.17 23.59 27.02
C ASP A 76 -22.03 22.64 27.35
N ILE A 77 -22.18 21.38 26.92
CA ILE A 77 -21.15 20.38 27.18
C ILE A 77 -20.03 20.47 26.14
N ARG A 78 -20.39 20.64 24.87
CA ARG A 78 -19.41 20.63 23.79
C ARG A 78 -18.86 22.04 23.53
N LEU A 79 -18.23 22.59 24.56
CA LEU A 79 -17.49 23.84 24.45
C LEU A 79 -16.06 23.63 24.90
N ALA A 80 -15.13 24.27 24.19
CA ALA A 80 -13.73 24.22 24.57
C ALA A 80 -13.43 25.34 25.54
N ASN A 81 -12.68 25.03 26.59
CA ASN A 81 -12.33 26.02 27.59
C ASN A 81 -11.31 26.99 27.00
N ARG A 82 -10.79 27.89 27.83
CA ARG A 82 -9.87 28.92 27.34
C ARG A 82 -8.63 28.29 26.71
N ASP A 83 -8.11 27.22 27.31
CA ASP A 83 -6.89 26.60 26.80
C ASP A 83 -7.14 25.71 25.60
N GLY A 84 -8.37 25.27 25.37
CA GLY A 84 -8.71 24.50 24.19
C GLY A 84 -9.25 23.10 24.47
N TRP A 85 -9.29 22.65 25.72
CA TRP A 85 -9.79 21.32 26.03
C TRP A 85 -11.28 21.38 26.34
N SER A 86 -11.99 20.29 25.99
CA SER A 86 -13.40 20.16 26.25
C SER A 86 -13.61 19.65 27.68
N ALA A 87 -14.86 19.36 28.05
CA ALA A 87 -15.17 18.81 29.36
C ALA A 87 -14.79 17.34 29.49
N LEU A 88 -14.63 16.63 28.37
CA LEU A 88 -14.32 15.20 28.42
C LEU A 88 -12.86 14.95 28.76
N HIS A 89 -11.95 15.85 28.36
CA HIS A 89 -10.53 15.62 28.59
C HIS A 89 -10.20 15.64 30.08
N ILE A 90 -10.75 16.60 30.81
CA ILE A 90 -10.48 16.68 32.25
C ILE A 90 -11.10 15.50 32.97
N ALA A 91 -12.27 15.04 32.53
CA ALA A 91 -12.89 13.87 33.14
C ALA A 91 -12.08 12.61 32.87
N ALA A 92 -11.48 12.51 31.69
CA ALA A 92 -10.65 11.35 31.38
C ALA A 92 -9.33 11.39 32.15
N PHE A 93 -8.79 12.58 32.39
CA PHE A 93 -7.54 12.68 33.13
C PHE A 93 -7.74 12.49 34.63
N GLY A 94 -8.87 12.96 35.17
CA GLY A 94 -9.11 12.85 36.60
C GLY A 94 -9.36 11.44 37.06
N GLY A 95 -9.95 10.61 36.21
CA GLY A 95 -10.27 9.24 36.55
C GLY A 95 -11.68 9.00 37.01
N HIS A 96 -12.48 10.06 37.19
CA HIS A 96 -13.86 9.91 37.62
C HIS A 96 -14.67 9.31 36.47
N GLN A 97 -15.09 8.06 36.64
CA GLN A 97 -15.79 7.36 35.57
C GLN A 97 -17.23 7.85 35.41
N ASP A 98 -17.83 8.37 36.48
CA ASP A 98 -19.23 8.77 36.42
C ASP A 98 -19.44 10.04 35.62
N ILE A 99 -18.40 10.85 35.43
CA ILE A 99 -18.55 12.09 34.67
C ILE A 99 -18.62 11.81 33.18
N VAL A 100 -17.77 10.91 32.68
CA VAL A 100 -17.74 10.61 31.25
C VAL A 100 -19.06 9.98 30.81
N LEU A 101 -19.76 9.32 31.72
CA LEU A 101 -21.09 8.79 31.42
C LEU A 101 -22.01 9.89 30.91
N TYR A 102 -22.19 10.94 31.70
CA TYR A 102 -23.08 12.03 31.33
C TYR A 102 -22.47 12.94 30.28
N LEU A 103 -21.14 12.91 30.11
CA LEU A 103 -20.53 13.68 29.02
C LEU A 103 -20.76 13.01 27.68
N ILE A 104 -20.85 11.67 27.65
CA ILE A 104 -21.12 10.95 26.41
C ILE A 104 -22.63 10.85 26.14
N THR A 105 -23.43 10.70 27.19
CA THR A 105 -24.88 10.58 27.02
C THR A 105 -25.45 11.85 26.40
N LYS A 106 -24.99 13.02 26.85
CA LYS A 106 -25.41 14.28 26.24
C LYS A 106 -24.85 14.44 24.83
N ALA A 107 -23.77 13.72 24.50
CA ALA A 107 -23.15 13.75 23.18
C ALA A 107 -22.74 15.17 22.78
N PHE B 18 -62.18 11.26 20.40
CA PHE B 18 -60.88 11.91 20.36
C PHE B 18 -60.04 11.37 19.21
N GLN B 19 -58.92 12.06 18.92
CA GLN B 19 -58.01 11.67 17.86
C GLN B 19 -56.62 11.30 18.41
N GLU B 20 -56.52 11.06 19.71
CA GLU B 20 -55.24 10.75 20.32
C GLU B 20 -54.79 9.34 19.94
N ALA B 21 -53.51 9.20 19.63
CA ALA B 21 -52.95 7.90 19.29
C ALA B 21 -52.60 7.12 20.55
N VAL B 22 -52.95 5.83 20.55
CA VAL B 22 -52.71 4.99 21.72
C VAL B 22 -51.84 3.80 21.36
N ARG B 23 -50.74 4.05 20.64
CA ARG B 23 -49.76 3.03 20.25
C ARG B 23 -50.49 1.96 19.43
N LYS B 24 -50.47 0.69 19.83
CA LYS B 24 -51.10 -0.38 19.06
C LYS B 24 -51.83 -1.34 19.99
N GLY B 25 -52.42 -0.80 21.06
CA GLY B 25 -53.16 -1.63 21.99
C GLY B 25 -54.59 -1.85 21.49
N ASN B 26 -55.31 -2.73 22.19
CA ASN B 26 -56.71 -3.00 21.86
C ASN B 26 -57.54 -1.75 22.11
N THR B 27 -57.94 -1.07 21.05
CA THR B 27 -58.66 0.19 21.14
C THR B 27 -60.16 -0.06 21.05
N GLN B 28 -60.90 0.36 22.07
CA GLN B 28 -62.34 0.27 22.03
C GLN B 28 -62.91 1.14 20.91
N GLU B 29 -63.92 0.63 20.22
CA GLU B 29 -64.46 1.27 19.03
C GLU B 29 -65.95 1.50 19.22
N LEU B 30 -66.35 2.76 19.28
CA LEU B 30 -67.74 3.15 19.36
C LEU B 30 -68.23 3.57 17.98
N GLN B 31 -69.32 4.35 17.93
CA GLN B 31 -69.87 4.85 16.68
C GLN B 31 -69.92 6.37 16.64
N SER B 32 -69.14 7.04 17.47
CA SER B 32 -69.13 8.50 17.48
C SER B 32 -68.53 9.06 16.20
N LEU B 33 -67.36 8.56 15.80
CA LEU B 33 -66.76 8.99 14.54
C LEU B 33 -67.57 8.48 13.34
N LEU B 34 -68.23 7.33 13.49
CA LEU B 34 -69.08 6.83 12.40
C LEU B 34 -70.33 7.69 12.23
N GLN B 35 -70.84 8.27 13.32
CA GLN B 35 -72.01 9.13 13.22
C GLN B 35 -71.72 10.42 12.47
N ASN B 36 -70.46 10.82 12.36
CA ASN B 36 -70.09 12.02 11.63
C ASN B 36 -69.35 11.66 10.35
N VAL B 44 -58.87 9.78 10.51
CA VAL B 44 -58.94 8.44 11.08
C VAL B 44 -57.69 7.64 10.69
N ASN B 45 -57.25 7.79 9.45
CA ASN B 45 -56.09 7.07 8.94
C ASN B 45 -54.81 7.87 9.21
N SER B 46 -53.82 7.20 9.79
CA SER B 46 -52.54 7.83 10.08
C SER B 46 -51.50 6.75 10.32
N PHE B 47 -50.24 7.13 10.16
CA PHE B 47 -49.13 6.20 10.34
C PHE B 47 -48.60 6.25 11.77
N GLY B 48 -47.91 5.19 12.16
CA GLY B 48 -47.38 5.07 13.51
C GLY B 48 -45.88 5.22 13.58
N PRO B 49 -45.28 4.69 14.65
CA PRO B 49 -43.82 4.81 14.82
C PRO B 49 -43.04 3.99 13.80
N GLU B 50 -43.43 2.74 13.62
CA GLU B 50 -42.77 1.86 12.65
C GLU B 50 -43.20 2.13 11.22
N GLY B 51 -43.91 3.24 10.97
CA GLY B 51 -44.35 3.58 9.64
C GLY B 51 -45.63 2.93 9.19
N GLN B 52 -46.23 2.08 10.02
CA GLN B 52 -47.46 1.39 9.67
C GLN B 52 -48.65 2.11 10.30
N THR B 53 -49.84 1.75 9.82
CA THR B 53 -51.09 2.28 10.36
C THR B 53 -51.70 1.27 11.31
N ALA B 54 -52.81 1.66 11.95
CA ALA B 54 -53.54 0.73 12.81
C ALA B 54 -54.09 -0.44 12.01
N LEU B 55 -54.39 -0.22 10.72
CA LEU B 55 -54.81 -1.31 9.85
C LEU B 55 -53.76 -2.41 9.76
N HIS B 56 -52.48 -2.04 9.84
CA HIS B 56 -51.40 -3.01 9.75
C HIS B 56 -51.17 -3.72 11.08
N GLN B 57 -51.11 -2.96 12.18
CA GLN B 57 -50.92 -3.58 13.48
C GLN B 57 -52.10 -4.47 13.85
N SER B 58 -53.29 -4.19 13.31
CA SER B 58 -54.41 -5.10 13.49
C SER B 58 -54.16 -6.43 12.79
N VAL B 59 -53.48 -6.43 11.66
CA VAL B 59 -53.12 -7.68 10.99
C VAL B 59 -52.02 -8.40 11.76
N ILE B 60 -51.06 -7.64 12.29
CA ILE B 60 -50.04 -8.24 13.16
C ILE B 60 -50.70 -8.95 14.33
N ASP B 61 -51.61 -8.27 15.03
CA ASP B 61 -52.27 -8.88 16.18
C ASP B 61 -53.28 -9.94 15.75
N GLY B 62 -53.83 -9.82 14.55
CA GLY B 62 -54.78 -10.81 14.05
C GLY B 62 -56.14 -10.71 14.71
N ASN B 63 -56.87 -9.65 14.43
CA ASN B 63 -58.21 -9.42 14.97
C ASN B 63 -59.12 -8.99 13.83
N LEU B 64 -59.95 -9.91 13.34
CA LEU B 64 -60.89 -9.58 12.29
C LEU B 64 -61.96 -8.62 12.79
N GLU B 65 -62.37 -8.74 14.04
CA GLU B 65 -63.38 -7.84 14.60
C GLU B 65 -62.85 -6.43 14.72
N LEU B 66 -61.55 -6.27 15.04
CA LEU B 66 -60.97 -4.94 15.20
C LEU B 66 -60.65 -4.26 13.89
N VAL B 67 -60.59 -5.01 12.79
CA VAL B 67 -60.25 -4.44 11.49
C VAL B 67 -61.48 -4.13 10.63
N LYS B 68 -62.64 -4.69 10.97
CA LYS B 68 -63.83 -4.48 10.16
C LYS B 68 -64.30 -3.03 10.21
N LEU B 69 -64.10 -2.34 11.33
CA LEU B 69 -64.59 -0.97 11.45
C LEU B 69 -63.77 0.01 10.63
N LEU B 70 -62.47 -0.24 10.49
CA LEU B 70 -61.59 0.73 9.84
C LEU B 70 -62.03 1.02 8.42
N VAL B 71 -62.39 -0.02 7.66
CA VAL B 71 -62.82 0.16 6.28
C VAL B 71 -64.08 1.02 6.21
N LYS B 72 -64.89 1.00 7.27
CA LYS B 72 -66.09 1.84 7.31
C LYS B 72 -65.75 3.32 7.40
N PHE B 73 -64.55 3.66 7.87
CA PHE B 73 -64.12 5.05 7.99
C PHE B 73 -63.34 5.53 6.77
N GLY B 74 -63.46 4.84 5.64
CA GLY B 74 -62.74 5.23 4.45
C GLY B 74 -61.25 4.96 4.49
N ALA B 75 -60.80 4.05 5.36
CA ALA B 75 -59.39 3.71 5.41
C ALA B 75 -58.96 3.06 4.11
N ASP B 76 -57.91 3.61 3.49
CA ASP B 76 -57.46 3.13 2.21
C ASP B 76 -56.92 1.71 2.32
N ILE B 77 -57.17 0.91 1.30
CA ILE B 77 -56.77 -0.50 1.30
C ILE B 77 -55.39 -0.68 0.67
N ARG B 78 -55.16 -0.07 -0.49
CA ARG B 78 -53.89 -0.23 -1.17
C ARG B 78 -52.76 0.53 -0.51
N LEU B 79 -53.06 1.44 0.42
CA LEU B 79 -52.00 2.19 1.11
C LEU B 79 -51.09 1.24 1.87
N ALA B 80 -49.79 1.47 1.75
CA ALA B 80 -48.77 0.61 2.34
C ALA B 80 -48.20 1.27 3.60
N ASN B 81 -47.31 0.54 4.26
CA ASN B 81 -46.55 1.13 5.36
C ASN B 81 -45.50 2.09 4.80
N ARG B 82 -44.73 2.71 5.70
CA ARG B 82 -43.70 3.63 5.25
C ARG B 82 -42.66 2.92 4.38
N ASP B 83 -42.30 1.69 4.74
CA ASP B 83 -41.30 0.96 3.98
C ASP B 83 -41.80 0.64 2.57
N GLY B 84 -43.04 0.15 2.46
CA GLY B 84 -43.61 -0.06 1.14
C GLY B 84 -44.57 -1.23 1.01
N TRP B 85 -44.76 -2.01 2.08
CA TRP B 85 -45.64 -3.17 2.02
C TRP B 85 -47.04 -2.79 2.49
N SER B 86 -48.05 -3.20 1.73
CA SER B 86 -49.43 -2.90 2.04
C SER B 86 -50.01 -3.95 2.98
N ALA B 87 -51.23 -3.68 3.45
CA ALA B 87 -51.89 -4.59 4.39
C ALA B 87 -52.24 -5.92 3.73
N LEU B 88 -52.52 -5.91 2.43
CA LEU B 88 -52.78 -7.15 1.71
C LEU B 88 -51.56 -8.07 1.69
N HIS B 89 -50.38 -7.52 1.96
CA HIS B 89 -49.15 -8.30 2.06
C HIS B 89 -48.88 -8.77 3.48
N ILE B 90 -49.19 -7.94 4.47
CA ILE B 90 -49.06 -8.37 5.86
C ILE B 90 -50.06 -9.48 6.16
N ALA B 91 -51.23 -9.44 5.54
CA ALA B 91 -52.19 -10.53 5.70
C ALA B 91 -51.66 -11.83 5.10
N ALA B 92 -50.95 -11.72 3.97
CA ALA B 92 -50.32 -12.90 3.38
C ALA B 92 -49.20 -13.45 4.25
N PHE B 93 -48.46 -12.55 4.91
CA PHE B 93 -47.43 -13.01 5.83
C PHE B 93 -48.03 -13.70 7.05
N GLY B 94 -49.07 -13.11 7.63
CA GLY B 94 -49.66 -13.67 8.83
C GLY B 94 -50.33 -15.02 8.61
N GLY B 95 -50.84 -15.26 7.41
CA GLY B 95 -51.49 -16.52 7.09
C GLY B 95 -52.91 -16.64 7.57
N HIS B 96 -53.50 -15.59 8.13
CA HIS B 96 -54.89 -15.64 8.59
C HIS B 96 -55.81 -15.70 7.38
N GLN B 97 -56.55 -16.80 7.25
CA GLN B 97 -57.41 -17.00 6.09
C GLN B 97 -58.52 -15.95 6.05
N ASP B 98 -59.25 -15.80 7.15
CA ASP B 98 -60.41 -14.91 7.18
C ASP B 98 -60.05 -13.44 7.07
N ILE B 99 -58.78 -13.09 7.11
CA ILE B 99 -58.35 -11.70 7.06
C ILE B 99 -57.88 -11.30 5.67
N VAL B 100 -57.19 -12.20 4.96
CA VAL B 100 -56.59 -11.83 3.69
C VAL B 100 -57.67 -11.63 2.62
N LEU B 101 -58.58 -12.60 2.47
CA LEU B 101 -59.61 -12.48 1.44
C LEU B 101 -60.65 -11.44 1.79
N TYR B 102 -60.75 -11.05 3.06
CA TYR B 102 -61.61 -9.94 3.45
C TYR B 102 -61.19 -8.65 2.76
N LEU B 103 -59.91 -8.51 2.45
CA LEU B 103 -59.42 -7.32 1.76
C LEU B 103 -59.74 -7.36 0.28
N ILE B 104 -59.63 -8.53 -0.35
CA ILE B 104 -59.93 -8.62 -1.78
C ILE B 104 -61.44 -8.55 -2.03
N THR B 105 -62.25 -9.00 -1.07
CA THR B 105 -63.69 -8.85 -1.21
C THR B 105 -64.10 -7.39 -1.20
N LYS B 106 -63.30 -6.52 -0.56
CA LYS B 106 -63.52 -5.08 -0.60
C LYS B 106 -62.84 -4.41 -1.79
N ALA B 107 -61.75 -5.00 -2.29
CA ALA B 107 -61.03 -4.45 -3.42
C ALA B 107 -61.81 -4.56 -4.73
N LYS B 108 -62.94 -5.27 -4.73
CA LYS B 108 -63.80 -5.39 -5.90
C LYS B 108 -63.06 -6.01 -7.08
N ARG G 3 11.16 -10.41 12.94
CA ARG G 3 10.33 -10.41 11.76
C ARG G 3 8.85 -10.30 12.13
N PRO G 4 8.08 -9.58 11.31
CA PRO G 4 6.65 -9.42 11.59
C PRO G 4 5.90 -10.73 11.43
N PRO G 5 5.08 -11.10 12.40
CA PRO G 5 4.30 -12.33 12.30
C PRO G 5 3.07 -12.11 11.43
N PRO G 6 2.33 -13.17 11.10
CA PRO G 6 1.08 -12.97 10.36
C PRO G 6 0.10 -12.11 11.15
N LYS G 7 -0.68 -11.32 10.42
CA LYS G 7 -1.61 -10.36 11.01
C LYS G 7 -2.99 -10.56 10.40
N ARG G 8 -3.96 -10.94 11.23
CA ARG G 8 -5.34 -11.04 10.79
C ARG G 8 -5.87 -9.65 10.43
N LEU G 9 -6.67 -9.59 9.37
CA LEU G 9 -7.23 -8.31 8.94
C LEU G 9 -8.27 -7.83 9.95
N THR G 10 -8.08 -6.61 10.45
CA THR G 10 -8.96 -6.03 11.46
C THR G 10 -10.16 -5.35 10.81
N ARG G 11 -11.07 -4.89 11.67
CA ARG G 11 -12.31 -4.27 11.21
C ARG G 11 -12.04 -2.90 10.61
N GLU G 12 -11.28 -2.06 11.33
CA GLU G 12 -11.06 -0.69 10.89
C GLU G 12 -10.19 -0.65 9.65
N ALA G 13 -9.30 -1.62 9.48
CA ALA G 13 -8.55 -1.73 8.23
C ALA G 13 -9.47 -2.02 7.06
N MET G 14 -10.51 -2.83 7.28
CA MET G 14 -11.47 -3.08 6.22
C MET G 14 -12.29 -1.83 5.90
N ARG G 15 -12.65 -1.05 6.92
CA ARG G 15 -13.31 0.23 6.63
C ARG G 15 -12.39 1.17 5.84
N ASN G 16 -11.10 1.20 6.19
CA ASN G 16 -10.15 2.02 5.44
C ASN G 16 -10.05 1.57 3.99
N TYR G 17 -10.05 0.26 3.75
CA TYR G 17 -10.05 -0.26 2.39
C TYR G 17 -11.32 0.15 1.65
N LEU G 18 -12.47 0.02 2.30
CA LEU G 18 -13.72 0.46 1.68
C LEU G 18 -13.69 1.93 1.31
N LYS G 19 -12.98 2.75 2.09
CA LYS G 19 -12.85 4.16 1.70
C LYS G 19 -11.95 4.30 0.47
N GLU G 20 -10.71 3.83 0.59
CA GLU G 20 -9.74 4.11 -0.48
C GLU G 20 -9.93 3.19 -1.68
N ARG G 21 -9.89 1.87 -1.46
CA ARG G 21 -10.02 0.86 -2.51
C ARG G 21 -8.97 1.08 -3.60
N GLY G 22 -7.72 0.83 -3.21
CA GLY G 22 -6.60 0.92 -4.13
C GLY G 22 -6.25 -0.42 -4.75
N ASP G 23 -7.18 -0.97 -5.54
CA ASP G 23 -7.02 -2.29 -6.12
C ASP G 23 -5.80 -2.35 -7.03
N GLN G 24 -4.80 -3.14 -6.64
CA GLN G 24 -3.61 -3.36 -7.46
C GLN G 24 -3.87 -4.50 -8.44
N THR G 25 -4.72 -4.20 -9.42
CA THR G 25 -5.14 -5.21 -10.38
C THR G 25 -4.02 -5.53 -11.35
N VAL G 26 -3.95 -6.80 -11.75
CA VAL G 26 -2.98 -7.28 -12.74
C VAL G 26 -3.77 -7.93 -13.88
N LEU G 27 -3.48 -7.49 -15.10
CA LEU G 27 -4.24 -7.91 -16.27
C LEU G 27 -3.30 -8.51 -17.32
N ILE G 28 -3.79 -9.52 -18.03
CA ILE G 28 -3.03 -10.20 -19.06
C ILE G 28 -3.96 -10.46 -20.24
N LEU G 29 -3.63 -9.89 -21.40
CA LEU G 29 -4.34 -10.15 -22.64
C LEU G 29 -3.49 -11.07 -23.51
N HIS G 30 -4.11 -12.13 -24.03
CA HIS G 30 -3.38 -13.11 -24.82
C HIS G 30 -4.38 -13.91 -25.65
N ALA G 31 -3.92 -14.36 -26.81
CA ALA G 31 -4.76 -15.15 -27.69
C ALA G 31 -4.91 -16.57 -27.15
N LYS G 32 -5.89 -17.28 -27.69
CA LYS G 32 -6.15 -18.67 -27.31
C LYS G 32 -5.46 -19.67 -28.22
N VAL G 33 -4.82 -19.21 -29.29
CA VAL G 33 -4.23 -20.10 -30.29
C VAL G 33 -2.79 -19.67 -30.55
N ALA G 34 -1.89 -20.65 -30.65
CA ALA G 34 -0.48 -20.40 -30.89
C ALA G 34 0.01 -21.29 -32.02
N GLN G 35 0.62 -20.68 -33.03
CA GLN G 35 1.16 -21.42 -34.17
C GLN G 35 2.50 -22.04 -33.78
N LYS G 36 2.58 -23.36 -33.89
CA LYS G 36 3.79 -24.07 -33.48
C LYS G 36 4.89 -23.89 -34.52
N SER G 37 6.13 -23.90 -34.04
CA SER G 37 7.30 -23.76 -34.88
C SER G 37 8.02 -25.11 -35.00
N TYR G 38 8.47 -25.43 -36.20
CA TYR G 38 9.10 -26.71 -36.50
C TYR G 38 10.61 -26.57 -36.59
N GLY G 39 11.30 -27.63 -36.19
CA GLY G 39 12.75 -27.70 -36.28
C GLY G 39 13.48 -26.60 -35.54
N ASN G 40 14.08 -25.67 -36.30
CA ASN G 40 14.85 -24.57 -35.72
C ASN G 40 14.26 -23.21 -36.08
N GLU G 41 13.01 -23.18 -36.52
CA GLU G 41 12.35 -21.91 -36.80
C GLU G 41 12.02 -21.19 -35.49
N LYS G 42 11.39 -20.03 -35.61
CA LYS G 42 11.00 -19.22 -34.47
C LYS G 42 9.81 -18.35 -34.84
N ARG G 43 8.72 -18.99 -35.26
CA ARG G 43 7.48 -18.28 -35.57
C ARG G 43 6.91 -17.69 -34.28
N PHE G 44 6.91 -16.36 -34.19
CA PHE G 44 6.42 -15.72 -32.98
C PHE G 44 4.91 -15.82 -32.89
N PHE G 45 4.40 -15.60 -31.68
CA PHE G 45 2.96 -15.43 -31.50
C PHE G 45 2.55 -14.14 -32.19
N CYS G 46 1.66 -14.25 -33.18
CA CYS G 46 1.30 -13.07 -33.96
C CYS G 46 0.67 -11.96 -33.12
N PRO G 47 -0.25 -12.22 -32.20
CA PRO G 47 -0.62 -11.17 -31.24
C PRO G 47 0.20 -11.31 -29.96
N PRO G 48 1.08 -10.36 -29.69
CA PRO G 48 1.95 -10.47 -28.52
C PRO G 48 1.15 -10.32 -27.24
N PRO G 49 1.43 -11.15 -26.23
CA PRO G 49 0.74 -11.00 -24.94
C PRO G 49 1.06 -9.65 -24.31
N CYS G 50 0.01 -8.92 -23.95
CA CYS G 50 0.14 -7.59 -23.37
C CYS G 50 -0.14 -7.69 -21.88
N VAL G 51 0.84 -7.33 -21.06
CA VAL G 51 0.72 -7.35 -19.61
C VAL G 51 0.49 -5.93 -19.15
N TYR G 52 -0.72 -5.65 -18.69
CA TYR G 52 -1.10 -4.34 -18.16
C TYR G 52 -1.01 -4.33 -16.64
N LEU G 53 -0.93 -3.14 -16.08
CA LEU G 53 -0.91 -2.95 -14.63
C LEU G 53 -1.85 -1.80 -14.26
N MET G 54 -3.14 -2.02 -14.56
CA MET G 54 -4.15 -1.03 -14.26
C MET G 54 -4.47 -1.00 -12.77
N GLY G 55 -5.11 0.07 -12.33
CA GLY G 55 -5.44 0.18 -10.91
C GLY G 55 -4.69 1.34 -10.29
N SER G 56 -5.42 2.14 -9.51
CA SER G 56 -4.81 3.31 -8.87
C SER G 56 -3.85 2.88 -7.77
N GLY G 57 -4.17 1.81 -7.04
CA GLY G 57 -3.37 1.41 -5.90
C GLY G 57 -1.90 1.19 -6.23
N TRP G 58 -1.59 0.86 -7.48
CA TRP G 58 -0.19 0.72 -7.88
C TRP G 58 0.60 1.98 -7.54
N LYS G 59 0.06 3.14 -7.90
CA LYS G 59 0.73 4.39 -7.53
C LYS G 59 0.90 4.50 -6.03
N LYS G 60 -0.12 4.10 -5.27
CA LYS G 60 0.00 4.09 -3.81
C LYS G 60 1.14 3.18 -3.37
N LYS G 61 1.31 2.04 -4.04
CA LYS G 61 2.43 1.16 -3.71
C LYS G 61 3.75 1.85 -4.01
N LYS G 62 3.79 2.70 -5.04
CA LYS G 62 4.97 3.51 -5.29
C LYS G 62 5.21 4.49 -4.14
N GLU G 63 4.13 5.01 -3.56
CA GLU G 63 4.25 5.99 -2.48
C GLU G 63 4.62 5.31 -1.16
N GLN G 64 3.84 4.30 -0.76
CA GLN G 64 4.01 3.68 0.56
C GLN G 64 5.45 3.23 0.79
N MET G 65 6.00 2.45 -0.14
CA MET G 65 7.40 2.03 0.01
C MET G 65 8.33 3.24 0.06
N GLU G 66 8.09 4.24 -0.80
CA GLU G 66 8.90 5.44 -0.76
C GLU G 66 8.68 6.23 0.53
N ARG G 67 7.57 6.01 1.22
CA ARG G 67 7.37 6.60 2.54
C ARG G 67 8.08 5.83 3.64
N ASP G 68 8.76 4.74 3.31
CA ASP G 68 9.53 3.95 4.27
C ASP G 68 10.98 3.80 3.83
N GLY G 69 11.50 4.76 3.08
CA GLY G 69 12.90 4.74 2.68
C GLY G 69 13.24 3.67 1.65
N CYS G 70 12.80 3.84 0.42
CA CYS G 70 13.13 2.94 -0.67
C CYS G 70 13.54 3.74 -1.90
N SER G 71 14.51 3.20 -2.64
CA SER G 71 15.02 3.88 -3.83
C SER G 71 14.10 3.65 -5.02
N GLU G 72 14.36 4.41 -6.09
CA GLU G 72 13.58 4.27 -7.31
C GLU G 72 13.78 2.90 -7.98
N GLN G 73 14.95 2.30 -7.80
CA GLN G 73 15.18 0.95 -8.32
C GLN G 73 14.45 -0.11 -7.50
N GLU G 74 14.31 0.11 -6.20
CA GLU G 74 13.66 -0.88 -5.35
C GLU G 74 12.15 -0.91 -5.55
N SER G 75 11.54 0.24 -5.84
CA SER G 75 10.08 0.33 -5.96
C SER G 75 9.59 0.03 -7.36
N GLN G 76 10.45 -0.45 -8.26
CA GLN G 76 9.99 -0.75 -9.62
C GLN G 76 9.75 -2.24 -9.78
N PRO G 77 8.56 -2.65 -10.22
CA PRO G 77 8.27 -4.08 -10.34
C PRO G 77 8.94 -4.67 -11.57
N CYS G 78 9.86 -5.61 -11.35
CA CYS G 78 10.47 -6.36 -12.43
C CYS G 78 9.65 -7.61 -12.75
N ALA G 79 9.53 -7.92 -14.03
CA ALA G 79 8.73 -9.03 -14.50
C ALA G 79 9.52 -9.92 -15.47
N PHE G 80 9.17 -11.20 -15.44
CA PHE G 80 9.69 -12.20 -16.36
C PHE G 80 8.53 -12.98 -16.93
N ILE G 81 8.62 -13.33 -18.21
CA ILE G 81 7.57 -14.06 -18.91
C ILE G 81 8.16 -15.35 -19.48
N GLY G 82 7.39 -16.42 -19.39
CA GLY G 82 7.86 -17.71 -19.88
C GLY G 82 6.71 -18.65 -20.18
N ILE G 83 7.05 -19.77 -20.78
CA ILE G 83 6.10 -20.85 -21.05
C ILE G 83 6.11 -21.80 -19.86
N GLY G 84 4.92 -22.21 -19.44
CA GLY G 84 4.78 -22.87 -18.15
C GLY G 84 5.39 -24.26 -18.14
N ASN G 85 6.24 -24.52 -17.15
CA ASN G 85 6.98 -25.77 -17.00
C ASN G 85 7.68 -26.18 -18.30
N SER G 86 8.44 -25.25 -18.86
CA SER G 86 9.21 -25.48 -20.07
C SER G 86 10.65 -25.09 -19.80
N ASP G 87 11.59 -25.89 -20.31
CA ASP G 87 13.00 -25.57 -20.06
C ASP G 87 13.52 -24.56 -21.07
N GLN G 88 12.78 -23.46 -21.23
CA GLN G 88 13.21 -22.32 -22.01
C GLN G 88 13.50 -21.17 -21.05
N GLU G 89 14.56 -20.41 -21.34
CA GLU G 89 14.90 -19.27 -20.51
C GLU G 89 13.74 -18.28 -20.50
N MET G 90 13.44 -17.72 -19.34
CA MET G 90 12.31 -16.81 -19.22
C MET G 90 12.76 -15.41 -19.64
N GLN G 91 12.09 -14.87 -20.66
CA GLN G 91 12.44 -13.56 -21.19
C GLN G 91 12.06 -12.45 -20.21
N GLN G 92 12.78 -11.34 -20.31
CA GLN G 92 12.61 -10.22 -19.41
C GLN G 92 11.57 -9.26 -19.96
N LEU G 93 10.78 -8.66 -19.07
CA LEU G 93 9.80 -7.66 -19.45
C LEU G 93 10.16 -6.35 -18.79
N ASN G 94 10.15 -5.26 -19.56
CA ASN G 94 10.58 -3.97 -19.08
C ASN G 94 9.37 -3.09 -18.81
N LEU G 95 9.33 -2.49 -17.62
CA LEU G 95 8.26 -1.57 -17.24
C LEU G 95 8.85 -0.27 -16.70
N GLU G 96 9.81 0.28 -17.43
CA GLU G 96 10.45 1.53 -17.03
C GLU G 96 9.50 2.70 -17.30
N GLY G 97 8.85 3.18 -16.24
CA GLY G 97 7.92 4.30 -16.35
C GLY G 97 6.76 4.07 -17.30
N LYS G 98 6.44 2.83 -17.60
CA LYS G 98 5.35 2.48 -18.50
C LYS G 98 4.22 1.82 -17.71
N ASN G 99 3.04 1.80 -18.33
CA ASN G 99 1.87 1.19 -17.72
C ASN G 99 1.62 -0.23 -18.23
N TYR G 100 2.43 -0.70 -19.17
CA TYR G 100 2.22 -2.01 -19.79
C TYR G 100 3.51 -2.39 -20.53
N CYS G 101 3.52 -3.60 -21.08
CA CYS G 101 4.59 -4.06 -21.96
C CYS G 101 4.10 -5.27 -22.72
N THR G 102 4.71 -5.50 -23.88
CA THR G 102 4.36 -6.60 -24.75
C THR G 102 5.59 -7.47 -25.00
N ALA G 103 5.37 -8.79 -24.98
CA ALA G 103 6.43 -9.77 -25.24
C ALA G 103 6.23 -10.31 -26.65
N LYS G 104 6.97 -9.76 -27.60
CA LYS G 104 6.81 -10.10 -29.02
C LYS G 104 7.88 -11.07 -29.51
N THR G 105 8.72 -11.58 -28.62
CA THR G 105 9.82 -12.47 -29.00
C THR G 105 9.66 -13.84 -28.35
N LEU G 106 8.44 -14.36 -28.36
CA LEU G 106 8.14 -15.67 -27.79
C LEU G 106 7.94 -16.68 -28.91
N TYR G 107 8.37 -17.92 -28.65
CA TYR G 107 8.27 -18.98 -29.65
C TYR G 107 8.01 -20.30 -28.95
N ILE G 108 7.39 -21.23 -29.67
CA ILE G 108 7.11 -22.56 -29.16
C ILE G 108 7.69 -23.57 -30.14
N SER G 109 8.67 -24.35 -29.68
CA SER G 109 9.33 -25.34 -30.51
C SER G 109 8.57 -26.67 -30.47
N ASP G 110 8.85 -27.51 -31.47
CA ASP G 110 8.23 -28.83 -31.53
C ASP G 110 8.74 -29.76 -30.44
N SER G 111 9.79 -29.36 -29.70
CA SER G 111 10.29 -30.19 -28.61
C SER G 111 9.28 -30.31 -27.47
N ASP G 112 8.32 -29.39 -27.38
CA ASP G 112 7.25 -29.46 -26.39
C ASP G 112 5.98 -29.89 -27.12
N LYS G 113 5.55 -31.13 -26.89
CA LYS G 113 4.42 -31.71 -27.60
C LYS G 113 3.10 -31.55 -26.86
N ARG G 114 3.00 -30.55 -25.97
CA ARG G 114 1.75 -30.33 -25.27
C ARG G 114 0.71 -29.75 -26.21
N LYS G 115 -0.54 -30.20 -26.05
CA LYS G 115 -1.64 -29.68 -26.86
C LYS G 115 -2.07 -28.30 -26.38
N HIS G 116 -2.14 -28.08 -25.07
CA HIS G 116 -2.47 -26.81 -24.49
C HIS G 116 -1.34 -26.34 -23.60
N PHE G 117 -1.30 -25.03 -23.32
CA PHE G 117 -0.34 -24.50 -22.37
C PHE G 117 -0.90 -23.22 -21.76
N MET G 118 -0.09 -22.56 -20.94
CA MET G 118 -0.47 -21.29 -20.35
C MET G 118 0.77 -20.47 -20.03
N LEU G 119 0.66 -19.16 -20.22
CA LEU G 119 1.79 -18.27 -19.98
C LEU G 119 2.01 -18.09 -18.48
N SER G 120 3.27 -18.00 -18.09
CA SER G 120 3.65 -17.76 -16.70
C SER G 120 4.38 -16.44 -16.60
N VAL G 121 4.02 -15.65 -15.59
CA VAL G 121 4.59 -14.31 -15.40
C VAL G 121 5.06 -14.22 -13.96
N LYS G 122 6.38 -14.18 -13.77
CA LYS G 122 6.97 -13.93 -12.47
C LYS G 122 7.08 -12.43 -12.24
N MET G 123 6.74 -11.98 -11.03
CA MET G 123 6.76 -10.57 -10.71
C MET G 123 7.37 -10.40 -9.33
N PHE G 124 8.31 -9.47 -9.21
CA PHE G 124 8.88 -9.15 -7.90
C PHE G 124 9.41 -7.72 -7.93
N TYR G 125 9.46 -7.11 -6.75
CA TYR G 125 9.92 -5.73 -6.67
C TYR G 125 11.44 -5.66 -6.72
N GLY G 126 11.95 -4.45 -6.94
CA GLY G 126 13.40 -4.28 -7.06
C GLY G 126 14.15 -4.61 -5.79
N ASN G 127 13.51 -4.44 -4.63
CA ASN G 127 14.12 -4.75 -3.34
C ASN G 127 13.95 -6.21 -2.94
N SER G 128 13.92 -7.12 -3.92
CA SER G 128 13.84 -8.57 -3.75
C SER G 128 12.52 -9.03 -3.15
N ASP G 129 11.59 -8.13 -2.85
CA ASP G 129 10.29 -8.53 -2.33
C ASP G 129 9.47 -9.16 -3.46
N ASP G 130 9.03 -10.39 -3.25
CA ASP G 130 8.34 -11.14 -4.28
C ASP G 130 6.87 -10.73 -4.36
N ILE G 131 6.36 -10.67 -5.59
CA ILE G 131 4.93 -10.45 -5.82
C ILE G 131 4.28 -11.80 -6.06
N GLY G 132 4.80 -12.55 -7.03
CA GLY G 132 4.36 -13.91 -7.23
C GLY G 132 4.30 -14.29 -8.69
N VAL G 133 3.69 -15.44 -8.95
CA VAL G 133 3.60 -16.02 -10.28
C VAL G 133 2.14 -15.97 -10.70
N PHE G 134 1.86 -15.26 -11.78
CA PHE G 134 0.52 -15.14 -12.34
C PHE G 134 0.43 -15.89 -13.66
N LEU G 135 -0.67 -16.63 -13.84
CA LEU G 135 -0.89 -17.44 -15.02
C LEU G 135 -2.06 -16.90 -15.83
N SER G 136 -2.00 -17.06 -17.14
CA SER G 136 -3.05 -16.63 -18.04
C SER G 136 -3.93 -17.81 -18.41
N LYS G 137 -5.00 -17.53 -19.17
CA LYS G 137 -5.89 -18.57 -19.62
C LYS G 137 -5.18 -19.49 -20.61
N ARG G 138 -5.80 -20.63 -20.88
CA ARG G 138 -5.17 -21.66 -21.69
C ARG G 138 -5.03 -21.21 -23.15
N ILE G 139 -3.96 -21.66 -23.78
CA ILE G 139 -3.70 -21.39 -25.19
C ILE G 139 -3.55 -22.73 -25.90
N LYS G 140 -4.19 -22.85 -27.06
CA LYS G 140 -4.21 -24.08 -27.83
C LYS G 140 -3.12 -24.04 -28.90
N VAL G 141 -2.40 -25.15 -29.04
CA VAL G 141 -1.36 -25.26 -30.06
C VAL G 141 -2.00 -25.71 -31.36
N ILE G 142 -1.52 -25.14 -32.47
CA ILE G 142 -2.03 -25.47 -33.80
C ILE G 142 -0.87 -25.56 -34.76
N SER G 143 -1.00 -26.43 -35.76
CA SER G 143 0.03 -26.56 -36.78
C SER G 143 -0.19 -25.57 -37.92
N LYS G 144 -1.42 -25.50 -38.45
CA LYS G 144 -1.79 -24.61 -39.54
C LYS G 144 -3.27 -24.31 -39.43
N PRO G 145 -3.70 -23.09 -39.76
CA PRO G 145 -5.13 -22.77 -39.68
C PRO G 145 -5.95 -23.62 -40.62
N SER G 146 -7.15 -24.01 -40.15
CA SER G 146 -8.06 -24.85 -40.92
C SER G 146 -8.74 -23.99 -41.98
N LYS G 147 -8.00 -23.72 -43.05
CA LYS G 147 -8.51 -22.86 -44.12
C LYS G 147 -9.43 -23.61 -45.08
N LYS G 148 -9.50 -24.93 -45.00
CA LYS G 148 -10.37 -25.71 -45.87
C LYS G 148 -11.84 -25.44 -45.54
N LYS G 149 -12.72 -26.14 -46.25
CA LYS G 149 -14.17 -25.94 -46.13
C LYS G 149 -14.68 -26.66 -44.89
N GLN G 150 -14.41 -26.06 -43.73
CA GLN G 150 -14.94 -26.59 -42.48
C GLN G 150 -16.45 -26.37 -42.39
N SER G 151 -17.04 -26.92 -41.33
CA SER G 151 -18.46 -26.81 -41.06
C SER G 151 -18.66 -26.75 -39.56
N LEU G 152 -19.93 -26.74 -39.13
CA LEU G 152 -20.24 -26.57 -37.72
C LEU G 152 -19.95 -27.83 -36.91
N LYS G 153 -19.78 -28.97 -37.59
CA LYS G 153 -19.57 -30.23 -36.88
C LYS G 153 -18.29 -30.18 -36.04
N ASN G 154 -17.26 -29.49 -36.52
CA ASN G 154 -15.97 -29.42 -35.84
C ASN G 154 -15.93 -28.14 -35.00
N ALA G 155 -16.58 -28.22 -33.86
CA ALA G 155 -16.70 -27.14 -32.89
C ALA G 155 -15.42 -27.00 -32.06
N ASP G 156 -15.30 -25.83 -31.43
CA ASP G 156 -14.25 -25.37 -30.53
C ASP G 156 -13.02 -24.88 -31.28
N LEU G 157 -13.01 -24.87 -32.60
CA LEU G 157 -11.92 -24.26 -33.34
C LEU G 157 -12.38 -22.99 -34.04
N CYS G 158 -13.62 -22.58 -33.84
CA CYS G 158 -14.17 -21.36 -34.41
C CYS G 158 -14.21 -20.25 -33.37
N ILE G 159 -14.80 -19.12 -33.75
CA ILE G 159 -14.96 -17.96 -32.89
C ILE G 159 -16.44 -17.87 -32.53
N ALA G 160 -16.74 -17.69 -31.25
CA ALA G 160 -18.11 -17.55 -30.80
C ALA G 160 -18.54 -16.09 -30.82
N SER G 161 -19.77 -15.85 -31.24
CA SER G 161 -20.32 -14.50 -31.29
C SER G 161 -20.41 -13.91 -29.88
N GLY G 162 -19.72 -12.80 -29.66
CA GLY G 162 -19.65 -12.20 -28.34
C GLY G 162 -18.36 -12.45 -27.59
N THR G 163 -17.29 -12.83 -28.29
CA THR G 163 -16.00 -13.10 -27.68
C THR G 163 -14.99 -12.04 -28.09
N LYS G 164 -14.04 -11.77 -27.21
CA LYS G 164 -12.99 -10.79 -27.49
C LYS G 164 -12.06 -11.34 -28.58
N VAL G 165 -11.95 -10.62 -29.68
CA VAL G 165 -11.07 -11.02 -30.78
C VAL G 165 -10.10 -9.88 -31.06
N ALA G 166 -9.15 -10.16 -31.96
CA ALA G 166 -8.15 -9.19 -32.36
C ALA G 166 -7.86 -9.39 -33.84
N LEU G 167 -7.42 -8.31 -34.48
CA LEU G 167 -7.20 -8.27 -35.91
C LEU G 167 -5.88 -7.59 -36.17
N PHE G 168 -5.10 -8.12 -37.12
CA PHE G 168 -3.81 -7.50 -37.44
C PHE G 168 -3.54 -7.64 -38.93
N ASN G 169 -2.42 -7.06 -39.36
CA ASN G 169 -2.01 -7.05 -40.76
C ASN G 169 -0.52 -7.34 -40.85
N ARG G 170 -0.11 -7.84 -42.02
CA ARG G 170 1.30 -8.13 -42.28
C ARG G 170 1.59 -7.79 -43.73
N LEU G 171 2.46 -6.82 -43.96
CA LEU G 171 2.72 -6.30 -45.30
C LEU G 171 3.84 -7.10 -45.95
N ARG G 172 3.47 -7.99 -46.87
CA ARG G 172 4.41 -8.73 -47.71
C ARG G 172 5.39 -9.57 -46.90
N SER G 173 4.83 -10.35 -45.95
CA SER G 173 5.60 -11.33 -45.18
C SER G 173 6.77 -10.70 -44.43
N GLN G 174 6.57 -9.48 -43.94
CA GLN G 174 7.57 -8.78 -43.15
C GLN G 174 7.15 -8.79 -41.68
N THR G 175 8.09 -9.14 -40.80
CA THR G 175 7.77 -9.23 -39.38
C THR G 175 7.58 -7.86 -38.75
N VAL G 176 8.41 -6.89 -39.12
CA VAL G 176 8.31 -5.56 -38.53
C VAL G 176 7.14 -4.76 -39.08
N SER G 177 6.55 -5.20 -40.19
CA SER G 177 5.42 -4.49 -40.78
C SER G 177 4.09 -4.80 -40.09
N THR G 178 4.10 -5.60 -39.04
CA THR G 178 2.88 -5.97 -38.34
C THR G 178 2.34 -4.76 -37.59
N ARG G 179 1.18 -4.26 -38.00
CA ARG G 179 0.50 -3.14 -37.35
C ARG G 179 -0.84 -3.63 -36.83
N TYR G 180 -1.01 -3.57 -35.51
CA TYR G 180 -2.19 -4.13 -34.86
C TYR G 180 -3.30 -3.08 -34.77
N LEU G 181 -4.53 -3.57 -34.69
CA LEU G 181 -5.69 -2.68 -34.58
C LEU G 181 -5.87 -2.26 -33.13
N HIS G 182 -5.99 -0.96 -32.91
CA HIS G 182 -6.12 -0.38 -31.58
C HIS G 182 -7.13 0.75 -31.63
N VAL G 183 -7.63 1.14 -30.46
CA VAL G 183 -8.53 2.28 -30.34
C VAL G 183 -8.04 3.16 -29.21
N GLU G 184 -7.87 4.46 -29.49
CA GLU G 184 -7.43 5.42 -28.49
C GLU G 184 -7.92 6.81 -28.86
N GLY G 185 -8.29 7.58 -27.84
CA GLY G 185 -8.77 8.94 -28.06
C GLY G 185 -9.98 9.02 -28.96
N GLY G 186 -10.86 8.02 -28.91
CA GLY G 186 -11.99 7.99 -29.82
C GLY G 186 -11.60 7.84 -31.27
N ASN G 187 -10.42 7.31 -31.55
CA ASN G 187 -9.92 7.17 -32.91
C ASN G 187 -9.31 5.79 -33.08
N PHE G 188 -9.58 5.18 -34.23
CA PHE G 188 -9.07 3.84 -34.52
C PHE G 188 -7.64 3.97 -35.05
N HIS G 189 -6.70 3.49 -34.27
CA HIS G 189 -5.27 3.55 -34.56
C HIS G 189 -4.78 2.22 -35.08
N ALA G 190 -3.71 2.26 -35.87
CA ALA G 190 -3.03 1.05 -36.31
C ALA G 190 -1.69 0.93 -35.61
N SER G 191 -1.70 1.06 -34.29
CA SER G 191 -0.47 1.11 -33.52
C SER G 191 0.27 -0.22 -33.60
N SER G 192 1.56 -0.16 -33.92
CA SER G 192 2.42 -1.33 -33.95
C SER G 192 2.95 -1.70 -32.58
N GLN G 193 2.32 -1.19 -31.52
CA GLN G 193 2.74 -1.46 -30.15
C GLN G 193 1.58 -1.84 -29.23
N GLN G 194 0.35 -1.46 -29.55
CA GLN G 194 -0.81 -1.76 -28.72
C GLN G 194 -1.90 -2.41 -29.56
N TRP G 195 -2.82 -3.09 -28.88
CA TRP G 195 -4.00 -3.68 -29.51
C TRP G 195 -5.00 -3.99 -28.41
N GLY G 196 -6.29 -3.78 -28.71
CA GLY G 196 -7.35 -4.02 -27.78
C GLY G 196 -8.18 -5.25 -28.10
N ALA G 197 -9.13 -5.53 -27.21
CA ALA G 197 -10.08 -6.61 -27.39
C ALA G 197 -11.34 -6.11 -28.08
N PHE G 198 -11.76 -6.83 -29.12
CA PHE G 198 -12.90 -6.41 -29.95
C PHE G 198 -14.00 -7.47 -29.85
N PHE G 199 -15.13 -7.09 -29.28
CA PHE G 199 -16.33 -7.92 -29.39
C PHE G 199 -16.81 -7.92 -30.84
N ILE G 200 -17.23 -9.08 -31.32
CA ILE G 200 -17.79 -9.22 -32.66
C ILE G 200 -19.18 -9.81 -32.52
N HIS G 201 -20.19 -9.04 -32.90
CA HIS G 201 -21.59 -9.40 -32.74
C HIS G 201 -22.22 -9.65 -34.11
N LEU G 202 -22.83 -10.82 -34.27
CA LEU G 202 -23.59 -11.11 -35.48
C LEU G 202 -24.89 -10.33 -35.46
N LEU G 203 -25.16 -9.58 -36.54
CA LEU G 203 -26.35 -8.77 -36.64
C LEU G 203 -27.22 -9.28 -37.79
N ASP G 204 -28.53 -9.07 -37.65
CA ASP G 204 -29.45 -9.44 -38.71
C ASP G 204 -29.22 -8.54 -39.92
N ASP G 205 -29.57 -9.06 -41.11
CA ASP G 205 -29.34 -8.34 -42.35
C ASP G 205 -30.08 -7.01 -42.39
N ASP G 206 -31.24 -6.91 -41.75
CA ASP G 206 -32.03 -5.69 -41.80
C ASP G 206 -31.88 -4.87 -40.52
N GLU G 207 -30.67 -4.32 -40.35
CA GLU G 207 -30.40 -3.37 -39.26
C GLU G 207 -29.30 -2.45 -39.73
N SER G 208 -29.60 -1.16 -39.90
CA SER G 208 -28.63 -0.21 -40.44
C SER G 208 -28.18 0.85 -39.44
N GLU G 209 -28.92 1.07 -38.35
CA GLU G 209 -28.57 2.13 -37.41
C GLU G 209 -27.29 1.78 -36.66
N GLY G 210 -26.49 2.80 -36.36
CA GLY G 210 -25.20 2.62 -35.72
C GLY G 210 -25.25 1.98 -34.34
N GLU G 211 -26.01 2.58 -33.43
CA GLU G 211 -26.13 2.08 -32.07
C GLU G 211 -27.50 1.46 -31.85
N GLU G 212 -27.64 0.79 -30.70
CA GLU G 212 -28.89 0.17 -30.27
C GLU G 212 -29.33 -0.91 -31.26
N PHE G 213 -28.37 -1.71 -31.72
CA PHE G 213 -28.63 -2.74 -32.71
C PHE G 213 -29.11 -4.02 -32.02
N THR G 214 -29.73 -4.90 -32.81
CA THR G 214 -30.21 -6.18 -32.29
C THR G 214 -29.14 -7.23 -32.52
N VAL G 215 -28.45 -7.64 -31.44
CA VAL G 215 -27.42 -8.66 -31.55
C VAL G 215 -28.06 -10.01 -31.81
N ARG G 216 -27.26 -10.94 -32.31
CA ARG G 216 -27.71 -12.28 -32.60
C ARG G 216 -26.62 -13.28 -32.21
N ASP G 217 -27.03 -14.44 -31.71
CA ASP G 217 -26.11 -15.47 -31.26
C ASP G 217 -25.89 -16.49 -32.36
N GLY G 218 -24.94 -17.39 -32.12
CA GLY G 218 -24.58 -18.41 -33.09
C GLY G 218 -23.19 -18.17 -33.67
N TYR G 219 -22.60 -19.25 -34.17
CA TYR G 219 -21.27 -19.18 -34.74
C TYR G 219 -21.26 -18.33 -36.01
N ILE G 220 -20.13 -17.70 -36.28
CA ILE G 220 -19.99 -16.70 -37.33
C ILE G 220 -19.45 -17.38 -38.58
N HIS G 221 -20.12 -17.14 -39.72
CA HIS G 221 -19.68 -17.61 -41.02
C HIS G 221 -19.33 -16.41 -41.89
N TYR G 222 -18.83 -16.70 -43.09
CA TYR G 222 -18.53 -15.62 -44.04
C TYR G 222 -19.82 -15.14 -44.71
N GLY G 223 -19.73 -13.98 -45.36
CA GLY G 223 -20.87 -13.38 -46.01
C GLY G 223 -21.95 -12.86 -45.08
N GLN G 224 -21.75 -12.94 -43.77
CA GLN G 224 -22.71 -12.44 -42.79
C GLN G 224 -22.41 -10.99 -42.45
N THR G 225 -23.27 -10.39 -41.62
CA THR G 225 -23.09 -9.03 -41.15
C THR G 225 -22.68 -9.08 -39.68
N VAL G 226 -21.52 -8.49 -39.37
CA VAL G 226 -21.00 -8.45 -38.02
C VAL G 226 -20.73 -7.01 -37.63
N LYS G 227 -20.54 -6.79 -36.33
CA LYS G 227 -20.21 -5.47 -35.81
C LYS G 227 -19.13 -5.60 -34.75
N LEU G 228 -18.13 -4.72 -34.83
CA LEU G 228 -16.99 -4.73 -33.93
C LEU G 228 -17.14 -3.63 -32.90
N VAL G 229 -16.87 -3.96 -31.63
CA VAL G 229 -17.00 -3.02 -30.51
C VAL G 229 -15.78 -3.17 -29.63
N CYS G 230 -15.05 -2.08 -29.40
CA CYS G 230 -13.90 -2.12 -28.51
C CYS G 230 -14.34 -2.39 -27.08
N SER G 231 -13.51 -3.15 -26.35
CA SER G 231 -13.89 -3.57 -25.00
C SER G 231 -13.71 -2.46 -23.98
N VAL G 232 -12.65 -1.65 -24.12
CA VAL G 232 -12.32 -0.64 -23.14
C VAL G 232 -12.84 0.74 -23.54
N THR G 233 -12.56 1.16 -24.77
CA THR G 233 -12.96 2.51 -25.19
C THR G 233 -14.45 2.59 -25.46
N GLY G 234 -15.02 1.55 -26.07
CA GLY G 234 -16.40 1.55 -26.49
C GLY G 234 -16.64 2.13 -27.86
N MET G 235 -15.61 2.69 -28.50
CA MET G 235 -15.75 3.22 -29.86
C MET G 235 -15.90 2.05 -30.82
N ALA G 236 -17.12 1.83 -31.30
CA ALA G 236 -17.42 0.71 -32.17
C ALA G 236 -17.25 1.09 -33.64
N LEU G 237 -17.15 0.08 -34.47
CA LEU G 237 -17.15 0.29 -35.91
C LEU G 237 -18.51 -0.05 -36.48
N PRO G 238 -18.90 0.56 -37.60
CA PRO G 238 -20.17 0.21 -38.25
C PRO G 238 -20.15 -1.24 -38.71
N ARG G 239 -21.32 -1.69 -39.17
CA ARG G 239 -21.48 -3.09 -39.57
C ARG G 239 -20.52 -3.45 -40.70
N LEU G 240 -19.99 -4.67 -40.64
CA LEU G 240 -19.06 -5.18 -41.63
C LEU G 240 -19.52 -6.56 -42.09
N ILE G 241 -19.01 -6.95 -43.25
CA ILE G 241 -19.30 -8.24 -43.85
C ILE G 241 -17.97 -8.94 -44.07
N ILE G 242 -17.78 -10.08 -43.40
CA ILE G 242 -16.55 -10.85 -43.49
C ILE G 242 -16.54 -11.64 -44.78
N ARG G 243 -15.41 -11.61 -45.48
CA ARG G 243 -15.24 -12.33 -46.74
C ARG G 243 -13.88 -13.03 -46.71
N LYS G 244 -13.89 -14.33 -46.92
CA LYS G 244 -12.64 -15.08 -46.94
C LYS G 244 -11.84 -14.72 -48.19
N VAL G 245 -10.57 -14.38 -48.01
CA VAL G 245 -9.71 -13.99 -49.11
C VAL G 245 -8.43 -14.81 -49.05
N ASP G 246 -7.72 -14.83 -50.18
CA ASP G 246 -6.42 -15.48 -50.30
C ASP G 246 -5.78 -14.99 -51.59
N LYS G 247 -4.49 -14.65 -51.50
CA LYS G 247 -3.73 -14.09 -52.61
C LYS G 247 -4.40 -12.82 -53.14
N GLN G 248 -4.53 -11.84 -52.23
CA GLN G 248 -5.11 -10.52 -52.51
C GLN G 248 -6.30 -10.56 -53.46
N THR G 249 -7.21 -11.50 -53.20
CA THR G 249 -8.42 -11.65 -54.01
C THR G 249 -9.60 -11.92 -53.09
N ALA G 250 -10.64 -11.09 -53.18
CA ALA G 250 -11.82 -11.21 -52.33
C ALA G 250 -12.86 -12.10 -52.99
N LEU G 251 -13.45 -13.00 -52.21
CA LEU G 251 -14.49 -13.90 -52.66
C LEU G 251 -15.80 -13.53 -51.98
N LEU G 252 -16.86 -13.34 -52.77
CA LEU G 252 -18.14 -12.89 -52.23
C LEU G 252 -19.11 -14.04 -52.02
N ASP G 253 -19.26 -14.93 -53.00
CA ASP G 253 -20.18 -16.07 -52.89
C ASP G 253 -19.52 -17.15 -52.02
N ALA G 254 -19.56 -16.93 -50.71
CA ALA G 254 -18.97 -17.87 -49.77
C ALA G 254 -19.75 -17.83 -48.46
N ASP G 255 -20.22 -18.99 -48.02
CA ASP G 255 -20.95 -19.13 -46.75
C ASP G 255 -20.16 -19.94 -45.74
N ASP G 256 -18.85 -20.08 -45.94
CA ASP G 256 -18.05 -20.92 -45.07
C ASP G 256 -17.91 -20.29 -43.68
N PRO G 257 -17.71 -21.11 -42.64
CA PRO G 257 -17.50 -20.54 -41.31
C PRO G 257 -16.13 -19.91 -41.16
N VAL G 258 -16.04 -18.95 -40.25
CA VAL G 258 -14.80 -18.21 -40.00
C VAL G 258 -14.06 -18.94 -38.88
N SER G 259 -13.10 -19.79 -39.25
CA SER G 259 -12.29 -20.51 -38.27
C SER G 259 -11.20 -19.57 -37.75
N GLN G 260 -10.21 -20.14 -37.05
CA GLN G 260 -9.17 -19.33 -36.42
C GLN G 260 -8.03 -19.06 -37.40
N LEU G 261 -7.34 -17.93 -37.16
CA LEU G 261 -6.17 -17.54 -37.93
C LEU G 261 -6.48 -17.46 -39.42
N HIS G 262 -7.55 -16.73 -39.74
CA HIS G 262 -8.00 -16.57 -41.11
C HIS G 262 -7.62 -15.18 -41.63
N LYS G 263 -7.15 -15.16 -42.88
CA LYS G 263 -6.88 -13.93 -43.61
C LYS G 263 -8.19 -13.50 -44.27
N CYS G 264 -9.00 -12.74 -43.55
CA CYS G 264 -10.28 -12.27 -44.04
C CYS G 264 -10.19 -10.81 -44.46
N ALA G 265 -11.27 -10.34 -45.10
CA ALA G 265 -11.41 -8.95 -45.48
C ALA G 265 -12.81 -8.48 -45.11
N PHE G 266 -12.94 -7.19 -44.84
CA PHE G 266 -14.17 -6.60 -44.36
C PHE G 266 -14.77 -5.67 -45.40
N TYR G 267 -16.07 -5.82 -45.64
CA TYR G 267 -16.81 -5.05 -46.61
C TYR G 267 -17.86 -4.23 -45.86
N LEU G 268 -18.08 -2.99 -46.30
CA LEU G 268 -18.99 -2.12 -45.58
C LEU G 268 -20.44 -2.31 -46.04
N LYS G 269 -21.35 -2.32 -45.07
CA LYS G 269 -22.76 -2.59 -45.33
C LYS G 269 -23.39 -1.49 -46.17
N ASP G 270 -24.17 -1.89 -47.17
CA ASP G 270 -24.88 -0.95 -48.07
C ASP G 270 -23.90 0.05 -48.68
N THR G 271 -22.72 -0.43 -49.02
CA THR G 271 -21.62 0.39 -49.51
C THR G 271 -21.10 -0.17 -50.82
N GLU G 272 -20.95 0.69 -51.83
CA GLU G 272 -20.41 0.25 -53.11
C GLU G 272 -18.88 0.23 -53.01
N ARG G 273 -18.29 -0.91 -53.30
CA ARG G 273 -16.83 -1.12 -53.23
C ARG G 273 -16.42 -0.86 -51.78
N MET G 274 -15.33 -0.14 -51.57
CA MET G 274 -14.93 0.45 -50.30
C MET G 274 -14.83 -0.60 -49.20
N TYR G 275 -13.70 -1.31 -49.15
CA TYR G 275 -13.43 -2.25 -48.08
C TYR G 275 -12.50 -1.58 -47.10
N LEU G 276 -12.66 -1.92 -45.83
CA LEU G 276 -11.84 -1.33 -44.78
C LEU G 276 -10.42 -1.85 -44.92
N CYS G 277 -9.50 -0.99 -45.35
CA CYS G 277 -8.11 -1.37 -45.57
C CYS G 277 -7.18 -0.55 -44.68
N LEU G 278 -5.90 -0.90 -44.73
CA LEU G 278 -4.86 -0.21 -43.99
C LEU G 278 -3.88 0.34 -45.01
N SER G 279 -3.79 1.66 -45.11
CA SER G 279 -2.86 2.35 -46.00
C SER G 279 -1.98 3.30 -45.20
N GLN G 280 -0.67 3.19 -45.40
CA GLN G 280 0.30 4.14 -44.85
C GLN G 280 0.15 4.35 -43.35
N GLU G 281 0.20 3.24 -42.61
CA GLU G 281 0.12 3.25 -41.16
C GLU G 281 -1.27 3.60 -40.62
N ARG G 282 -2.17 4.11 -41.46
CA ARG G 282 -3.47 4.50 -40.96
C ARG G 282 -4.58 3.68 -41.61
N ILE G 283 -5.72 3.61 -40.91
CA ILE G 283 -6.87 2.84 -41.38
C ILE G 283 -7.71 3.75 -42.26
N ILE G 284 -8.01 3.28 -43.48
CA ILE G 284 -8.77 4.05 -44.44
C ILE G 284 -9.64 3.07 -45.23
N GLN G 285 -10.78 3.56 -45.72
CA GLN G 285 -11.61 2.75 -46.62
C GLN G 285 -11.10 2.91 -48.04
N PHE G 286 -10.95 1.79 -48.74
CA PHE G 286 -10.35 1.76 -50.07
C PHE G 286 -11.36 1.21 -51.07
N GLN G 287 -11.23 1.61 -52.33
CA GLN G 287 -12.24 1.23 -53.32
C GLN G 287 -12.21 -0.26 -53.66
N ALA G 288 -11.12 -0.70 -54.29
CA ALA G 288 -10.99 -2.07 -54.80
C ALA G 288 -12.12 -2.37 -55.80
N THR G 289 -12.04 -1.66 -56.92
CA THR G 289 -13.02 -1.68 -58.00
C THR G 289 -12.93 -2.91 -58.91
N PRO G 290 -11.74 -3.28 -59.42
CA PRO G 290 -11.68 -4.27 -60.50
C PRO G 290 -12.30 -5.60 -60.11
N CYS G 291 -13.12 -6.14 -61.03
CA CYS G 291 -13.74 -7.45 -60.86
C CYS G 291 -13.79 -8.16 -62.22
N PRO G 292 -12.63 -8.39 -62.85
CA PRO G 292 -12.64 -8.92 -64.22
C PRO G 292 -12.71 -10.44 -64.30
N LYS G 293 -12.15 -11.12 -63.31
CA LYS G 293 -12.08 -12.58 -63.37
C LYS G 293 -13.46 -13.21 -63.20
N GLU G 294 -14.21 -12.75 -62.21
CA GLU G 294 -15.55 -13.27 -61.95
C GLU G 294 -16.36 -12.17 -61.29
N PRO G 295 -17.68 -12.10 -61.55
CA PRO G 295 -18.51 -11.12 -60.84
C PRO G 295 -18.53 -11.31 -59.34
N ASN G 296 -18.23 -12.51 -58.84
CA ASN G 296 -18.18 -12.79 -57.41
C ASN G 296 -16.75 -12.74 -56.87
N LYS G 297 -15.84 -12.10 -57.59
CA LYS G 297 -14.44 -11.99 -57.18
C LYS G 297 -14.00 -10.55 -57.39
N GLU G 298 -13.68 -9.86 -56.29
CA GLU G 298 -13.27 -8.47 -56.32
C GLU G 298 -11.79 -8.40 -55.95
N MET G 299 -10.99 -7.81 -56.83
CA MET G 299 -9.55 -7.71 -56.61
C MET G 299 -9.27 -6.67 -55.53
N ILE G 300 -8.84 -7.13 -54.35
CA ILE G 300 -8.55 -6.25 -53.23
C ILE G 300 -7.04 -6.13 -53.10
N ASN G 301 -6.56 -4.90 -52.92
CA ASN G 301 -5.13 -4.64 -52.85
C ASN G 301 -4.55 -5.16 -51.53
N ASP G 302 -3.22 -5.15 -51.46
CA ASP G 302 -2.55 -5.55 -50.23
C ASP G 302 -2.80 -4.52 -49.13
N GLY G 303 -2.37 -4.87 -47.92
CA GLY G 303 -2.69 -4.08 -46.75
C GLY G 303 -4.12 -4.22 -46.28
N ALA G 304 -4.86 -5.19 -46.79
CA ALA G 304 -6.25 -5.40 -46.43
C ALA G 304 -6.55 -6.82 -45.98
N SER G 305 -5.59 -7.74 -46.08
CA SER G 305 -5.76 -9.13 -45.66
C SER G 305 -5.69 -9.18 -44.13
N TRP G 306 -6.75 -8.67 -43.51
CA TRP G 306 -6.83 -8.63 -42.05
C TRP G 306 -6.91 -10.04 -41.48
N THR G 307 -5.92 -10.41 -40.68
CA THR G 307 -5.90 -11.73 -40.06
C THR G 307 -6.57 -11.64 -38.70
N ILE G 308 -7.51 -12.56 -38.46
CA ILE G 308 -8.37 -12.57 -37.26
C ILE G 308 -7.88 -13.64 -36.30
N ILE G 309 -7.99 -13.36 -35.00
CA ILE G 309 -7.62 -14.34 -33.98
C ILE G 309 -8.30 -13.99 -32.65
N SER G 310 -8.91 -14.98 -32.00
CA SER G 310 -9.60 -14.72 -30.75
C SER G 310 -8.60 -14.46 -29.62
N THR G 311 -9.11 -13.86 -28.53
CA THR G 311 -8.26 -13.45 -27.42
C THR G 311 -9.07 -13.53 -26.12
N ASP G 312 -8.41 -13.97 -25.06
CA ASP G 312 -9.01 -14.07 -23.74
C ASP G 312 -8.47 -12.95 -22.85
N LYS G 313 -8.81 -13.01 -21.56
CA LYS G 313 -8.41 -11.97 -20.62
C LYS G 313 -8.29 -12.57 -19.23
N ALA G 314 -7.08 -12.56 -18.68
CA ALA G 314 -6.84 -12.99 -17.30
C ALA G 314 -6.72 -11.77 -16.40
N GLU G 315 -7.34 -11.84 -15.22
CA GLU G 315 -7.36 -10.72 -14.30
C GLU G 315 -7.20 -11.23 -12.88
N TYR G 316 -6.32 -10.58 -12.11
CA TYR G 316 -6.09 -10.94 -10.71
C TYR G 316 -5.93 -9.65 -9.92
N THR G 317 -6.89 -9.37 -9.04
CA THR G 317 -6.91 -8.14 -8.26
C THR G 317 -6.76 -8.46 -6.78
N PHE G 318 -6.06 -7.59 -6.06
CA PHE G 318 -5.81 -7.78 -4.64
C PHE G 318 -5.36 -6.44 -4.05
N TYR G 319 -5.03 -6.46 -2.77
CA TYR G 319 -4.59 -5.28 -2.04
C TYR G 319 -3.97 -5.73 -0.73
N GLU G 320 -3.07 -4.92 -0.19
CA GLU G 320 -2.40 -5.20 1.07
C GLU G 320 -3.05 -4.37 2.16
N GLY G 321 -4.07 -4.94 2.79
CA GLY G 321 -4.81 -4.26 3.84
C GLY G 321 -4.16 -4.27 5.20
N MET G 322 -3.17 -5.14 5.41
CA MET G 322 -2.45 -5.24 6.67
C MET G 322 -0.95 -5.11 6.43
N GLY G 323 -0.57 -4.24 5.50
CA GLY G 323 0.82 -4.04 5.18
C GLY G 323 1.39 -5.16 4.33
N PRO G 324 2.50 -4.90 3.66
CA PRO G 324 3.13 -5.96 2.85
C PRO G 324 3.60 -7.12 3.71
N VAL G 325 3.32 -8.33 3.24
CA VAL G 325 3.69 -9.54 3.95
C VAL G 325 4.69 -10.32 3.12
N LEU G 326 5.40 -11.24 3.80
CA LEU G 326 6.43 -12.04 3.13
C LEU G 326 5.82 -13.08 2.19
N ALA G 327 4.64 -13.59 2.51
CA ALA G 327 4.02 -14.62 1.69
C ALA G 327 3.64 -14.04 0.33
N PRO G 328 4.00 -14.71 -0.77
CA PRO G 328 3.63 -14.19 -2.09
C PRO G 328 2.13 -14.32 -2.34
N VAL G 329 1.61 -13.44 -3.17
CA VAL G 329 0.19 -13.43 -3.51
C VAL G 329 0.00 -14.20 -4.81
N THR G 330 0.78 -15.27 -5.00
CA THR G 330 0.70 -16.03 -6.23
C THR G 330 -0.58 -16.89 -6.35
N PRO G 331 -1.27 -17.25 -5.24
CA PRO G 331 -2.61 -17.82 -5.43
C PRO G 331 -3.68 -16.76 -5.29
N VAL G 332 -4.23 -16.31 -6.42
CA VAL G 332 -5.21 -15.23 -6.45
C VAL G 332 -6.59 -15.85 -6.69
N PRO G 333 -7.49 -15.83 -5.71
CA PRO G 333 -8.82 -16.40 -5.93
C PRO G 333 -9.66 -15.49 -6.83
N VAL G 334 -10.41 -16.11 -7.73
CA VAL G 334 -11.35 -15.40 -8.58
C VAL G 334 -12.73 -15.96 -8.35
N VAL G 335 -13.75 -15.12 -8.51
CA VAL G 335 -15.14 -15.48 -8.27
C VAL G 335 -15.90 -15.28 -9.57
N GLU G 336 -16.38 -16.38 -10.16
CA GLU G 336 -17.09 -16.28 -11.43
C GLU G 336 -18.55 -15.91 -11.21
N SER G 337 -19.18 -16.45 -10.17
CA SER G 337 -20.57 -16.14 -9.86
C SER G 337 -20.80 -16.39 -8.38
N LEU G 338 -21.92 -15.88 -7.88
CA LEU G 338 -22.29 -16.01 -6.48
C LEU G 338 -23.76 -16.40 -6.40
N GLN G 339 -24.03 -17.49 -5.69
CA GLN G 339 -25.38 -18.05 -5.60
C GLN G 339 -25.91 -17.97 -4.18
N LEU G 340 -27.16 -18.36 -4.02
CA LEU G 340 -27.85 -18.32 -2.74
C LEU G 340 -28.09 -19.74 -2.23
N ASN G 341 -28.21 -19.87 -0.90
CA ASN G 341 -28.38 -21.18 -0.27
C ASN G 341 -29.22 -20.98 1.00
N GLY G 342 -30.53 -20.93 0.82
CA GLY G 342 -31.45 -20.83 1.92
C GLY G 342 -31.94 -19.42 2.17
N GLY G 343 -32.57 -19.24 3.33
CA GLY G 343 -33.09 -17.95 3.72
C GLY G 343 -33.40 -17.94 5.20
N GLY G 344 -33.68 -16.74 5.70
CA GLY G 344 -34.01 -16.56 7.11
C GLY G 344 -32.82 -16.79 8.02
N ASP G 345 -32.95 -17.76 8.93
CA ASP G 345 -31.88 -18.07 9.88
C ASP G 345 -30.80 -18.95 9.28
N VAL G 346 -31.05 -19.59 8.14
CA VAL G 346 -30.05 -20.44 7.50
C VAL G 346 -29.66 -19.84 6.15
N ALA G 347 -29.56 -18.51 6.10
CA ALA G 347 -29.18 -17.81 4.87
C ALA G 347 -27.70 -18.02 4.63
N MET G 348 -27.37 -18.90 3.67
CA MET G 348 -26.00 -19.19 3.31
C MET G 348 -25.75 -18.80 1.87
N LEU G 349 -24.46 -18.64 1.53
CA LEU G 349 -24.03 -18.25 0.20
C LEU G 349 -23.00 -19.24 -0.32
N GLU G 350 -23.16 -19.61 -1.60
CA GLU G 350 -22.23 -20.47 -2.30
C GLU G 350 -21.42 -19.62 -3.27
N LEU G 351 -20.10 -19.74 -3.21
CA LEU G 351 -19.18 -18.98 -4.04
C LEU G 351 -18.49 -19.95 -4.98
N THR G 352 -18.71 -19.77 -6.29
CA THR G 352 -18.05 -20.55 -7.32
C THR G 352 -16.96 -19.69 -7.96
N GLY G 353 -15.73 -20.16 -7.88
CA GLY G 353 -14.60 -19.43 -8.43
C GLY G 353 -13.47 -20.37 -8.81
N GLN G 354 -12.25 -19.84 -8.71
CA GLN G 354 -11.04 -20.60 -8.98
C GLN G 354 -9.93 -20.14 -8.02
N ASN G 355 -8.99 -21.06 -7.77
CA ASN G 355 -7.80 -20.80 -6.95
C ASN G 355 -8.19 -20.46 -5.51
N PHE G 356 -9.24 -21.09 -5.01
CA PHE G 356 -9.61 -20.92 -3.61
C PHE G 356 -8.68 -21.73 -2.71
N THR G 357 -8.51 -21.25 -1.49
CA THR G 357 -7.70 -21.89 -0.48
C THR G 357 -8.48 -21.95 0.82
N PRO G 358 -8.30 -23.01 1.61
CA PRO G 358 -9.01 -23.10 2.89
C PRO G 358 -8.68 -21.94 3.82
N ASN G 359 -7.53 -21.28 3.62
CA ASN G 359 -7.15 -20.11 4.39
C ASN G 359 -7.83 -18.83 3.89
N LEU G 360 -9.13 -18.88 3.61
CA LEU G 360 -9.84 -17.71 3.10
C LEU G 360 -11.13 -17.53 3.86
N ARG G 361 -11.51 -16.27 4.10
CA ARG G 361 -12.76 -15.95 4.77
C ARG G 361 -13.46 -14.81 4.04
N VAL G 362 -14.77 -14.90 3.93
CA VAL G 362 -15.55 -13.88 3.24
C VAL G 362 -15.81 -12.71 4.17
N TRP G 363 -15.97 -11.53 3.58
CA TRP G 363 -16.27 -10.31 4.31
C TRP G 363 -17.43 -9.63 3.61
N PHE G 364 -18.58 -9.58 4.28
CA PHE G 364 -19.76 -8.86 3.80
C PHE G 364 -19.57 -7.38 4.15
N GLY G 365 -18.86 -6.67 3.29
CA GLY G 365 -18.51 -5.30 3.56
C GLY G 365 -17.41 -5.19 4.59
N ASP G 366 -17.77 -4.91 5.84
CA ASP G 366 -16.80 -4.79 6.93
C ASP G 366 -17.10 -5.78 8.05
N VAL G 367 -17.74 -6.90 7.74
CA VAL G 367 -18.11 -7.90 8.73
C VAL G 367 -17.53 -9.24 8.31
N GLU G 368 -16.80 -9.87 9.23
CA GLU G 368 -16.22 -11.18 8.99
C GLU G 368 -17.27 -12.26 9.25
N ALA G 369 -17.47 -13.14 8.28
CA ALA G 369 -18.51 -14.16 8.36
C ALA G 369 -17.88 -15.55 8.41
N GLU G 370 -18.63 -16.49 8.98
CA GLU G 370 -18.18 -17.88 9.04
C GLU G 370 -18.11 -18.46 7.63
N THR G 371 -16.99 -19.10 7.31
CA THR G 371 -16.73 -19.60 5.98
C THR G 371 -16.23 -21.04 6.05
N MET G 372 -16.72 -21.87 5.13
CA MET G 372 -16.28 -23.25 5.00
C MET G 372 -15.63 -23.46 3.64
N TYR G 373 -14.58 -24.25 3.61
CA TYR G 373 -13.87 -24.57 2.38
C TYR G 373 -14.38 -25.91 1.84
N ARG G 374 -15.18 -25.87 0.78
CA ARG G 374 -15.66 -27.09 0.16
C ARG G 374 -14.59 -27.67 -0.78
N CYS G 375 -14.18 -26.89 -1.78
CA CYS G 375 -13.13 -27.28 -2.70
C CYS G 375 -12.51 -26.03 -3.30
N GLY G 376 -11.40 -26.23 -4.01
CA GLY G 376 -10.64 -25.14 -4.60
C GLY G 376 -11.42 -24.24 -5.54
N GLU G 377 -12.65 -24.62 -5.89
CA GLU G 377 -13.50 -23.79 -6.75
C GLU G 377 -14.88 -23.55 -6.16
N SER G 378 -15.13 -23.97 -4.92
CA SER G 378 -16.44 -23.78 -4.31
C SER G 378 -16.29 -23.61 -2.81
N MET G 379 -16.91 -22.56 -2.27
CA MET G 379 -16.84 -22.30 -0.83
C MET G 379 -18.17 -21.79 -0.31
N LEU G 380 -18.55 -22.25 0.87
CA LEU G 380 -19.82 -21.85 1.49
C LEU G 380 -19.55 -20.88 2.64
N CYS G 381 -20.47 -19.95 2.83
CA CYS G 381 -20.36 -18.98 3.91
C CYS G 381 -21.74 -18.68 4.50
N VAL G 382 -21.75 -18.15 5.71
CA VAL G 382 -22.97 -17.83 6.44
C VAL G 382 -23.20 -16.33 6.36
N VAL G 383 -24.38 -15.94 5.89
CA VAL G 383 -24.73 -14.51 5.82
C VAL G 383 -24.96 -13.99 7.24
N PRO G 384 -24.31 -12.88 7.62
CA PRO G 384 -24.51 -12.35 8.97
C PRO G 384 -25.89 -11.72 9.12
N ASP G 385 -26.25 -11.46 10.38
CA ASP G 385 -27.54 -10.86 10.68
C ASP G 385 -27.58 -9.41 10.22
N ILE G 386 -28.79 -8.93 9.92
CA ILE G 386 -28.96 -7.54 9.52
C ILE G 386 -28.65 -6.58 10.65
N SER G 387 -28.67 -7.06 11.90
CA SER G 387 -28.37 -6.20 13.05
C SER G 387 -26.93 -5.70 13.02
N ALA G 388 -26.03 -6.42 12.36
CA ALA G 388 -24.64 -5.96 12.26
C ALA G 388 -24.51 -4.71 11.39
N PHE G 389 -25.47 -4.46 10.51
CA PHE G 389 -25.46 -3.26 9.66
C PHE G 389 -26.39 -2.19 10.19
N ARG G 390 -27.61 -2.56 10.58
CA ARG G 390 -28.59 -1.62 11.15
C ARG G 390 -28.97 -2.13 12.54
N GLU G 391 -28.60 -1.36 13.56
CA GLU G 391 -28.77 -1.81 14.94
C GLU G 391 -30.24 -1.93 15.32
N GLY G 392 -31.02 -0.87 15.10
CA GLY G 392 -32.41 -0.85 15.53
C GLY G 392 -33.31 -1.84 14.81
N TRP G 393 -32.88 -2.34 13.65
CA TRP G 393 -33.73 -3.21 12.85
C TRP G 393 -33.79 -4.60 13.46
N ARG G 394 -34.99 -5.03 13.84
CA ARG G 394 -35.21 -6.43 14.21
C ARG G 394 -35.32 -7.32 12.98
N TRP G 395 -35.62 -6.73 11.82
CA TRP G 395 -35.78 -7.45 10.58
C TRP G 395 -35.40 -6.51 9.44
N VAL G 396 -35.25 -7.08 8.24
CA VAL G 396 -34.83 -6.29 7.10
C VAL G 396 -35.98 -5.37 6.69
N ARG G 397 -35.76 -4.06 6.79
CA ARG G 397 -36.79 -3.08 6.49
C ARG G 397 -36.70 -2.57 5.06
N GLN G 398 -35.54 -2.10 4.64
CA GLN G 398 -35.35 -1.60 3.29
C GLN G 398 -34.10 -2.24 2.68
N PRO G 399 -34.05 -2.36 1.35
CA PRO G 399 -32.92 -3.05 0.72
C PRO G 399 -31.60 -2.37 1.00
N VAL G 400 -30.59 -3.18 1.36
CA VAL G 400 -29.25 -2.71 1.68
C VAL G 400 -28.27 -3.43 0.76
N GLN G 401 -27.46 -2.66 0.04
CA GLN G 401 -26.50 -3.20 -0.91
C GLN G 401 -25.10 -3.11 -0.30
N VAL G 402 -24.51 -4.25 0.02
CA VAL G 402 -23.19 -4.31 0.63
C VAL G 402 -22.20 -4.99 -0.32
N PRO G 403 -20.90 -4.76 -0.16
CA PRO G 403 -19.92 -5.48 -0.98
C PRO G 403 -19.46 -6.78 -0.33
N VAL G 404 -18.96 -7.68 -1.17
CA VAL G 404 -18.45 -8.97 -0.76
C VAL G 404 -16.98 -9.05 -1.15
N THR G 405 -16.13 -9.43 -0.19
CA THR G 405 -14.69 -9.51 -0.43
C THR G 405 -14.14 -10.78 0.21
N LEU G 406 -12.88 -11.07 -0.10
CA LEU G 406 -12.17 -12.24 0.42
C LEU G 406 -10.92 -11.80 1.17
N VAL G 407 -10.62 -12.47 2.29
CA VAL G 407 -9.51 -12.09 3.15
C VAL G 407 -8.72 -13.33 3.56
N ARG G 408 -7.41 -13.29 3.37
CA ARG G 408 -6.47 -14.32 3.80
C ARG G 408 -6.00 -14.06 5.22
N ASN G 409 -5.32 -15.05 5.81
CA ASN G 409 -4.81 -14.90 7.17
C ASN G 409 -3.83 -13.75 7.29
N ASP G 410 -2.92 -13.61 6.32
CA ASP G 410 -1.90 -12.57 6.40
C ASP G 410 -2.48 -11.17 6.23
N GLY G 411 -3.70 -11.06 5.71
CA GLY G 411 -4.35 -9.78 5.54
C GLY G 411 -4.49 -9.32 4.11
N ILE G 412 -4.09 -10.13 3.14
CA ILE G 412 -4.19 -9.75 1.74
C ILE G 412 -5.66 -9.74 1.35
N ILE G 413 -6.21 -8.55 1.12
CA ILE G 413 -7.62 -8.38 0.79
C ILE G 413 -7.78 -8.47 -0.72
N TYR G 414 -8.65 -9.37 -1.18
CA TYR G 414 -8.94 -9.53 -2.59
C TYR G 414 -10.28 -8.89 -2.93
N SER G 415 -10.33 -8.24 -4.09
CA SER G 415 -11.51 -7.51 -4.52
C SER G 415 -12.35 -8.37 -5.47
N THR G 416 -13.66 -8.27 -5.32
CA THR G 416 -14.61 -8.93 -6.21
C THR G 416 -15.44 -7.86 -6.92
N SER G 417 -16.26 -8.31 -7.87
CA SER G 417 -17.12 -7.42 -8.63
C SER G 417 -18.60 -7.70 -8.40
N LEU G 418 -18.94 -8.46 -7.37
CA LEU G 418 -20.32 -8.80 -7.06
C LEU G 418 -20.73 -8.13 -5.76
N THR G 419 -21.96 -7.62 -5.74
CA THR G 419 -22.50 -6.90 -4.59
C THR G 419 -23.69 -7.67 -4.03
N PHE G 420 -23.64 -7.97 -2.73
CA PHE G 420 -24.77 -8.63 -2.09
C PHE G 420 -25.86 -7.61 -1.80
N THR G 421 -27.11 -8.07 -1.88
CA THR G 421 -28.26 -7.21 -1.66
C THR G 421 -29.21 -7.91 -0.69
N TYR G 422 -29.35 -7.35 0.50
CA TYR G 422 -30.31 -7.88 1.46
C TYR G 422 -31.72 -7.72 0.91
N THR G 423 -32.44 -8.83 0.80
CA THR G 423 -33.80 -8.76 0.31
C THR G 423 -34.72 -8.26 1.42
N PRO G 424 -35.52 -7.23 1.19
CA PRO G 424 -36.34 -6.68 2.27
C PRO G 424 -37.53 -7.57 2.57
N GLU G 425 -37.81 -7.74 3.86
CA GLU G 425 -38.85 -8.63 4.33
C GLU G 425 -39.96 -7.82 5.00
N PRO G 426 -41.22 -8.03 4.62
CA PRO G 426 -42.32 -7.28 5.27
C PRO G 426 -42.51 -7.71 6.71
N GLY G 427 -42.71 -9.02 6.92
CA GLY G 427 -42.89 -9.56 8.25
C GLY G 427 -41.57 -9.81 8.96
N PRO G 428 -41.61 -9.86 10.28
CA PRO G 428 -40.38 -10.14 11.03
C PRO G 428 -40.05 -11.62 11.03
N ARG G 429 -38.76 -11.91 11.11
CA ARG G 429 -38.30 -13.30 11.07
C ARG G 429 -38.81 -14.05 12.29
N PRO G 430 -39.55 -15.15 12.11
CA PRO G 430 -40.08 -15.88 13.27
C PRO G 430 -39.16 -16.98 13.76
N HIS G 431 -38.97 -17.05 15.08
CA HIS G 431 -38.17 -18.11 15.70
C HIS G 431 -38.81 -19.48 15.49
N ARG H 3 46.50 30.83 36.18
CA ARG H 3 45.74 30.42 35.02
C ARG H 3 44.25 30.59 35.25
N PRO H 4 43.52 30.99 34.22
CA PRO H 4 42.07 31.19 34.36
C PRO H 4 41.36 29.88 34.61
N PRO H 5 40.52 29.83 35.65
CA PRO H 5 39.78 28.61 35.95
C PRO H 5 38.53 28.50 35.10
N PRO H 6 37.85 27.35 35.13
CA PRO H 6 36.55 27.25 34.44
C PRO H 6 35.52 28.19 35.04
N LYS H 7 34.63 28.70 34.18
CA LYS H 7 33.60 29.65 34.59
C LYS H 7 32.26 29.13 34.09
N ARG H 8 31.35 28.84 35.03
CA ARG H 8 30.02 28.38 34.65
C ARG H 8 29.25 29.49 33.93
N LEU H 9 28.50 29.10 32.90
CA LEU H 9 27.71 30.05 32.13
C LEU H 9 26.53 30.56 32.94
N THR H 10 26.42 31.88 33.05
CA THR H 10 25.37 32.50 33.85
C THR H 10 24.07 32.63 33.03
N ARG H 11 23.02 33.09 33.71
CA ARG H 11 21.71 33.21 33.09
C ARG H 11 21.69 34.36 32.09
N GLU H 12 22.17 35.54 32.52
CA GLU H 12 22.10 36.72 31.67
C GLU H 12 23.05 36.61 30.48
N ALA H 13 24.15 35.87 30.63
CA ALA H 13 25.01 35.62 29.47
C ALA H 13 24.28 34.80 28.42
N MET H 14 23.44 33.85 28.86
CA MET H 14 22.64 33.09 27.90
C MET H 14 21.58 33.96 27.26
N ARG H 15 20.99 34.88 28.03
CA ARG H 15 20.05 35.83 27.44
C ARG H 15 20.75 36.70 26.39
N ASN H 16 21.97 37.14 26.68
CA ASN H 16 22.74 37.92 25.72
C ASN H 16 23.05 37.13 24.47
N TYR H 17 23.37 35.83 24.62
CA TYR H 17 23.57 34.99 23.44
C TYR H 17 22.30 34.88 22.62
N LEU H 18 21.16 34.66 23.28
CA LEU H 18 19.88 34.61 22.57
C LEU H 18 19.60 35.90 21.82
N LYS H 19 20.03 37.04 22.37
CA LYS H 19 19.83 38.30 21.67
C LYS H 19 20.77 38.43 20.47
N GLU H 20 22.08 38.36 20.72
CA GLU H 20 23.07 38.71 19.70
C GLU H 20 23.25 37.60 18.67
N ARG H 21 23.56 36.38 19.12
CA ARG H 21 23.83 35.24 18.25
C ARG H 21 25.00 35.53 17.31
N GLY H 22 26.18 35.64 17.92
CA GLY H 22 27.40 35.84 17.15
C GLY H 22 28.14 34.54 16.88
N ASP H 23 27.50 33.63 16.15
CA ASP H 23 28.07 32.31 15.88
C ASP H 23 29.36 32.37 15.10
N GLN H 24 30.46 31.95 15.72
CA GLN H 24 31.76 31.87 15.05
C GLN H 24 31.89 30.53 14.33
N THR H 25 31.13 30.41 13.25
CA THR H 25 31.08 29.15 12.51
C THR H 25 32.37 28.93 11.73
N VAL H 26 32.79 27.67 11.63
CA VAL H 26 33.96 27.26 10.88
C VAL H 26 33.53 26.22 9.86
N LEU H 27 33.90 26.43 8.59
CA LEU H 27 33.46 25.61 7.49
C LEU H 27 34.66 25.06 6.74
N ILE H 28 34.53 23.83 6.26
CA ILE H 28 35.60 23.16 5.50
C ILE H 28 34.97 22.42 4.33
N LEU H 29 35.35 22.79 3.12
CA LEU H 29 34.95 22.10 1.90
C LEU H 29 36.14 21.30 1.39
N HIS H 30 35.90 20.02 1.07
CA HIS H 30 36.97 19.14 0.63
C HIS H 30 36.35 17.95 -0.11
N ALA H 31 37.12 17.42 -1.05
CA ALA H 31 36.66 16.27 -1.82
C ALA H 31 36.69 15.00 -0.97
N LYS H 32 35.99 13.97 -1.46
CA LYS H 32 35.91 12.69 -0.77
C LYS H 32 36.95 11.68 -1.26
N VAL H 33 37.70 12.00 -2.32
CA VAL H 33 38.62 11.05 -2.93
C VAL H 33 39.98 11.74 -3.10
N ALA H 34 41.05 10.99 -2.82
CA ALA H 34 42.42 11.51 -2.90
C ALA H 34 43.25 10.55 -3.73
N GLN H 35 43.88 11.09 -4.79
CA GLN H 35 44.73 10.28 -5.65
C GLN H 35 46.09 10.10 -4.99
N LYS H 36 46.49 8.85 -4.76
CA LYS H 36 47.72 8.55 -4.06
C LYS H 36 48.94 8.76 -4.95
N SER H 37 50.05 9.14 -4.32
CA SER H 37 51.32 9.35 -5.00
C SER H 37 52.29 8.24 -4.63
N TYR H 38 53.05 7.76 -5.62
CA TYR H 38 53.96 6.65 -5.43
C TYR H 38 55.40 7.15 -5.30
N GLY H 39 56.19 6.44 -4.50
CA GLY H 39 57.60 6.73 -4.33
C GLY H 39 57.88 8.14 -3.84
N ASN H 40 58.43 8.98 -4.73
CA ASN H 40 58.78 10.35 -4.39
C ASN H 40 58.00 11.36 -5.24
N GLU H 41 56.91 10.92 -5.87
CA GLU H 41 56.06 11.81 -6.65
C GLU H 41 55.28 12.73 -5.71
N LYS H 42 54.47 13.60 -6.31
CA LYS H 42 53.67 14.53 -5.52
C LYS H 42 52.43 14.99 -6.27
N ARG H 43 51.57 14.06 -6.68
CA ARG H 43 50.32 14.43 -7.32
C ARG H 43 49.41 15.12 -6.31
N PHE H 44 49.19 16.41 -6.48
CA PHE H 44 48.37 17.17 -5.55
C PHE H 44 46.89 16.83 -5.73
N PHE H 45 46.12 17.17 -4.71
CA PHE H 45 44.65 17.11 -4.79
C PHE H 45 44.18 18.16 -5.78
N CYS H 46 43.50 17.70 -6.84
CA CYS H 46 43.06 18.63 -7.87
C CYS H 46 42.11 19.69 -7.34
N PRO H 47 41.10 19.38 -6.53
CA PRO H 47 40.38 20.43 -5.82
C PRO H 47 40.99 20.68 -4.45
N PRO H 48 41.61 21.84 -4.26
CA PRO H 48 42.28 22.11 -2.99
C PRO H 48 41.28 22.25 -1.86
N PRO H 49 41.59 21.70 -0.68
CA PRO H 49 40.68 21.89 0.46
C PRO H 49 40.54 23.37 0.77
N CYS H 50 39.29 23.82 0.80
CA CYS H 50 38.94 25.22 1.01
C CYS H 50 38.34 25.37 2.41
N VAL H 51 38.99 26.21 3.22
CA VAL H 51 38.55 26.50 4.58
C VAL H 51 37.91 27.88 4.56
N TYR H 52 36.60 27.92 4.80
CA TYR H 52 35.81 29.13 4.94
C TYR H 52 35.67 29.50 6.41
N LEU H 53 35.35 30.77 6.66
CA LEU H 53 35.12 31.28 8.01
C LEU H 53 33.89 32.16 8.02
N MET H 54 32.74 31.57 7.73
CA MET H 54 31.48 32.32 7.73
C MET H 54 31.04 32.61 9.16
N GLY H 55 30.12 33.56 9.29
CA GLY H 55 29.61 33.93 10.61
C GLY H 55 29.98 35.36 10.98
N SER H 56 28.99 36.09 11.49
CA SER H 56 29.21 37.48 11.86
C SER H 56 30.09 37.60 13.09
N GLY H 57 29.94 36.68 14.04
CA GLY H 57 30.66 36.76 15.30
C GLY H 57 32.16 36.85 15.15
N TRP H 58 32.71 36.35 14.03
CA TRP H 58 34.14 36.47 13.78
C TRP H 58 34.59 37.92 13.87
N LYS H 59 33.83 38.84 13.25
CA LYS H 59 34.17 40.26 13.36
C LYS H 59 34.19 40.71 14.81
N LYS H 60 33.24 40.23 15.61
CA LYS H 60 33.25 40.55 17.04
C LYS H 60 34.54 40.07 17.69
N LYS H 61 35.03 38.89 17.29
CA LYS H 61 36.31 38.41 17.81
C LYS H 61 37.45 39.33 17.42
N LYS H 62 37.34 39.98 16.27
CA LYS H 62 38.33 40.98 15.88
C LYS H 62 38.29 42.19 16.81
N GLU H 63 37.11 42.56 17.31
CA GLU H 63 37.00 43.75 18.15
C GLU H 63 37.55 43.48 19.54
N GLN H 64 37.00 42.48 20.24
CA GLN H 64 37.33 42.24 21.64
C GLN H 64 38.83 42.11 21.83
N MET H 65 39.47 41.24 21.04
CA MET H 65 40.92 41.07 21.15
C MET H 65 41.64 42.38 20.88
N GLU H 66 41.23 43.12 19.84
CA GLU H 66 41.85 44.42 19.59
C GLU H 66 41.51 45.43 20.67
N ARG H 67 40.44 45.22 21.42
CA ARG H 67 40.12 46.04 22.57
C ARG H 67 40.92 45.66 23.81
N ASP H 68 41.79 44.66 23.71
CA ASP H 68 42.65 44.25 24.82
C ASP H 68 44.13 44.34 24.44
N GLY H 69 44.46 45.25 23.53
CA GLY H 69 45.83 45.48 23.12
C GLY H 69 46.42 44.36 22.28
N CYS H 70 45.93 44.21 21.06
CA CYS H 70 46.48 43.25 20.10
C CYS H 70 46.58 43.93 18.75
N SER H 71 47.65 43.63 18.01
CA SER H 71 47.85 44.20 16.70
C SER H 71 47.02 43.47 15.66
N GLU H 72 46.93 44.06 14.46
CA GLU H 72 46.22 43.40 13.38
C GLU H 72 46.94 42.14 12.93
N GLN H 73 48.28 42.12 13.03
CA GLN H 73 49.04 40.91 12.74
C GLN H 73 48.93 39.90 13.87
N GLU H 74 48.83 40.37 15.11
CA GLU H 74 48.74 39.48 16.27
C GLU H 74 47.36 38.85 16.39
N SER H 75 46.31 39.58 16.02
CA SER H 75 44.94 39.10 16.16
C SER H 75 44.47 38.32 14.95
N GLN H 76 45.36 37.97 14.02
CA GLN H 76 44.94 37.25 12.83
C GLN H 76 45.22 35.76 12.99
N PRO H 77 44.23 34.90 12.79
CA PRO H 77 44.41 33.45 13.01
C PRO H 77 45.20 32.79 11.89
N CYS H 78 46.35 32.23 12.24
CA CYS H 78 47.14 31.39 11.35
C CYS H 78 46.67 29.94 11.43
N ALA H 79 46.75 29.24 10.30
CA ALA H 79 46.24 27.89 10.21
C ALA H 79 47.32 26.94 9.73
N PHE H 80 47.18 25.66 10.11
CA PHE H 80 48.03 24.59 9.65
C PHE H 80 47.17 23.44 9.16
N ILE H 81 47.63 22.76 8.11
CA ILE H 81 46.91 21.66 7.50
C ILE H 81 47.82 20.44 7.53
N GLY H 82 47.26 19.30 7.95
CA GLY H 82 48.05 18.09 7.97
C GLY H 82 47.21 16.84 8.05
N ILE H 83 47.86 15.70 7.84
CA ILE H 83 47.25 14.39 8.05
C ILE H 83 47.61 13.92 9.46
N GLY H 84 46.64 13.36 10.16
CA GLY H 84 46.77 13.16 11.59
C GLY H 84 47.78 12.09 11.97
N ASN H 85 47.65 10.89 11.41
CA ASN H 85 48.44 9.75 11.87
C ASN H 85 49.94 9.88 11.63
N SER H 86 50.40 10.84 10.83
CA SER H 86 51.83 10.98 10.60
C SER H 86 52.28 12.41 10.87
N ASP H 87 53.42 12.51 11.54
CA ASP H 87 54.06 13.79 11.87
C ASP H 87 54.99 14.25 10.75
N GLN H 88 54.40 14.46 9.57
CA GLN H 88 55.13 14.93 8.41
C GLN H 88 54.98 16.43 8.20
N GLU H 89 54.90 17.17 9.31
CA GLU H 89 54.79 18.63 9.35
C GLU H 89 53.53 19.17 8.68
N MET H 90 52.86 20.09 9.37
CA MET H 90 51.63 20.71 8.90
C MET H 90 51.95 21.95 8.07
N GLN H 91 51.47 21.98 6.83
CA GLN H 91 51.72 23.13 5.96
C GLN H 91 50.94 24.35 6.47
N GLN H 92 51.47 25.53 6.19
CA GLN H 92 50.92 26.77 6.74
C GLN H 92 49.87 27.38 5.81
N LEU H 93 48.81 27.91 6.41
CA LEU H 93 47.77 28.66 5.71
C LEU H 93 47.68 30.06 6.29
N ASN H 94 47.73 31.06 5.41
CA ASN H 94 47.75 32.47 5.75
C ASN H 94 46.42 33.10 5.37
N LEU H 95 45.89 33.93 6.28
CA LEU H 95 44.62 34.64 6.10
C LEU H 95 44.85 36.13 6.35
N GLU H 96 45.65 36.76 5.50
CA GLU H 96 46.00 38.17 5.65
C GLU H 96 44.76 39.07 5.57
N GLY H 97 44.12 39.12 4.40
CA GLY H 97 42.93 39.92 4.21
C GLY H 97 41.81 39.14 3.54
N LYS H 98 41.87 37.82 3.65
CA LYS H 98 40.90 36.94 3.02
C LYS H 98 39.96 36.34 4.05
N ASN H 99 38.82 35.87 3.56
CA ASN H 99 37.80 35.22 4.38
C ASN H 99 37.89 33.70 4.32
N TYR H 100 38.84 33.17 3.56
CA TYR H 100 38.96 31.74 3.32
C TYR H 100 40.35 31.47 2.78
N CYS H 101 40.67 30.19 2.60
CA CYS H 101 41.93 29.84 1.95
C CYS H 101 41.88 28.40 1.47
N THR H 102 42.73 28.11 0.47
CA THR H 102 42.81 26.80 -0.14
C THR H 102 44.22 26.24 0.05
N ALA H 103 44.29 24.94 0.35
CA ALA H 103 45.57 24.25 0.52
C ALA H 103 45.84 23.41 -0.72
N LYS H 104 46.65 23.94 -1.63
CA LYS H 104 46.88 23.31 -2.93
C LYS H 104 48.20 22.58 -3.03
N THR H 105 48.96 22.48 -1.94
CA THR H 105 50.27 21.84 -1.97
C THR H 105 50.33 20.62 -1.05
N LEU H 106 49.28 19.82 -1.05
CA LEU H 106 49.19 18.62 -0.21
C LEU H 106 49.40 17.38 -1.06
N TYR H 107 50.03 16.36 -0.47
CA TYR H 107 50.28 15.11 -1.18
C TYR H 107 50.21 13.95 -0.20
N ILE H 108 49.90 12.77 -0.74
CA ILE H 108 49.82 11.54 0.04
C ILE H 108 50.71 10.50 -0.64
N SER H 109 51.74 10.06 0.07
CA SER H 109 52.69 9.09 -0.48
C SER H 109 52.20 7.66 -0.25
N ASP H 110 52.75 6.74 -1.04
CA ASP H 110 52.42 5.32 -0.90
C ASP H 110 52.98 4.70 0.37
N SER H 111 53.82 5.41 1.11
CA SER H 111 54.35 4.89 2.37
C SER H 111 53.26 4.73 3.42
N ASP H 112 52.12 5.39 3.24
CA ASP H 112 50.98 5.29 4.15
C ASP H 112 49.93 4.39 3.48
N LYS H 113 49.74 3.20 4.03
CA LYS H 113 48.86 2.19 3.45
C LYS H 113 47.43 2.29 3.97
N ARG H 114 47.02 3.46 4.47
CA ARG H 114 45.66 3.63 4.94
C ARG H 114 44.68 3.69 3.78
N LYS H 115 43.52 3.04 3.96
CA LYS H 115 42.49 3.09 2.93
C LYS H 115 41.74 4.43 2.96
N HIS H 116 41.40 4.92 4.16
CA HIS H 116 40.76 6.20 4.35
C HIS H 116 41.60 7.07 5.27
N PHE H 117 41.34 8.37 5.24
CA PHE H 117 41.98 9.30 6.17
C PHE H 117 41.04 10.49 6.37
N MET H 118 41.51 11.50 7.10
CA MET H 118 40.73 12.72 7.27
C MET H 118 41.68 13.88 7.50
N LEU H 119 41.32 15.04 6.97
CA LEU H 119 42.15 16.23 7.08
C LEU H 119 42.08 16.82 8.48
N SER H 120 43.22 17.30 8.97
CA SER H 120 43.34 17.96 10.26
C SER H 120 43.75 19.41 10.05
N VAL H 121 43.11 20.33 10.77
CA VAL H 121 43.33 21.76 10.62
C VAL H 121 43.58 22.32 12.01
N LYS H 122 44.82 22.72 12.28
CA LYS H 122 45.16 23.42 13.52
C LYS H 122 44.97 24.91 13.28
N MET H 123 44.40 25.60 14.26
CA MET H 123 44.13 27.03 14.12
C MET H 123 44.49 27.74 15.41
N PHE H 124 45.26 28.83 15.30
CA PHE H 124 45.50 29.64 16.49
C PHE H 124 45.86 31.06 16.06
N TYR H 125 45.64 32.01 16.95
CA TYR H 125 45.90 33.40 16.64
C TYR H 125 47.40 33.69 16.74
N GLY H 126 47.79 34.85 16.20
CA GLY H 126 49.20 35.21 16.20
C GLY H 126 49.77 35.43 17.58
N ASN H 127 48.93 35.83 18.54
CA ASN H 127 49.35 36.07 19.91
C ASN H 127 49.34 34.79 20.75
N SER H 128 49.61 33.64 20.14
CA SER H 128 49.75 32.33 20.77
C SER H 128 48.45 31.80 21.38
N ASP H 129 47.35 32.55 21.29
CA ASP H 129 46.07 32.04 21.80
C ASP H 129 45.55 30.95 20.88
N ASP H 130 45.32 29.77 21.44
CA ASP H 130 44.94 28.61 20.64
C ASP H 130 43.43 28.64 20.33
N ILE H 131 43.08 28.25 19.11
CA ILE H 131 41.69 28.06 18.73
C ILE H 131 41.37 26.58 18.83
N GLY H 132 42.14 25.75 18.13
CA GLY H 132 42.02 24.32 18.30
C GLY H 132 42.22 23.57 17.00
N VAL H 133 41.93 22.28 17.05
CA VAL H 133 42.13 21.36 15.92
C VAL H 133 40.76 20.89 15.43
N PHE H 134 40.44 21.21 14.19
CA PHE H 134 39.19 20.82 13.56
C PHE H 134 39.46 19.78 12.47
N LEU H 135 38.63 18.76 12.41
CA LEU H 135 38.79 17.68 11.44
C LEU H 135 37.65 17.69 10.44
N SER H 136 37.96 17.27 9.21
CA SER H 136 36.98 17.19 8.14
C SER H 136 36.49 15.75 7.98
N LYS H 137 35.52 15.57 7.09
CA LYS H 137 34.98 14.24 6.83
C LYS H 137 36.04 13.37 6.14
N ARG H 138 35.77 12.07 6.12
CA ARG H 138 36.76 11.11 5.64
C ARG H 138 36.94 11.21 4.13
N ILE H 139 38.17 10.95 3.69
CA ILE H 139 38.56 10.94 2.29
C ILE H 139 39.14 9.58 1.95
N LYS H 140 38.73 9.04 0.81
CA LYS H 140 39.14 7.71 0.37
C LYS H 140 40.35 7.80 -0.56
N VAL H 141 41.32 6.92 -0.35
CA VAL H 141 42.52 6.86 -1.17
C VAL H 141 42.25 6.04 -2.40
N ILE H 142 42.80 6.47 -3.53
CA ILE H 142 42.63 5.77 -4.81
C ILE H 142 43.97 5.77 -5.53
N SER H 143 44.21 4.69 -6.28
CA SER H 143 45.42 4.55 -7.07
C SER H 143 45.26 5.15 -8.47
N LYS H 144 44.16 4.82 -9.14
CA LYS H 144 43.86 5.29 -10.48
C LYS H 144 42.35 5.30 -10.62
N PRO H 145 41.77 6.29 -11.30
CA PRO H 145 40.32 6.33 -11.45
C PRO H 145 39.82 5.11 -12.21
N SER H 146 38.65 4.61 -11.79
CA SER H 146 38.04 3.43 -12.40
C SER H 146 37.44 3.83 -13.74
N LYS H 147 38.31 3.98 -14.73
CA LYS H 147 37.91 4.42 -16.06
C LYS H 147 37.32 3.31 -16.91
N LYS H 148 37.47 2.05 -16.50
CA LYS H 148 36.90 0.94 -17.26
C LYS H 148 35.38 0.93 -17.12
N LYS H 149 34.75 -0.07 -17.73
CA LYS H 149 33.29 -0.19 -17.73
C LYS H 149 32.84 -0.84 -16.43
N GLN H 150 32.85 -0.03 -15.37
CA GLN H 150 32.39 -0.49 -14.06
C GLN H 150 30.87 -0.72 -14.09
N SER H 151 30.34 -1.22 -12.99
CA SER H 151 28.91 -1.45 -12.87
C SER H 151 28.47 -1.16 -11.44
N LEU H 152 27.16 -1.26 -11.21
CA LEU H 152 26.51 -0.91 -9.96
C LEU H 152 26.56 -2.00 -8.90
N LYS H 153 26.97 -3.22 -9.24
CA LYS H 153 26.79 -4.36 -8.32
C LYS H 153 27.42 -4.12 -6.97
N ASN H 154 28.72 -3.78 -6.93
CA ASN H 154 29.38 -3.51 -5.67
C ASN H 154 30.06 -2.16 -5.64
N ALA H 155 29.90 -1.34 -6.67
CA ALA H 155 30.57 -0.06 -6.67
C ALA H 155 29.86 0.93 -5.75
N ASP H 156 30.62 1.93 -5.33
CA ASP H 156 30.09 2.95 -4.43
C ASP H 156 30.86 4.26 -4.59
N LEU H 157 31.73 4.35 -5.59
CA LEU H 157 32.53 5.54 -5.89
C LEU H 157 31.97 6.33 -7.05
N CYS H 158 30.73 6.07 -7.44
CA CYS H 158 30.08 6.79 -8.52
C CYS H 158 29.30 7.95 -7.91
N ILE H 159 28.52 8.66 -8.72
CA ILE H 159 27.82 9.85 -8.26
C ILE H 159 26.35 9.54 -8.07
N ALA H 160 25.84 9.86 -6.88
CA ALA H 160 24.42 9.74 -6.57
C ALA H 160 23.73 11.08 -6.86
N SER H 161 22.51 11.01 -7.39
CA SER H 161 21.76 12.22 -7.69
C SER H 161 21.44 12.97 -6.40
N GLY H 162 21.93 14.20 -6.28
CA GLY H 162 21.77 14.97 -5.07
C GLY H 162 22.99 15.07 -4.19
N THR H 163 24.18 14.83 -4.72
CA THR H 163 25.41 14.90 -3.95
C THR H 163 26.24 16.09 -4.41
N LYS H 164 26.98 16.68 -3.46
CA LYS H 164 27.84 17.81 -3.77
C LYS H 164 29.03 17.35 -4.60
N VAL H 165 29.17 17.91 -5.80
CA VAL H 165 30.27 17.57 -6.69
C VAL H 165 31.02 18.85 -7.06
N ALA H 166 32.14 18.66 -7.75
CA ALA H 166 32.98 19.76 -8.22
C ALA H 166 33.60 19.36 -9.55
N LEU H 167 33.93 20.36 -10.35
CA LEU H 167 34.46 20.17 -11.69
C LEU H 167 35.66 21.08 -11.89
N PHE H 168 36.70 20.57 -12.55
CA PHE H 168 37.89 21.37 -12.80
C PHE H 168 38.45 21.04 -14.17
N ASN H 169 39.51 21.73 -14.55
CA ASN H 169 40.10 21.62 -15.87
C ASN H 169 41.62 21.53 -15.77
N ARG H 170 42.23 20.98 -16.81
CA ARG H 170 43.69 20.87 -16.89
C ARG H 170 44.10 21.13 -18.34
N LEU H 171 44.81 22.22 -18.56
CA LEU H 171 45.17 22.67 -19.91
C LEU H 171 46.53 22.08 -20.28
N ARG H 172 46.52 21.01 -21.08
CA ARG H 172 47.73 20.43 -21.67
C ARG H 172 48.73 20.03 -20.58
N SER H 173 48.25 19.30 -19.58
CA SER H 173 49.10 18.74 -18.52
C SER H 173 49.88 19.82 -17.78
N GLN H 174 49.25 20.98 -17.59
CA GLN H 174 49.87 22.07 -16.84
C GLN H 174 49.21 22.17 -15.47
N THR H 175 50.05 22.28 -14.43
CA THR H 175 49.54 22.29 -13.06
C THR H 175 48.87 23.62 -12.73
N VAL H 176 49.47 24.74 -13.15
CA VAL H 176 48.93 26.06 -12.82
C VAL H 176 47.72 26.42 -13.66
N SER H 177 47.45 25.68 -14.74
CA SER H 177 46.34 25.97 -15.63
C SER H 177 45.00 25.47 -15.10
N THR H 178 44.96 24.93 -13.88
CA THR H 178 43.71 24.42 -13.32
C THR H 178 42.76 25.56 -13.01
N ARG H 179 41.63 25.61 -13.72
CA ARG H 179 40.60 26.62 -13.53
C ARG H 179 39.32 25.94 -13.06
N TYR H 180 38.88 26.29 -11.85
CA TYR H 180 37.76 25.62 -11.21
C TYR H 180 36.44 26.30 -11.56
N LEU H 181 35.36 25.51 -11.51
CA LEU H 181 34.03 26.04 -11.77
C LEU H 181 33.48 26.67 -10.49
N HIS H 182 33.00 27.90 -10.60
CA HIS H 182 32.50 28.64 -9.46
C HIS H 182 31.27 29.43 -9.88
N VAL H 183 30.49 29.88 -8.90
CA VAL H 183 29.34 30.73 -9.13
C VAL H 183 29.41 31.90 -8.15
N GLU H 184 29.33 33.12 -8.68
CA GLU H 184 29.37 34.31 -7.84
C GLU H 184 28.68 35.46 -8.55
N GLY H 185 27.96 36.27 -7.78
CA GLY H 185 27.26 37.42 -8.33
C GLY H 185 26.26 37.07 -9.41
N GLY H 186 25.60 35.92 -9.28
CA GLY H 186 24.69 35.48 -10.32
C GLY H 186 25.38 35.18 -11.64
N ASN H 187 26.67 34.87 -11.61
CA ASN H 187 27.44 34.62 -12.83
C ASN H 187 28.31 33.39 -12.62
N PHE H 188 28.36 32.53 -13.64
CA PHE H 188 29.17 31.32 -13.61
C PHE H 188 30.59 31.67 -14.04
N HIS H 189 31.53 31.60 -13.10
CA HIS H 189 32.93 31.93 -13.32
C HIS H 189 33.76 30.66 -13.46
N ALA H 190 34.89 30.79 -14.15
CA ALA H 190 35.88 29.72 -14.21
C ALA H 190 37.08 30.12 -13.36
N SER H 191 36.81 30.58 -12.14
CA SER H 191 37.85 31.12 -11.27
C SER H 191 38.83 30.02 -10.86
N SER H 192 40.13 30.30 -11.02
CA SER H 192 41.18 29.39 -10.60
C SER H 192 41.53 29.53 -9.12
N GLN H 193 40.65 30.15 -8.32
CA GLN H 193 40.89 30.33 -6.90
C GLN H 193 39.72 29.95 -6.02
N GLN H 194 38.49 29.95 -6.53
CA GLN H 194 37.32 29.59 -5.73
C GLN H 194 36.54 28.50 -6.44
N TRP H 195 35.74 27.77 -5.66
CA TRP H 195 34.83 26.77 -6.18
C TRP H 195 33.82 26.43 -5.09
N GLY H 196 32.58 26.20 -5.50
CA GLY H 196 31.51 25.88 -4.59
C GLY H 196 31.10 24.41 -4.69
N ALA H 197 30.12 24.06 -3.86
CA ALA H 197 29.55 22.71 -3.87
C ALA H 197 28.37 22.71 -4.84
N PHE H 198 28.35 21.71 -5.73
CA PHE H 198 27.35 21.63 -6.79
C PHE H 198 26.53 20.37 -6.60
N PHE H 199 25.25 20.53 -6.29
CA PHE H 199 24.30 19.43 -6.37
C PHE H 199 24.10 19.06 -7.84
N ILE H 200 24.03 17.76 -8.11
CA ILE H 200 23.76 17.25 -9.45
C ILE H 200 22.54 16.36 -9.38
N HIS H 201 21.48 16.76 -10.08
CA HIS H 201 20.20 16.06 -10.05
C HIS H 201 19.96 15.39 -11.39
N LEU H 202 19.70 14.09 -11.35
CA LEU H 202 19.32 13.36 -12.55
C LEU H 202 17.87 13.69 -12.90
N LEU H 203 17.64 14.10 -14.15
CA LEU H 203 16.32 14.49 -14.61
C LEU H 203 15.85 13.52 -15.69
N ASP H 204 14.54 13.34 -15.76
CA ASP H 204 13.94 12.52 -16.80
C ASP H 204 14.10 13.20 -18.16
N ASP H 205 14.09 12.39 -19.22
CA ASP H 205 14.30 12.94 -20.56
C ASP H 205 13.23 13.97 -20.91
N ASP H 206 12.00 13.77 -20.41
CA ASP H 206 10.90 14.70 -20.61
C ASP H 206 10.71 15.47 -19.31
N GLU H 207 10.94 16.77 -19.35
CA GLU H 207 10.80 17.61 -18.17
C GLU H 207 10.28 18.98 -18.59
N SER H 208 10.53 19.98 -17.77
CA SER H 208 10.02 21.32 -17.97
C SER H 208 11.16 22.27 -18.32
N GLU H 209 10.85 23.56 -18.41
CA GLU H 209 11.86 24.54 -18.80
C GLU H 209 12.93 24.68 -17.72
N GLY H 210 12.51 24.92 -16.48
CA GLY H 210 13.46 25.11 -15.41
C GLY H 210 12.86 25.58 -14.11
N GLU H 211 13.62 25.44 -13.03
CA GLU H 211 13.29 25.87 -11.67
C GLU H 211 12.16 25.03 -11.05
N GLU H 212 11.51 24.20 -11.86
CA GLU H 212 10.48 23.29 -11.38
C GLU H 212 10.59 22.03 -12.22
N PHE H 213 10.83 20.89 -11.56
CA PHE H 213 11.09 19.66 -12.29
C PHE H 213 10.80 18.46 -11.41
N THR H 214 10.64 17.30 -12.07
CA THR H 214 10.45 16.03 -11.37
C THR H 214 11.81 15.36 -11.23
N VAL H 215 12.32 15.34 -9.99
CA VAL H 215 13.64 14.76 -9.76
C VAL H 215 13.59 13.25 -9.97
N ARG H 216 14.77 12.64 -10.11
CA ARG H 216 14.89 11.22 -10.35
C ARG H 216 16.01 10.65 -9.50
N ASP H 217 15.79 9.46 -8.97
CA ASP H 217 16.76 8.78 -8.11
C ASP H 217 17.57 7.77 -8.91
N GLY H 218 18.61 7.24 -8.27
CA GLY H 218 19.48 6.27 -8.88
C GLY H 218 20.85 6.85 -9.18
N TYR H 219 21.83 5.94 -9.27
CA TYR H 219 23.19 6.35 -9.59
C TYR H 219 23.26 6.88 -11.01
N ILE H 220 24.19 7.81 -11.23
CA ILE H 220 24.26 8.58 -12.46
C ILE H 220 25.23 7.92 -13.42
N HIS H 221 24.79 7.70 -14.66
CA HIS H 221 25.60 7.15 -15.74
C HIS H 221 25.77 8.20 -16.84
N TYR H 222 26.53 7.83 -17.86
CA TYR H 222 26.71 8.71 -19.02
C TYR H 222 25.49 8.65 -19.93
N GLY H 223 25.41 9.62 -20.84
CA GLY H 223 24.28 9.71 -21.75
C GLY H 223 22.97 10.12 -21.12
N GLN H 224 22.95 10.39 -19.81
CA GLN H 224 21.74 10.80 -19.13
C GLN H 224 21.62 12.32 -19.12
N THR H 225 20.52 12.82 -18.59
CA THR H 225 20.27 14.25 -18.45
C THR H 225 20.44 14.63 -16.98
N VAL H 226 21.33 15.58 -16.71
CA VAL H 226 21.59 16.03 -15.36
C VAL H 226 21.40 17.54 -15.29
N LYS H 227 21.31 18.05 -14.07
CA LYS H 227 21.18 19.47 -13.80
C LYS H 227 22.11 19.84 -12.65
N LEU H 228 22.86 20.92 -12.81
CA LEU H 228 23.82 21.37 -11.81
C LEU H 228 23.26 22.58 -11.08
N VAL H 229 23.35 22.57 -9.76
CA VAL H 229 22.82 23.65 -8.92
C VAL H 229 23.86 23.97 -7.85
N CYS H 230 24.29 25.22 -7.78
CA CYS H 230 25.23 25.62 -6.73
C CYS H 230 24.55 25.53 -5.37
N SER H 231 25.35 25.17 -4.36
CA SER H 231 24.78 24.93 -3.03
C SER H 231 24.42 26.24 -2.34
N VAL H 232 25.20 27.28 -2.55
CA VAL H 232 25.02 28.56 -1.86
C VAL H 232 24.22 29.54 -2.71
N THR H 233 24.60 29.72 -3.97
CA THR H 233 23.94 30.73 -4.80
C THR H 233 22.57 30.26 -5.26
N GLY H 234 22.45 28.99 -5.66
CA GLY H 234 21.21 28.48 -6.21
C GLY H 234 21.03 28.70 -7.70
N MET H 235 21.95 29.44 -8.34
CA MET H 235 21.87 29.68 -9.78
C MET H 235 22.14 28.39 -10.54
N ALA H 236 21.10 27.82 -11.11
CA ALA H 236 21.19 26.56 -11.84
C ALA H 236 21.45 26.80 -13.32
N LEU H 237 21.91 25.75 -14.00
CA LEU H 237 22.15 25.65 -15.43
C LEU H 237 21.06 24.85 -16.12
N PRO H 238 20.78 25.12 -17.40
CA PRO H 238 19.80 24.29 -18.13
C PRO H 238 20.28 22.85 -18.20
N ARG H 239 19.41 21.97 -18.71
CA ARG H 239 19.74 20.54 -18.73
C ARG H 239 21.03 20.27 -19.51
N LEU H 240 21.85 19.34 -19.01
CA LEU H 240 23.09 18.97 -19.67
C LEU H 240 23.16 17.45 -19.75
N ILE H 241 24.01 16.96 -20.65
CA ILE H 241 24.22 15.51 -20.83
C ILE H 241 25.72 15.23 -20.65
N ILE H 242 26.06 14.43 -19.64
CA ILE H 242 27.46 14.14 -19.36
C ILE H 242 27.97 13.10 -20.36
N ARG H 243 29.14 13.37 -20.94
CA ARG H 243 29.75 12.48 -21.93
C ARG H 243 31.24 12.37 -21.65
N LYS H 244 31.71 11.13 -21.51
CA LYS H 244 33.14 10.89 -21.26
C LYS H 244 33.98 11.21 -22.49
N VAL H 245 35.10 11.89 -22.26
CA VAL H 245 36.00 12.28 -23.34
C VAL H 245 37.40 11.76 -23.04
N ASP H 246 38.20 11.65 -24.10
CA ASP H 246 39.60 11.24 -24.01
C ASP H 246 40.27 11.52 -25.34
N LYS H 247 41.49 12.07 -25.28
CA LYS H 247 42.26 12.44 -26.48
C LYS H 247 41.45 13.40 -27.36
N GLN H 248 41.11 14.54 -26.76
CA GLN H 248 40.34 15.62 -27.38
C GLN H 248 39.23 15.10 -28.28
N THR H 249 38.53 14.07 -27.81
CA THR H 249 37.42 13.47 -28.54
C THR H 249 36.33 13.10 -27.55
N ALA H 250 35.11 13.59 -27.80
CA ALA H 250 33.99 13.34 -26.91
C ALA H 250 33.27 12.07 -27.33
N LEU H 251 32.96 11.21 -26.36
CA LEU H 251 32.23 9.97 -26.61
C LEU H 251 30.85 10.06 -25.97
N LEU H 252 29.81 9.86 -26.77
CA LEU H 252 28.43 9.97 -26.32
C LEU H 252 27.76 8.62 -26.11
N ASP H 253 27.96 7.67 -27.02
CA ASP H 253 27.32 6.35 -26.92
C ASP H 253 28.04 5.55 -25.83
N ALA H 254 27.65 5.83 -24.58
CA ALA H 254 28.23 5.17 -23.43
C ALA H 254 27.17 5.06 -22.34
N ASP H 255 27.00 3.85 -21.81
CA ASP H 255 26.06 3.60 -20.72
C ASP H 255 26.78 3.29 -19.42
N ASP H 256 28.08 3.58 -19.36
CA ASP H 256 28.86 3.29 -18.17
C ASP H 256 28.51 4.26 -17.04
N PRO H 257 28.69 3.84 -15.79
CA PRO H 257 28.48 4.77 -14.67
C PRO H 257 29.59 5.79 -14.60
N VAL H 258 29.28 6.92 -13.97
CA VAL H 258 30.22 8.03 -13.85
C VAL H 258 31.03 7.78 -12.58
N SER H 259 32.22 7.21 -12.75
CA SER H 259 33.12 6.95 -11.65
C SER H 259 33.83 8.24 -11.25
N GLN H 260 34.86 8.12 -10.41
CA GLN H 260 35.55 9.29 -9.89
C GLN H 260 36.66 9.73 -10.83
N LEU H 261 36.98 11.03 -10.78
CA LEU H 261 38.06 11.62 -11.57
C LEU H 261 37.89 11.34 -13.06
N HIS H 262 36.68 11.60 -13.56
CA HIS H 262 36.34 11.37 -14.96
C HIS H 262 36.31 12.67 -15.73
N LYS H 263 36.86 12.63 -16.95
CA LYS H 263 36.82 13.74 -17.90
C LYS H 263 35.53 13.66 -18.69
N CYS H 264 34.49 14.33 -18.19
CA CYS H 264 33.19 14.32 -18.83
C CYS H 264 32.96 15.60 -19.64
N ALA H 265 31.91 15.57 -20.46
CA ALA H 265 31.50 16.73 -21.23
C ALA H 265 30.00 16.89 -21.15
N PHE H 266 29.53 18.12 -21.25
CA PHE H 266 28.11 18.45 -21.06
C PHE H 266 27.53 18.92 -22.39
N TYR H 267 26.40 18.33 -22.78
CA TYR H 267 25.77 18.66 -24.06
C TYR H 267 24.37 19.23 -23.84
N LEU H 268 24.08 20.30 -24.59
CA LEU H 268 22.77 20.95 -24.53
C LEU H 268 21.87 20.36 -25.60
N LYS H 269 20.61 20.10 -25.24
CA LYS H 269 19.68 19.48 -26.17
C LYS H 269 19.38 20.39 -27.35
N ASP H 270 19.38 19.80 -28.55
CA ASP H 270 19.08 20.52 -29.80
C ASP H 270 19.99 21.73 -29.98
N THR H 271 21.26 21.57 -29.64
CA THR H 271 22.21 22.68 -29.70
C THR H 271 23.41 22.25 -30.55
N GLU H 272 23.12 21.51 -31.62
CA GLU H 272 24.13 21.01 -32.55
C GLU H 272 25.23 20.26 -31.80
N ARG H 273 26.40 20.89 -31.69
CA ARG H 273 27.54 20.32 -30.99
C ARG H 273 28.16 21.31 -30.01
N MET H 274 27.58 22.50 -29.87
CA MET H 274 27.86 23.47 -28.82
C MET H 274 27.93 22.82 -27.43
N TYR H 275 29.14 22.59 -26.94
CA TYR H 275 29.37 22.07 -25.60
C TYR H 275 29.88 23.18 -24.67
N LEU H 276 29.53 23.08 -23.38
CA LEU H 276 29.98 24.06 -22.38
C LEU H 276 31.49 23.95 -22.17
N CYS H 277 32.25 24.90 -22.69
CA CYS H 277 33.70 24.93 -22.59
C CYS H 277 34.12 26.21 -21.87
N LEU H 278 35.43 26.36 -21.67
CA LEU H 278 35.97 27.53 -20.98
C LEU H 278 36.93 28.27 -21.90
N SER H 279 36.75 29.59 -22.01
CA SER H 279 37.67 30.45 -22.73
C SER H 279 38.35 31.24 -21.62
N GLN H 280 39.51 30.73 -21.20
CA GLN H 280 40.39 31.36 -20.24
C GLN H 280 39.67 31.77 -18.96
N GLU H 281 39.13 32.97 -18.93
CA GLU H 281 38.53 33.49 -17.71
C GLU H 281 37.04 33.23 -17.58
N ARG H 282 36.30 33.08 -18.68
CA ARG H 282 34.86 32.86 -18.59
C ARG H 282 34.46 31.62 -19.38
N ILE H 283 33.29 31.08 -19.03
CA ILE H 283 32.74 29.90 -19.70
C ILE H 283 31.90 30.32 -20.90
N ILE H 284 32.11 29.63 -22.03
CA ILE H 284 31.45 29.91 -23.31
C ILE H 284 31.14 28.58 -23.99
N GLN H 285 30.14 28.59 -24.85
CA GLN H 285 29.80 27.41 -25.64
C GLN H 285 30.71 27.30 -26.86
N PHE H 286 31.19 26.09 -27.12
CA PHE H 286 32.17 25.82 -28.17
C PHE H 286 31.57 24.87 -29.21
N GLN H 287 32.07 24.98 -30.45
CA GLN H 287 31.50 24.26 -31.57
C GLN H 287 31.76 22.76 -31.52
N ALA H 288 33.02 22.34 -31.69
CA ALA H 288 33.39 20.92 -31.76
C ALA H 288 32.63 20.21 -32.87
N THR H 289 32.97 20.59 -34.10
CA THR H 289 32.29 20.11 -35.30
C THR H 289 32.66 18.68 -35.73
N PRO H 290 33.95 18.33 -35.84
CA PRO H 290 34.30 17.07 -36.52
C PRO H 290 33.69 15.85 -35.86
N CYS H 291 33.07 15.00 -36.68
CA CYS H 291 32.51 13.72 -36.26
C CYS H 291 32.63 12.72 -37.41
N PRO H 292 33.84 12.45 -37.93
CA PRO H 292 33.94 11.63 -39.14
C PRO H 292 34.10 10.13 -38.91
N LYS H 293 34.75 9.75 -37.81
CA LYS H 293 35.06 8.34 -37.58
C LYS H 293 33.79 7.55 -37.25
N GLU H 294 32.98 8.07 -36.34
CA GLU H 294 31.76 7.41 -35.90
C GLU H 294 30.80 8.48 -35.41
N PRO H 295 29.49 8.27 -35.55
CA PRO H 295 28.53 9.22 -34.98
C PRO H 295 28.67 9.39 -33.48
N ASN H 296 29.30 8.44 -32.80
CA ASN H 296 29.52 8.52 -31.36
C ASN H 296 30.90 9.05 -31.00
N LYS H 297 31.56 9.74 -31.92
CA LYS H 297 32.89 10.30 -31.67
C LYS H 297 32.93 11.73 -32.20
N GLU H 298 32.97 12.70 -31.29
CA GLU H 298 33.03 14.12 -31.63
C GLU H 298 34.37 14.68 -31.17
N MET H 299 35.12 15.25 -32.10
CA MET H 299 36.41 15.85 -31.78
C MET H 299 36.20 17.17 -31.06
N ILE H 300 36.46 17.19 -29.76
CA ILE H 300 36.28 18.38 -28.92
C ILE H 300 37.65 18.96 -28.59
N ASN H 301 37.76 20.28 -28.69
CA ASN H 301 39.03 20.97 -28.49
C ASN H 301 39.45 20.92 -27.02
N ASP H 302 40.68 21.36 -26.78
CA ASP H 302 41.22 21.43 -25.43
C ASP H 302 40.46 22.48 -24.60
N GLY H 303 40.77 22.52 -23.30
CA GLY H 303 39.97 23.34 -22.42
C GLY H 303 38.63 22.74 -22.12
N ALA H 304 38.44 21.45 -22.41
CA ALA H 304 37.16 20.79 -22.28
C ALA H 304 37.16 19.55 -21.39
N SER H 305 38.32 19.09 -20.94
CA SER H 305 38.38 17.89 -20.10
C SER H 305 37.97 18.24 -18.67
N TRP H 306 36.68 18.53 -18.51
CA TRP H 306 36.14 18.80 -17.18
C TRP H 306 36.18 17.52 -16.37
N THR H 307 37.03 17.48 -15.36
CA THR H 307 37.14 16.32 -14.48
C THR H 307 36.26 16.53 -13.26
N ILE H 308 35.48 15.49 -12.94
CA ILE H 308 34.45 15.53 -11.90
C ILE H 308 34.98 14.85 -10.65
N ILE H 309 34.57 15.36 -9.48
CA ILE H 309 34.96 14.79 -8.20
C ILE H 309 33.97 15.18 -7.12
N SER H 310 33.52 14.21 -6.32
CA SER H 310 32.57 14.49 -5.27
C SER H 310 33.24 15.22 -4.11
N THR H 311 32.43 15.88 -3.28
CA THR H 311 32.95 16.69 -2.18
C THR H 311 31.94 16.71 -1.04
N ASP H 312 32.47 16.70 0.19
CA ASP H 312 31.67 16.78 1.40
C ASP H 312 31.80 18.17 2.01
N LYS H 313 31.26 18.33 3.22
CA LYS H 313 31.25 19.62 3.89
C LYS H 313 31.24 19.42 5.39
N ALA H 314 32.30 19.87 6.07
CA ALA H 314 32.39 19.83 7.52
C ALA H 314 32.07 21.22 8.09
N GLU H 315 31.31 21.25 9.18
CA GLU H 315 30.90 22.51 9.78
C GLU H 315 30.93 22.37 11.30
N TYR H 316 31.51 23.37 11.96
CA TYR H 316 31.59 23.39 13.42
C TYR H 316 31.32 24.81 13.90
N THR H 317 30.21 25.02 14.59
CA THR H 317 29.80 26.33 15.05
C THR H 317 29.82 26.38 16.58
N PHE H 318 30.20 27.53 17.12
CA PHE H 318 30.31 27.71 18.57
C PHE H 318 30.37 29.20 18.87
N TYR H 319 30.54 29.51 20.15
CA TYR H 319 30.63 30.88 20.62
C TYR H 319 31.21 30.87 22.03
N GLU H 320 31.86 31.97 22.41
CA GLU H 320 32.48 32.12 23.73
C GLU H 320 31.57 32.98 24.59
N GLY H 321 30.67 32.32 25.33
CA GLY H 321 29.73 33.02 26.17
C GLY H 321 30.26 33.45 27.53
N MET H 322 31.41 32.92 27.95
CA MET H 322 32.00 33.28 29.23
C MET H 322 33.43 33.75 29.06
N GLY H 323 33.70 34.49 27.99
CA GLY H 323 35.03 34.99 27.73
C GLY H 323 35.97 33.93 27.21
N PRO H 324 37.08 34.37 26.59
CA PRO H 324 38.07 33.41 26.09
C PRO H 324 38.72 32.63 27.22
N VAL H 325 38.83 31.32 27.02
CA VAL H 325 39.42 30.43 28.01
C VAL H 325 40.68 29.80 27.43
N LEU H 326 41.51 29.27 28.32
CA LEU H 326 42.77 28.66 27.88
C LEU H 326 42.54 27.33 27.19
N ALA H 327 41.52 26.59 27.59
CA ALA H 327 41.25 25.28 27.00
C ALA H 327 40.83 25.43 25.55
N PRO H 328 41.41 24.67 24.63
CA PRO H 328 41.02 24.77 23.22
C PRO H 328 39.62 24.21 23.00
N VAL H 329 38.96 24.73 21.95
CA VAL H 329 37.61 24.32 21.61
C VAL H 329 37.68 23.25 20.52
N THR H 330 38.68 22.38 20.60
CA THR H 330 38.87 21.36 19.57
C THR H 330 37.84 20.23 19.61
N PRO H 331 37.11 19.96 20.73
CA PRO H 331 35.97 19.03 20.63
C PRO H 331 34.66 19.77 20.39
N VAL H 332 34.16 19.73 19.17
CA VAL H 332 32.93 20.44 18.80
C VAL H 332 31.80 19.43 18.72
N PRO H 333 30.83 19.46 19.64
CA PRO H 333 29.72 18.50 19.58
C PRO H 333 28.71 18.86 18.51
N VAL H 334 28.20 17.83 17.83
CA VAL H 334 27.13 17.98 16.86
C VAL H 334 25.96 17.12 17.33
N VAL H 335 24.74 17.58 17.06
CA VAL H 335 23.52 16.89 17.46
C VAL H 335 22.72 16.60 16.21
N GLU H 336 22.59 15.31 15.86
CA GLU H 336 21.87 14.96 14.64
C GLU H 336 20.37 14.88 14.87
N SER H 337 19.95 14.38 16.03
CA SER H 337 18.52 14.28 16.34
C SER H 337 18.36 14.29 17.86
N LEU H 338 17.11 14.50 18.29
CA LEU H 338 16.77 14.57 19.70
C LEU H 338 15.52 13.75 19.95
N GLN H 339 15.58 12.84 20.92
CA GLN H 339 14.50 11.92 21.21
C GLN H 339 13.96 12.18 22.62
N LEU H 340 12.89 11.45 22.96
CA LEU H 340 12.22 11.59 24.24
C LEU H 340 12.45 10.35 25.10
N ASN H 341 12.35 10.53 26.42
CA ASN H 341 12.59 9.45 27.39
C ASN H 341 11.71 9.70 28.62
N GLY H 342 10.46 9.29 28.51
CA GLY H 342 9.54 9.38 29.62
C GLY H 342 8.61 10.58 29.54
N GLY H 343 7.95 10.85 30.66
CA GLY H 343 7.02 11.96 30.74
C GLY H 343 6.69 12.27 32.19
N GLY H 344 6.01 13.41 32.37
CA GLY H 344 5.61 13.85 33.69
C GLY H 344 6.77 14.29 34.56
N ASP H 345 6.96 13.63 35.71
CA ASP H 345 8.04 13.97 36.61
C ASP H 345 9.38 13.36 36.21
N VAL H 346 9.37 12.38 35.31
CA VAL H 346 10.60 11.76 34.84
C VAL H 346 10.75 12.08 33.35
N ALA H 347 10.41 13.30 32.97
CA ALA H 347 10.52 13.75 31.59
C ALA H 347 11.99 13.95 31.26
N MET H 348 12.58 12.99 30.52
CA MET H 348 13.96 13.06 30.13
C MET H 348 14.08 13.10 28.61
N LEU H 349 15.25 13.55 28.15
CA LEU H 349 15.55 13.69 26.73
C LEU H 349 16.84 12.96 26.40
N GLU H 350 16.81 12.25 25.28
CA GLU H 350 17.98 11.56 24.74
C GLU H 350 18.50 12.34 23.54
N LEU H 351 19.79 12.63 23.54
CA LEU H 351 20.45 13.40 22.50
C LEU H 351 21.38 12.47 21.74
N THR H 352 21.11 12.30 20.45
CA THR H 352 21.93 11.52 19.54
C THR H 352 22.73 12.47 18.66
N GLY H 353 24.05 12.38 18.73
CA GLY H 353 24.92 13.23 17.94
C GLY H 353 26.25 12.58 17.71
N GLN H 354 27.28 13.43 17.59
CA GLN H 354 28.65 12.99 17.41
C GLN H 354 29.57 13.97 18.12
N ASN H 355 30.75 13.49 18.53
CA ASN H 355 31.78 14.32 19.14
C ASN H 355 31.31 14.95 20.45
N PHE H 356 30.51 14.22 21.21
CA PHE H 356 30.10 14.69 22.52
C PHE H 356 31.26 14.58 23.51
N THR H 357 31.23 15.44 24.52
CA THR H 357 32.25 15.45 25.55
C THR H 357 31.56 15.40 26.92
N PRO H 358 32.12 14.65 27.88
CA PRO H 358 31.51 14.62 29.22
C PRO H 358 31.46 15.98 29.90
N ASN H 359 32.34 16.91 29.54
CA ASN H 359 32.30 18.27 30.08
C ASN H 359 31.25 19.14 29.40
N LEU H 360 30.07 18.60 29.16
CA LEU H 360 29.02 19.32 28.44
C LEU H 360 27.71 19.21 29.20
N ARG H 361 26.93 20.28 29.13
CA ARG H 361 25.64 20.35 29.78
C ARG H 361 24.62 20.99 28.85
N VAL H 362 23.40 20.46 28.86
CA VAL H 362 22.36 20.97 27.98
C VAL H 362 21.70 22.20 28.61
N TRP H 363 21.20 23.08 27.74
CA TRP H 363 20.50 24.29 28.16
C TRP H 363 19.20 24.39 27.37
N PHE H 364 18.08 24.25 28.05
CA PHE H 364 16.75 24.43 27.47
C PHE H 364 16.46 25.93 27.42
N GLY H 365 16.97 26.59 26.39
CA GLY H 365 16.84 28.03 26.29
C GLY H 365 17.77 28.74 27.25
N ASP H 366 17.23 29.20 28.38
CA ASP H 366 18.00 29.90 29.40
C ASP H 366 17.90 29.18 30.74
N VAL H 367 17.66 27.87 30.73
CA VAL H 367 17.49 27.09 31.94
C VAL H 367 18.52 25.96 31.94
N GLU H 368 19.30 25.88 33.00
CA GLU H 368 20.29 24.83 33.16
C GLU H 368 19.64 23.56 33.72
N ALA H 369 19.84 22.45 33.01
CA ALA H 369 19.21 21.18 33.35
C ALA H 369 20.25 20.13 33.72
N GLU H 370 19.82 19.16 34.53
CA GLU H 370 20.68 18.04 34.89
C GLU H 370 20.96 17.17 33.68
N THR H 371 22.23 16.85 33.45
CA THR H 371 22.65 16.11 32.27
C THR H 371 23.57 14.96 32.67
N MET H 372 23.39 13.82 32.00
CA MET H 372 24.24 12.65 32.19
C MET H 372 24.95 12.33 30.89
N TYR H 373 26.20 11.89 30.99
CA TYR H 373 27.01 11.52 29.83
C TYR H 373 26.94 10.01 29.65
N ARG H 374 26.19 9.56 28.65
CA ARG H 374 26.11 8.14 28.34
C ARG H 374 27.33 7.69 27.53
N CYS H 375 27.53 8.30 26.36
CA CYS H 375 28.67 7.98 25.52
C CYS H 375 28.94 9.17 24.60
N GLY H 376 30.08 9.10 23.91
CA GLY H 376 30.54 10.17 23.05
C GLY H 376 29.58 10.58 21.96
N GLU H 377 28.49 9.83 21.76
CA GLU H 377 27.48 10.18 20.77
C GLU H 377 26.07 10.16 21.34
N SER H 378 25.90 10.00 22.65
CA SER H 378 24.57 9.92 23.24
C SER H 378 24.61 10.50 24.64
N MET H 379 23.65 11.39 24.94
CA MET H 379 23.60 12.03 26.25
C MET H 379 22.16 12.17 26.73
N LEU H 380 21.94 11.93 28.02
CA LEU H 380 20.61 12.04 28.61
C LEU H 380 20.53 13.28 29.49
N CYS H 381 19.35 13.88 29.52
CA CYS H 381 19.13 15.06 30.35
C CYS H 381 17.71 15.05 30.91
N VAL H 382 17.51 15.81 31.98
CA VAL H 382 16.21 15.92 32.64
C VAL H 382 15.56 17.23 32.24
N VAL H 383 14.35 17.16 31.71
CA VAL H 383 13.62 18.37 31.32
C VAL H 383 13.17 19.11 32.57
N PRO H 384 13.46 20.40 32.70
CA PRO H 384 13.03 21.15 33.89
C PRO H 384 11.53 21.41 33.87
N ASP H 385 11.02 21.83 35.03
CA ASP H 385 9.61 22.13 35.16
C ASP H 385 9.24 23.37 34.36
N ILE H 386 7.96 23.44 33.97
CA ILE H 386 7.46 24.59 33.22
C ILE H 386 7.50 25.86 34.04
N SER H 387 7.59 25.75 35.37
CA SER H 387 7.64 26.94 36.22
C SER H 387 8.88 27.79 35.96
N ALA H 388 9.95 27.19 35.45
CA ALA H 388 11.15 27.96 35.14
C ALA H 388 10.95 28.94 33.99
N PHE H 389 9.96 28.68 33.13
CA PHE H 389 9.63 29.57 32.02
C PHE H 389 8.43 30.45 32.32
N ARG H 390 7.38 29.89 32.90
CA ARG H 390 6.18 30.63 33.30
C ARG H 390 6.02 30.45 34.81
N GLU H 391 6.18 31.54 35.55
CA GLU H 391 6.21 31.46 37.01
C GLU H 391 4.88 31.00 37.58
N GLY H 392 3.80 31.70 37.21
CA GLY H 392 2.49 31.40 37.79
C GLY H 392 1.92 30.06 37.38
N TRP H 393 2.44 29.46 36.31
CA TRP H 393 1.89 28.21 35.79
C TRP H 393 2.33 27.04 36.66
N ARG H 394 1.36 26.34 37.24
CA ARG H 394 1.64 25.08 37.92
C ARG H 394 1.87 23.93 36.96
N TRP H 395 1.41 24.06 35.71
CA TRP H 395 1.53 22.99 34.73
C TRP H 395 1.58 23.60 33.34
N VAL H 396 1.93 22.77 32.36
CA VAL H 396 2.05 23.23 30.98
C VAL H 396 0.66 23.51 30.42
N ARG H 397 0.39 24.77 30.08
CA ARG H 397 -0.92 25.17 29.59
C ARG H 397 -0.98 25.15 28.07
N GLN H 398 -0.08 25.86 27.41
CA GLN H 398 -0.02 25.95 25.96
C GLN H 398 1.40 25.68 25.48
N PRO H 399 1.55 25.21 24.24
CA PRO H 399 2.90 24.84 23.77
C PRO H 399 3.86 26.02 23.80
N VAL H 400 5.06 25.76 24.31
CA VAL H 400 6.12 26.75 24.45
C VAL H 400 7.34 26.25 23.70
N GLN H 401 7.85 27.06 22.78
CA GLN H 401 8.98 26.67 21.94
C GLN H 401 10.24 27.36 22.46
N VAL H 402 11.15 26.57 23.01
CA VAL H 402 12.41 27.07 23.54
C VAL H 402 13.54 26.48 22.71
N PRO H 403 14.71 27.11 22.72
CA PRO H 403 15.87 26.54 22.03
C PRO H 403 16.66 25.61 22.95
N VAL H 404 17.40 24.70 22.31
CA VAL H 404 18.25 23.74 23.01
C VAL H 404 19.69 23.98 22.58
N THR H 405 20.58 24.12 23.55
CA THR H 405 21.98 24.38 23.26
C THR H 405 22.86 23.56 24.19
N LEU H 406 24.17 23.58 23.91
CA LEU H 406 25.16 22.87 24.71
C LEU H 406 26.19 23.86 25.24
N VAL H 407 26.59 23.66 26.49
CA VAL H 407 27.50 24.57 27.18
C VAL H 407 28.58 23.74 27.87
N ARG H 408 29.83 24.13 27.67
CA ARG H 408 30.94 23.48 28.34
C ARG H 408 31.16 24.11 29.71
N ASN H 409 31.99 23.46 30.53
CA ASN H 409 32.26 23.96 31.87
C ASN H 409 32.87 25.34 31.84
N ASP H 410 33.79 25.59 30.91
CA ASP H 410 34.43 26.90 30.82
C ASP H 410 33.47 27.98 30.31
N GLY H 411 32.35 27.59 29.70
CA GLY H 411 31.37 28.53 29.22
C GLY H 411 31.24 28.61 27.72
N ILE H 412 31.95 27.78 26.96
CA ILE H 412 31.86 27.81 25.50
C ILE H 412 30.50 27.28 25.09
N ILE H 413 29.67 28.16 24.54
CA ILE H 413 28.30 27.82 24.15
C ILE H 413 28.30 27.33 22.70
N TYR H 414 27.75 26.14 22.49
CA TYR H 414 27.63 25.57 21.15
C TYR H 414 26.19 25.69 20.68
N SER H 415 26.03 25.99 19.38
CA SER H 415 24.72 26.23 18.81
C SER H 415 24.18 24.97 18.14
N THR H 416 22.88 24.74 18.31
CA THR H 416 22.17 23.66 17.64
C THR H 416 21.08 24.24 16.74
N SER H 417 20.44 23.38 15.97
CA SER H 417 19.36 23.78 15.06
C SER H 417 18.03 23.15 15.44
N LEU H 418 17.90 22.59 16.63
CA LEU H 418 16.68 21.93 17.07
C LEU H 418 16.03 22.74 18.19
N THR H 419 14.70 22.83 18.14
CA THR H 419 13.93 23.59 19.11
C THR H 419 13.00 22.66 19.88
N PHE H 420 13.10 22.71 21.21
CA PHE H 420 12.22 21.92 22.05
C PHE H 420 10.85 22.59 22.17
N THR H 421 9.82 21.77 22.28
CA THR H 421 8.44 22.24 22.36
C THR H 421 7.74 21.54 23.52
N TYR H 422 7.40 22.32 24.55
CA TYR H 422 6.64 21.80 25.68
C TYR H 422 5.26 21.35 25.21
N THR H 423 4.93 20.10 25.47
CA THR H 423 3.63 19.56 25.07
C THR H 423 2.55 20.01 26.05
N PRO H 424 1.43 20.55 25.57
CA PRO H 424 0.41 21.05 26.49
C PRO H 424 -0.35 19.91 27.15
N GLU H 425 -0.65 20.08 28.43
CA GLU H 425 -1.28 19.05 29.23
C GLU H 425 -2.70 19.46 29.62
N PRO H 426 -3.69 18.61 29.40
CA PRO H 426 -5.08 18.94 29.78
C PRO H 426 -5.27 19.04 31.28
N GLY H 427 -4.82 18.03 32.02
CA GLY H 427 -4.98 18.00 33.45
C GLY H 427 -3.99 18.90 34.16
N PRO H 428 -4.34 19.30 35.39
CA PRO H 428 -3.46 20.21 36.15
C PRO H 428 -2.26 19.50 36.77
N ARG H 429 -2.35 19.23 38.07
CA ARG H 429 -1.24 18.64 38.81
C ARG H 429 -0.92 17.24 38.31
N PRO H 430 0.30 16.99 37.82
CA PRO H 430 0.64 15.64 37.35
C PRO H 430 1.34 14.80 38.40
N HIS H 431 0.90 13.56 38.57
CA HIS H 431 1.53 12.58 39.46
C HIS H 431 1.68 13.15 40.88
N CYS H 432 0.55 13.54 41.46
CA CYS H 432 0.56 14.11 42.80
C CYS H 432 0.91 13.05 43.83
N SER H 433 1.91 13.35 44.66
CA SER H 433 2.35 12.40 45.68
C SER H 433 3.12 13.13 46.79
N LYS I 1 10.33 10.09 -6.36
CA LYS I 1 10.06 10.89 -7.55
C LYS I 1 8.83 11.77 -7.33
N ARG I 2 8.85 12.53 -6.23
CA ARG I 2 7.73 13.41 -5.90
C ARG I 2 8.21 14.81 -5.52
N ARG I 3 9.35 14.89 -4.87
CA ARG I 3 9.87 16.16 -4.39
C ARG I 3 10.57 16.93 -5.52
N ARG I 4 11.00 18.14 -5.21
CA ARG I 4 11.68 18.99 -6.18
C ARG I 4 12.48 20.05 -5.43
N GLN I 5 13.69 20.32 -5.90
CA GLN I 5 14.61 21.28 -5.28
C GLN I 5 14.94 22.35 -6.31
N HIS I 6 14.22 23.47 -6.25
CA HIS I 6 14.32 24.51 -7.27
C HIS I 6 15.68 25.20 -7.23
N GLY I 7 15.89 26.08 -8.22
CA GLY I 7 17.09 26.89 -8.31
C GLY I 7 16.82 28.20 -9.03
N GLN I 8 17.71 28.57 -9.95
CA GLN I 8 17.50 29.75 -10.79
C GLN I 8 18.36 29.62 -12.03
N LEU I 9 17.76 29.85 -13.20
CA LEU I 9 18.42 29.58 -14.47
C LEU I 9 19.59 30.54 -14.69
N TRP I 10 20.50 30.11 -15.58
CA TRP I 10 21.63 30.93 -16.00
C TRP I 10 22.15 30.35 -17.31
N PHE I 11 22.50 31.22 -18.24
CA PHE I 11 22.89 30.83 -19.59
C PHE I 11 24.14 31.57 -20.02
N PRO I 12 24.89 31.00 -20.97
CA PRO I 12 25.89 31.81 -21.68
C PRO I 12 25.24 32.50 -22.86
N GLU I 13 26.00 33.22 -23.67
CA GLU I 13 25.39 34.00 -24.74
C GLU I 13 24.70 33.08 -25.75
N GLY I 14 23.46 33.42 -26.10
CA GLY I 14 22.72 32.64 -27.07
C GLY I 14 21.93 31.49 -26.50
N PHE I 15 20.64 31.71 -26.21
CA PHE I 15 19.76 30.66 -25.73
C PHE I 15 18.76 30.21 -26.79
N LYS I 16 18.59 30.98 -27.87
CA LYS I 16 17.66 30.63 -28.93
C LYS I 16 17.94 29.25 -29.52
N VAL I 17 19.14 28.71 -29.30
CA VAL I 17 19.47 27.38 -29.80
C VAL I 17 18.59 26.30 -29.18
N SER I 18 17.90 26.61 -28.08
CA SER I 18 17.02 25.61 -27.47
C SER I 18 15.84 25.24 -28.37
N GLU I 19 15.52 26.07 -29.35
CA GLU I 19 14.40 25.85 -30.28
C GLU I 19 13.07 25.73 -29.55
N VAL I 116 -17.27 12.61 22.05
CA VAL I 116 -17.25 11.67 20.92
C VAL I 116 -15.97 11.88 20.12
N ASN I 117 -14.84 11.54 20.73
CA ASN I 117 -13.52 11.71 20.13
C ASN I 117 -13.31 13.15 19.67
N VAL I 118 -13.02 14.03 20.62
CA VAL I 118 -12.89 15.46 20.35
C VAL I 118 -11.43 15.76 20.06
N ARG I 119 -11.16 16.26 18.84
CA ARG I 119 -9.79 16.55 18.42
C ARG I 119 -8.98 17.28 19.49
N GLY I 120 -9.56 18.33 20.07
CA GLY I 120 -8.87 19.03 21.13
C GLY I 120 -7.64 19.72 20.55
N PRO I 121 -6.66 20.03 21.40
CA PRO I 121 -5.43 20.63 20.90
C PRO I 121 -4.45 19.54 20.49
N ASP I 122 -3.54 19.93 19.58
CA ASP I 122 -2.54 19.02 19.05
C ASP I 122 -3.20 17.83 18.37
N GLY I 123 -3.14 16.66 19.00
CA GLY I 123 -3.70 15.45 18.44
C GLY I 123 -4.29 14.56 19.51
N PHE I 124 -4.36 15.09 20.74
CA PHE I 124 -4.84 14.32 21.88
C PHE I 124 -6.34 14.08 21.79
N THR I 125 -6.73 12.79 21.85
CA THR I 125 -8.07 12.22 21.88
C THR I 125 -8.43 11.83 23.30
N PRO I 126 -9.72 11.88 23.67
CA PRO I 126 -10.10 11.52 25.06
C PRO I 126 -9.53 10.20 25.55
N LEU I 127 -9.44 9.19 24.70
CA LEU I 127 -8.81 7.94 25.10
C LEU I 127 -7.31 8.10 25.33
N MET I 128 -6.66 8.98 24.55
CA MET I 128 -5.25 9.24 24.76
C MET I 128 -5.00 9.86 26.14
N ILE I 129 -5.79 10.88 26.49
CA ILE I 129 -5.64 11.50 27.81
C ILE I 129 -6.05 10.52 28.91
N ALA I 130 -7.00 9.63 28.63
CA ALA I 130 -7.37 8.61 29.62
C ALA I 130 -6.21 7.65 29.87
N SER I 131 -5.48 7.29 28.81
CA SER I 131 -4.30 6.44 28.93
C SER I 131 -3.08 7.18 29.44
N CYS I 132 -3.11 8.51 29.44
CA CYS I 132 -1.97 9.29 29.92
C CYS I 132 -1.99 9.44 31.44
N SER I 133 -3.18 9.51 32.04
CA SER I 133 -3.29 9.71 33.47
C SER I 133 -3.01 8.41 34.23
N GLU I 145 -10.77 6.97 45.25
CA GLU I 145 -11.34 5.88 44.45
C GLU I 145 -11.41 6.27 42.97
N GLU I 146 -10.26 6.62 42.41
CA GLU I 146 -10.18 7.01 41.00
C GLU I 146 -10.03 5.76 40.16
N ASP I 147 -11.14 5.33 39.55
CA ASP I 147 -11.16 4.14 38.68
C ASP I 147 -10.72 4.50 37.27
N ALA I 148 -9.52 5.07 37.19
CA ALA I 148 -8.95 5.43 35.88
C ALA I 148 -8.72 4.23 34.97
N PRO I 149 -8.23 3.07 35.44
CA PRO I 149 -8.22 1.90 34.55
C PRO I 149 -9.59 1.53 34.02
N ALA I 150 -10.62 1.56 34.87
CA ALA I 150 -11.97 1.30 34.40
C ALA I 150 -12.46 2.39 33.45
N VAL I 151 -12.00 3.62 33.66
CA VAL I 151 -12.35 4.71 32.74
C VAL I 151 -11.75 4.45 31.37
N ILE I 152 -10.48 4.02 31.33
CA ILE I 152 -9.84 3.69 30.06
C ILE I 152 -10.54 2.51 29.40
N SER I 153 -10.97 1.53 30.21
CA SER I 153 -11.69 0.39 29.65
C SER I 153 -12.98 0.83 28.99
N ASP I 154 -13.81 1.59 29.70
CA ASP I 154 -15.05 2.08 29.12
C ASP I 154 -14.80 2.98 27.92
N PHE I 155 -13.68 3.71 27.94
CA PHE I 155 -13.31 4.56 26.80
C PHE I 155 -12.96 3.73 25.57
N ILE I 156 -12.28 2.60 25.74
CA ILE I 156 -11.86 1.81 24.59
C ILE I 156 -13.07 1.26 23.84
N TYR I 157 -14.16 0.96 24.54
CA TYR I 157 -15.37 0.47 23.88
C TYR I 157 -16.06 1.63 23.18
N GLN I 158 -17.28 1.37 22.69
CA GLN I 158 -18.08 2.37 21.98
C GLN I 158 -17.33 2.91 20.77
N GLY I 159 -17.68 4.12 20.32
CA GLY I 159 -17.09 4.70 19.13
C GLY I 159 -15.78 5.42 19.38
N ALA I 160 -14.74 4.67 19.77
CA ALA I 160 -13.43 5.24 20.04
C ALA I 160 -12.43 4.78 18.99
N SER I 161 -11.67 5.73 18.45
CA SER I 161 -10.64 5.44 17.45
C SER I 161 -9.32 5.20 18.17
N LEU I 162 -8.82 3.98 18.14
CA LEU I 162 -7.58 3.67 18.85
C LEU I 162 -6.37 4.24 18.13
N HIS I 163 -6.32 4.11 16.80
CA HIS I 163 -5.16 4.52 16.01
C HIS I 163 -5.29 5.99 15.67
N ASN I 164 -4.80 6.85 16.56
CA ASN I 164 -4.78 8.30 16.33
C ASN I 164 -3.39 8.80 16.70
N GLN I 165 -2.71 9.42 15.74
CA GLN I 165 -1.36 9.91 15.95
C GLN I 165 -1.37 11.38 16.36
N THR I 166 -0.34 11.77 17.12
CA THR I 166 -0.21 13.15 17.55
C THR I 166 0.18 14.02 16.36
N ASP I 167 -0.32 15.27 16.37
CA ASP I 167 0.03 16.20 15.30
C ASP I 167 1.49 16.63 15.41
N ARG I 168 1.99 16.80 16.64
CA ARG I 168 3.35 17.28 16.85
C ARG I 168 4.33 16.11 16.96
N THR I 169 4.19 15.30 18.02
CA THR I 169 5.14 14.22 18.28
C THR I 169 4.85 12.97 17.46
N GLY I 170 3.67 12.86 16.87
CA GLY I 170 3.32 11.69 16.09
C GLY I 170 2.97 10.45 16.89
N GLU I 171 2.98 10.54 18.23
CA GLU I 171 2.69 9.38 19.06
C GLU I 171 1.19 9.08 19.09
N THR I 172 0.86 7.88 19.51
CA THR I 172 -0.51 7.41 19.63
C THR I 172 -0.86 7.19 21.10
N ALA I 173 -2.04 6.60 21.33
CA ALA I 173 -2.48 6.33 22.70
C ALA I 173 -1.58 5.31 23.38
N LEU I 174 -1.20 4.24 22.66
CA LEU I 174 -0.32 3.24 23.24
C LEU I 174 1.05 3.83 23.55
N HIS I 175 1.52 4.75 22.71
CA HIS I 175 2.79 5.42 22.99
C HIS I 175 2.72 6.24 24.28
N LEU I 176 1.61 6.95 24.49
CA LEU I 176 1.45 7.71 25.72
C LEU I 176 1.34 6.79 26.93
N ALA I 177 0.64 5.66 26.77
CA ALA I 177 0.55 4.70 27.86
C ALA I 177 1.91 4.10 28.19
N ALA I 178 2.78 3.95 27.19
CA ALA I 178 4.11 3.41 27.43
C ALA I 178 5.04 4.43 28.06
N ARG I 179 4.94 5.70 27.64
CA ARG I 179 5.83 6.73 28.16
C ARG I 179 5.52 7.02 29.63
N TYR I 180 4.25 7.25 29.96
CA TYR I 180 3.86 7.53 31.32
C TYR I 180 3.77 6.28 32.20
N SER I 181 4.23 5.13 31.70
CA SER I 181 4.32 3.90 32.48
C SER I 181 2.94 3.43 32.94
N ARG I 182 1.91 3.70 32.16
CA ARG I 182 0.55 3.24 32.47
C ARG I 182 0.35 1.87 31.85
N SER I 183 0.73 0.83 32.59
CA SER I 183 0.62 -0.53 32.08
C SER I 183 -0.82 -0.99 32.03
N ASP I 184 -1.64 -0.56 33.00
CA ASP I 184 -3.04 -0.96 33.02
C ASP I 184 -3.77 -0.50 31.77
N ALA I 185 -3.44 0.70 31.29
CA ALA I 185 -4.05 1.19 30.06
C ALA I 185 -3.62 0.35 28.86
N ALA I 186 -2.31 0.07 28.75
CA ALA I 186 -1.80 -0.70 27.62
C ALA I 186 -2.36 -2.12 27.60
N LYS I 187 -2.66 -2.67 28.77
CA LYS I 187 -3.27 -4.00 28.83
C LYS I 187 -4.57 -4.04 28.05
N ARG I 188 -5.54 -3.20 28.45
CA ARG I 188 -6.83 -3.15 27.77
C ARG I 188 -6.72 -2.60 26.36
N LEU I 189 -5.69 -1.79 26.06
CA LEU I 189 -5.46 -1.35 24.69
C LEU I 189 -5.11 -2.53 23.80
N LEU I 190 -4.14 -3.34 24.20
CA LEU I 190 -3.78 -4.52 23.43
C LEU I 190 -4.95 -5.50 23.36
N GLU I 191 -5.72 -5.61 24.45
CA GLU I 191 -6.92 -6.45 24.41
C GLU I 191 -7.96 -5.90 23.45
N ALA I 192 -7.95 -4.60 23.17
CA ALA I 192 -8.88 -3.97 22.25
C ALA I 192 -8.38 -3.98 20.81
N SER I 193 -7.52 -4.95 20.45
CA SER I 193 -7.00 -5.11 19.09
C SER I 193 -6.26 -3.87 18.61
N ALA I 194 -5.41 -3.31 19.47
CA ALA I 194 -4.60 -2.18 19.08
C ALA I 194 -3.34 -2.64 18.34
N ASP I 195 -2.63 -1.68 17.75
CA ASP I 195 -1.41 -1.96 17.01
C ASP I 195 -0.19 -1.64 17.86
N ALA I 196 0.81 -2.52 17.80
CA ALA I 196 2.04 -2.34 18.54
C ALA I 196 3.23 -2.04 17.62
N ASN I 197 2.99 -1.83 16.33
CA ASN I 197 4.05 -1.55 15.38
C ASN I 197 3.79 -0.24 14.64
N ILE I 198 3.39 0.79 15.38
CA ILE I 198 3.10 2.10 14.81
C ILE I 198 4.29 3.01 15.06
N GLN I 199 4.86 3.55 13.97
CA GLN I 199 5.99 4.45 14.06
C GLN I 199 5.52 5.90 14.24
N ASP I 200 6.15 6.61 15.17
CA ASP I 200 5.82 8.01 15.38
C ASP I 200 6.63 8.89 14.43
N ASN I 201 6.55 10.20 14.63
CA ASN I 201 7.34 11.14 13.84
C ASN I 201 8.83 10.92 13.98
N MET I 202 9.28 10.20 15.01
CA MET I 202 10.68 9.89 15.21
C MET I 202 11.01 8.42 14.99
N GLY I 203 10.03 7.62 14.59
CA GLY I 203 10.26 6.21 14.37
C GLY I 203 10.12 5.34 15.59
N ARG I 204 9.71 5.90 16.72
CA ARG I 204 9.61 5.17 17.97
C ARG I 204 8.38 4.26 17.93
N THR I 205 8.60 2.95 18.10
CA THR I 205 7.51 2.04 18.33
C THR I 205 7.12 2.07 19.81
N PRO I 206 5.92 1.59 20.16
CA PRO I 206 5.55 1.55 21.59
C PRO I 206 6.56 0.83 22.46
N LEU I 207 7.23 -0.19 21.93
CA LEU I 207 8.28 -0.88 22.70
C LEU I 207 9.45 0.04 22.97
N HIS I 208 9.81 0.89 21.99
CA HIS I 208 10.89 1.84 22.21
C HIS I 208 10.56 2.82 23.33
N ALA I 209 9.33 3.33 23.34
CA ALA I 209 8.90 4.23 24.41
C ALA I 209 8.84 3.52 25.75
N ALA I 210 8.45 2.24 25.75
CA ALA I 210 8.41 1.49 27.01
C ALA I 210 9.80 1.25 27.56
N VAL I 211 10.77 1.00 26.69
CA VAL I 211 12.14 0.77 27.15
C VAL I 211 12.80 2.07 27.58
N SER I 212 12.56 3.14 26.84
CA SER I 212 13.19 4.43 27.15
C SER I 212 12.65 4.99 28.47
N ALA I 213 11.33 4.98 28.64
CA ALA I 213 10.71 5.50 29.85
C ALA I 213 10.84 4.56 31.04
N ASP I 214 11.53 3.43 30.88
CA ASP I 214 11.68 2.43 31.94
C ASP I 214 10.32 1.96 32.45
N ALA I 215 9.39 1.71 31.52
CA ALA I 215 8.07 1.21 31.84
C ALA I 215 8.17 -0.31 32.00
N GLN I 216 8.36 -0.75 33.24
CA GLN I 216 8.56 -2.17 33.50
C GLN I 216 7.32 -2.98 33.13
N GLY I 217 6.15 -2.54 33.60
CA GLY I 217 4.94 -3.28 33.31
C GLY I 217 4.60 -3.30 31.84
N VAL I 218 4.70 -2.15 31.16
CA VAL I 218 4.43 -2.09 29.74
C VAL I 218 5.42 -2.97 28.98
N PHE I 219 6.68 -3.00 29.44
CA PHE I 219 7.67 -3.87 28.81
C PHE I 219 7.27 -5.34 28.94
N GLN I 220 6.97 -5.77 30.16
CA GLN I 220 6.61 -7.17 30.38
C GLN I 220 5.32 -7.55 29.67
N ILE I 221 4.44 -6.57 29.43
CA ILE I 221 3.21 -6.85 28.68
C ILE I 221 3.48 -6.93 27.19
N LEU I 222 4.39 -6.09 26.68
CA LEU I 222 4.67 -6.07 25.25
C LEU I 222 5.48 -7.27 24.82
N ILE I 223 6.43 -7.73 25.64
CA ILE I 223 7.22 -8.88 25.23
C ILE I 223 6.37 -10.14 25.22
N ARG I 224 5.34 -10.21 26.07
CA ARG I 224 4.46 -11.35 26.11
C ARG I 224 3.39 -11.31 25.02
N ASN I 225 3.33 -10.24 24.23
CA ASN I 225 2.41 -10.17 23.11
C ASN I 225 3.02 -10.81 21.88
N ARG I 226 2.17 -11.42 21.06
CA ARG I 226 2.67 -12.18 19.91
C ARG I 226 3.14 -11.25 18.80
N ALA I 227 2.25 -10.38 18.31
CA ALA I 227 2.52 -9.54 17.16
C ALA I 227 3.53 -8.42 17.43
N THR I 228 4.03 -8.30 18.67
CA THR I 228 4.97 -7.22 18.97
C THR I 228 6.31 -7.48 18.32
N ASP I 229 6.82 -6.47 17.61
CA ASP I 229 8.12 -6.58 16.96
C ASP I 229 9.23 -6.28 17.94
N LEU I 230 10.28 -7.10 17.91
CA LEU I 230 11.45 -6.89 18.76
C LEU I 230 12.65 -6.35 17.99
N ASP I 231 12.72 -6.57 16.68
CA ASP I 231 13.78 -6.02 15.84
C ASP I 231 13.32 -4.76 15.11
N ALA I 232 12.41 -3.99 15.71
CA ALA I 232 11.89 -2.79 15.08
C ALA I 232 13.01 -1.77 14.90
N ARG I 233 13.02 -1.13 13.72
CA ARG I 233 14.03 -0.16 13.36
C ARG I 233 13.41 1.22 13.27
N MET I 234 13.98 2.19 13.99
CA MET I 234 13.46 3.55 14.02
C MET I 234 14.05 4.33 12.84
N HIS I 235 13.94 5.66 12.88
CA HIS I 235 14.52 6.49 11.82
C HIS I 235 16.04 6.34 11.79
N ASP I 236 16.69 6.33 12.95
CA ASP I 236 18.11 6.03 13.06
C ASP I 236 18.38 4.56 13.29
N GLY I 237 17.38 3.69 13.04
CA GLY I 237 17.58 2.26 13.00
C GLY I 237 17.88 1.60 14.33
N THR I 238 17.88 2.34 15.42
CA THR I 238 18.18 1.76 16.73
C THR I 238 17.05 0.81 17.14
N THR I 239 17.43 -0.38 17.57
CA THR I 239 16.49 -1.39 17.99
C THR I 239 16.27 -1.33 19.50
N PRO I 240 15.13 -1.82 20.00
CA PRO I 240 14.91 -1.79 21.45
C PRO I 240 15.96 -2.58 22.21
N LEU I 241 16.46 -3.67 21.63
CA LEU I 241 17.55 -4.42 22.25
C LEU I 241 18.81 -3.55 22.38
N ILE I 242 18.97 -2.58 21.47
CA ILE I 242 20.08 -1.64 21.58
C ILE I 242 19.79 -0.57 22.62
N LEU I 243 18.53 -0.10 22.69
CA LEU I 243 18.16 0.91 23.68
C LEU I 243 18.35 0.38 25.11
N ALA I 244 18.01 -0.88 25.35
CA ALA I 244 18.15 -1.46 26.68
C ALA I 244 19.60 -1.43 27.15
N ALA I 245 20.55 -1.63 26.22
CA ALA I 245 21.95 -1.56 26.57
C ALA I 245 22.46 -0.13 26.62
N ARG I 246 21.85 0.77 25.82
CA ARG I 246 22.28 2.16 25.82
C ARG I 246 21.90 2.86 27.11
N LEU I 247 20.75 2.51 27.68
CA LEU I 247 20.30 3.13 28.92
C LEU I 247 20.69 2.34 30.16
N ALA I 248 21.28 1.15 29.98
CA ALA I 248 21.77 0.33 31.08
C ALA I 248 20.67 0.01 32.10
N VAL I 249 19.47 -0.24 31.60
CA VAL I 249 18.34 -0.60 32.47
C VAL I 249 18.48 -2.06 32.86
N GLU I 250 18.51 -2.33 34.16
CA GLU I 250 18.75 -3.68 34.65
C GLU I 250 17.56 -4.58 34.38
N GLY I 251 17.85 -5.80 33.93
CA GLY I 251 16.83 -6.80 33.67
C GLY I 251 16.09 -6.63 32.36
N MET I 252 16.05 -5.42 31.80
CA MET I 252 15.28 -5.18 30.59
C MET I 252 15.94 -5.76 29.35
N LEU I 253 17.23 -6.08 29.42
CA LEU I 253 17.94 -6.58 28.24
C LEU I 253 17.67 -8.06 28.01
N GLU I 254 17.90 -8.90 29.03
CA GLU I 254 17.80 -10.35 28.86
C GLU I 254 16.38 -10.80 28.54
N ASP I 255 15.37 -10.03 28.92
CA ASP I 255 14.00 -10.40 28.60
C ASP I 255 13.73 -10.36 27.10
N LEU I 256 14.44 -9.49 26.37
CA LEU I 256 14.30 -9.46 24.92
C LEU I 256 15.05 -10.61 24.27
N ILE I 257 16.23 -10.96 24.80
CA ILE I 257 17.00 -12.06 24.20
C ILE I 257 16.30 -13.39 24.44
N ASN I 258 15.73 -13.58 25.63
CA ASN I 258 14.95 -14.78 25.89
C ASN I 258 13.68 -14.83 25.04
N SER I 259 13.21 -13.68 24.57
CA SER I 259 12.10 -13.60 23.63
C SER I 259 12.55 -13.71 22.18
N HIS I 260 13.77 -14.20 21.95
CA HIS I 260 14.31 -14.43 20.62
C HIS I 260 14.42 -13.13 19.81
N ALA I 261 15.16 -12.18 20.37
CA ALA I 261 15.49 -10.96 19.65
C ALA I 261 16.84 -11.11 18.95
N ASP I 262 17.04 -10.30 17.92
CA ASP I 262 18.27 -10.36 17.14
C ASP I 262 19.37 -9.60 17.89
N VAL I 263 20.30 -10.33 18.50
CA VAL I 263 21.40 -9.68 19.19
C VAL I 263 22.41 -9.11 18.18
N ASN I 264 22.61 -9.81 17.07
CA ASN I 264 23.54 -9.35 16.02
C ASN I 264 22.79 -8.44 15.05
N ALA I 265 22.35 -7.29 15.57
CA ALA I 265 21.62 -6.31 14.79
C ALA I 265 22.45 -5.05 14.63
N VAL I 266 22.19 -4.31 13.56
CA VAL I 266 22.91 -3.08 13.26
C VAL I 266 21.91 -1.96 13.00
N ASP I 267 22.35 -0.74 13.25
CA ASP I 267 21.56 0.46 12.96
C ASP I 267 21.94 0.99 11.57
N ASP I 268 21.43 2.17 11.22
CA ASP I 268 21.78 2.77 9.94
C ASP I 268 23.28 2.97 9.81
N LEU I 269 23.92 3.46 10.87
CA LEU I 269 25.38 3.55 10.87
C LEU I 269 25.99 2.15 10.77
N GLY I 270 25.58 1.24 11.65
CA GLY I 270 26.08 -0.11 11.59
C GLY I 270 26.60 -0.57 12.93
N LYS I 271 26.23 0.17 13.98
CA LYS I 271 26.64 -0.17 15.32
C LYS I 271 25.79 -1.33 15.84
N SER I 272 26.43 -2.22 16.59
CA SER I 272 25.77 -3.37 17.18
C SER I 272 25.40 -3.07 18.63
N ALA I 273 24.56 -3.94 19.20
CA ALA I 273 24.23 -3.81 20.61
C ALA I 273 25.49 -3.89 21.47
N LEU I 274 26.44 -4.76 21.09
CA LEU I 274 27.70 -4.84 21.81
C LEU I 274 28.52 -3.57 21.65
N HIS I 275 28.39 -2.87 20.52
CA HIS I 275 29.07 -1.59 20.36
C HIS I 275 28.61 -0.59 21.42
N TRP I 276 27.30 -0.41 21.55
CA TRP I 276 26.78 0.50 22.56
C TRP I 276 27.07 0.00 23.97
N ALA I 277 27.05 -1.32 24.18
CA ALA I 277 27.40 -1.85 25.49
C ALA I 277 28.85 -1.53 25.85
N ALA I 278 29.74 -1.51 24.86
CA ALA I 278 31.13 -1.12 25.11
C ALA I 278 31.28 0.38 25.23
N ALA I 279 30.39 1.16 24.62
CA ALA I 279 30.48 2.61 24.72
C ALA I 279 30.08 3.08 26.12
N VAL I 280 28.92 2.65 26.59
CA VAL I 280 28.43 3.06 27.91
C VAL I 280 29.07 2.26 29.03
N ASN I 281 29.88 1.25 28.70
CA ASN I 281 30.52 0.37 29.69
C ASN I 281 29.45 -0.32 30.56
N ASN I 282 28.45 -0.89 29.89
CA ASN I 282 27.42 -1.68 30.58
C ASN I 282 27.88 -3.13 30.56
N VAL I 283 28.58 -3.53 31.61
CA VAL I 283 29.14 -4.89 31.68
C VAL I 283 28.02 -5.92 31.67
N ASP I 284 26.93 -5.64 32.39
CA ASP I 284 25.80 -6.56 32.43
C ASP I 284 25.19 -6.74 31.04
N ALA I 285 25.32 -5.74 30.17
CA ALA I 285 24.81 -5.87 28.81
C ALA I 285 25.73 -6.72 27.95
N ALA I 286 27.02 -6.37 27.93
CA ALA I 286 27.96 -7.08 27.07
C ALA I 286 28.09 -8.55 27.47
N VAL I 287 28.05 -8.83 28.77
CA VAL I 287 28.17 -10.21 29.24
C VAL I 287 27.02 -11.05 28.71
N VAL I 288 25.78 -10.59 28.94
CA VAL I 288 24.61 -11.35 28.50
C VAL I 288 24.55 -11.45 26.99
N LEU I 289 25.00 -10.39 26.28
CA LEU I 289 25.02 -10.46 24.83
C LEU I 289 25.99 -11.52 24.33
N LEU I 290 27.23 -11.48 24.82
CA LEU I 290 28.23 -12.44 24.37
C LEU I 290 27.88 -13.87 24.78
N LYS I 291 27.20 -14.04 25.91
CA LYS I 291 26.80 -15.40 26.29
C LYS I 291 25.72 -15.95 25.37
N ASN I 292 24.86 -15.08 24.85
CA ASN I 292 23.76 -15.48 23.98
C ASN I 292 24.10 -15.35 22.50
N GLY I 293 25.39 -15.51 22.15
CA GLY I 293 25.80 -15.55 20.77
C GLY I 293 25.92 -14.21 20.08
N ALA I 294 26.56 -13.24 20.72
CA ALA I 294 26.86 -11.97 20.08
C ALA I 294 28.20 -12.06 19.35
N ASN I 295 28.28 -11.41 18.19
CA ASN I 295 29.51 -11.42 17.40
C ASN I 295 30.57 -10.56 18.09
N LYS I 296 31.70 -11.18 18.41
CA LYS I 296 32.72 -10.51 19.21
C LYS I 296 33.46 -9.43 18.43
N ASP I 297 33.64 -9.61 17.13
CA ASP I 297 34.47 -8.73 16.32
C ASP I 297 33.69 -8.10 15.16
N MET I 298 32.43 -7.74 15.40
CA MET I 298 31.63 -7.11 14.35
C MET I 298 32.17 -5.74 14.01
N GLN I 299 32.27 -5.46 12.70
CA GLN I 299 32.75 -4.18 12.20
C GLN I 299 31.57 -3.36 11.69
N ASN I 300 31.50 -2.10 12.11
CA ASN I 300 30.43 -1.20 11.68
C ASN I 300 30.77 -0.66 10.29
N ASN I 301 29.96 0.29 9.80
CA ASN I 301 30.24 0.91 8.52
C ASN I 301 31.56 1.68 8.53
N ARG I 302 32.01 2.12 9.71
CA ARG I 302 33.31 2.78 9.84
C ARG I 302 34.42 1.80 10.21
N GLU I 303 34.16 0.50 10.11
CA GLU I 303 35.18 -0.53 10.30
C GLU I 303 35.74 -0.51 11.72
N GLU I 304 34.87 -0.36 12.72
CA GLU I 304 35.27 -0.26 14.11
C GLU I 304 34.73 -1.44 14.90
N THR I 305 35.55 -1.97 15.79
CA THR I 305 35.23 -3.08 16.67
C THR I 305 34.72 -2.58 18.01
N PRO I 306 33.93 -3.38 18.74
CA PRO I 306 33.51 -2.96 20.09
C PRO I 306 34.66 -2.65 21.01
N LEU I 307 35.80 -3.34 20.85
CA LEU I 307 36.97 -3.02 21.66
C LEU I 307 37.48 -1.62 21.38
N PHE I 308 37.35 -1.15 20.13
CA PHE I 308 37.77 0.20 19.79
C PHE I 308 36.94 1.24 20.54
N LEU I 309 35.62 1.09 20.50
CA LEU I 309 34.74 2.01 21.21
C LEU I 309 34.91 1.90 22.72
N ALA I 310 35.24 0.70 23.23
CA ALA I 310 35.49 0.55 24.65
C ALA I 310 36.77 1.27 25.06
N ALA I 311 37.80 1.22 24.23
CA ALA I 311 39.05 1.91 24.52
C ALA I 311 38.95 3.42 24.30
N ARG I 312 38.01 3.87 23.48
CA ARG I 312 37.88 5.30 23.21
C ARG I 312 37.33 6.04 24.43
N GLU I 313 36.27 5.49 25.04
CA GLU I 313 35.58 6.17 26.14
C GLU I 313 35.99 5.63 27.51
N GLY I 314 37.11 4.92 27.59
CA GLY I 314 37.59 4.42 28.87
C GLY I 314 36.68 3.39 29.51
N SER I 315 36.45 2.28 28.80
CA SER I 315 35.61 1.21 29.30
C SER I 315 36.54 0.08 29.78
N TYR I 316 36.93 0.16 31.05
CA TYR I 316 37.85 -0.82 31.62
C TYR I 316 37.20 -2.20 31.70
N GLU I 317 36.04 -2.29 32.35
CA GLU I 317 35.43 -3.58 32.64
C GLU I 317 34.91 -4.25 31.37
N THR I 318 34.32 -3.47 30.46
CA THR I 318 33.82 -4.07 29.22
C THR I 318 34.95 -4.58 28.35
N ALA I 319 36.05 -3.82 28.26
CA ALA I 319 37.22 -4.30 27.53
C ALA I 319 37.80 -5.54 28.21
N LYS I 320 37.76 -5.58 29.54
CA LYS I 320 38.22 -6.76 30.27
C LYS I 320 37.37 -7.97 29.92
N VAL I 321 36.05 -7.79 29.80
CA VAL I 321 35.16 -8.89 29.44
C VAL I 321 35.40 -9.32 28.00
N LEU I 322 35.59 -8.37 27.09
CA LEU I 322 35.86 -8.72 25.70
C LEU I 322 37.18 -9.46 25.57
N LEU I 323 38.18 -9.11 26.39
CA LEU I 323 39.42 -9.87 26.41
C LEU I 323 39.20 -11.25 27.02
N ASP I 324 38.29 -11.37 27.98
CA ASP I 324 37.94 -12.68 28.51
C ASP I 324 37.29 -13.55 27.45
N HIS I 325 36.55 -12.94 26.52
CA HIS I 325 35.92 -13.67 25.43
C HIS I 325 36.76 -13.63 24.16
N PHE I 326 38.06 -13.34 24.30
CA PHE I 326 39.04 -13.51 23.23
C PHE I 326 38.70 -12.66 22.00
N ALA I 327 38.57 -11.36 22.24
CA ALA I 327 38.47 -10.41 21.15
C ALA I 327 39.83 -10.14 20.53
N ASN I 328 39.83 -9.93 19.22
CA ASN I 328 41.06 -9.69 18.47
C ASN I 328 41.49 -8.23 18.64
N ARG I 329 42.66 -8.02 19.25
CA ARG I 329 43.12 -6.66 19.48
C ARG I 329 43.55 -5.98 18.18
N ASP I 330 44.05 -6.75 17.23
CA ASP I 330 44.63 -6.20 16.00
C ASP I 330 43.59 -6.19 14.88
N ILE I 331 42.71 -5.19 14.93
CA ILE I 331 41.78 -4.90 13.84
C ILE I 331 41.86 -3.42 13.53
N THR I 332 42.25 -3.10 12.30
CA THR I 332 42.33 -1.71 11.88
C THR I 332 40.93 -1.11 11.72
N ASP I 333 40.86 0.20 11.84
CA ASP I 333 39.65 0.93 11.54
C ASP I 333 39.74 1.44 10.10
N HIS I 334 38.90 2.41 9.74
CA HIS I 334 38.96 2.96 8.38
C HIS I 334 40.23 3.77 8.16
N MET I 335 40.91 4.20 9.22
CA MET I 335 42.19 4.87 9.12
C MET I 335 43.34 4.03 9.64
N ASP I 336 43.15 2.71 9.73
CA ASP I 336 44.17 1.78 10.19
C ASP I 336 44.68 2.15 11.59
N ARG I 337 43.74 2.37 12.50
CA ARG I 337 44.03 2.68 13.90
C ARG I 337 43.57 1.53 14.77
N LEU I 338 44.50 0.95 15.52
CA LEU I 338 44.18 -0.12 16.46
C LEU I 338 43.62 0.48 17.75
N PRO I 339 42.89 -0.33 18.54
CA PRO I 339 42.38 0.18 19.81
C PRO I 339 43.46 0.75 20.72
N ARG I 340 44.67 0.18 20.68
CA ARG I 340 45.78 0.74 21.45
C ARG I 340 46.10 2.16 20.98
N ASP I 341 46.00 2.40 19.67
CA ASP I 341 46.31 3.73 19.13
C ASP I 341 45.32 4.77 19.66
N ILE I 342 44.02 4.49 19.58
CA ILE I 342 43.04 5.44 20.06
C ILE I 342 43.10 5.55 21.59
N ALA I 343 43.48 4.47 22.27
CA ALA I 343 43.62 4.55 23.73
C ALA I 343 44.77 5.46 24.12
N GLN I 344 45.91 5.35 23.44
CA GLN I 344 47.03 6.25 23.72
C GLN I 344 46.75 7.67 23.25
N GLU I 345 45.93 7.84 22.21
CA GLU I 345 45.57 9.17 21.75
C GLU I 345 44.68 9.88 22.76
N ARG I 346 43.66 9.17 23.27
CA ARG I 346 42.79 9.70 24.31
C ARG I 346 43.44 9.69 25.68
N MET I 347 44.66 9.14 25.79
CA MET I 347 45.42 9.08 27.04
C MET I 347 44.68 8.29 28.12
N HIS I 348 44.53 7.00 27.83
CA HIS I 348 43.94 6.02 28.75
C HIS I 348 44.99 4.93 28.99
N HIS I 349 45.88 5.18 29.95
CA HIS I 349 47.06 4.34 30.13
C HIS I 349 46.69 2.93 30.62
N ASP I 350 45.77 2.84 31.57
CA ASP I 350 45.39 1.53 32.09
C ASP I 350 44.75 0.65 31.03
N ILE I 351 43.99 1.24 30.11
CA ILE I 351 43.43 0.46 29.01
C ILE I 351 44.56 -0.08 28.13
N VAL I 352 45.60 0.73 27.91
CA VAL I 352 46.75 0.26 27.14
C VAL I 352 47.45 -0.88 27.87
N ARG I 353 47.57 -0.79 29.20
CA ARG I 353 48.20 -1.88 29.94
C ARG I 353 47.35 -3.15 29.86
N LEU I 354 46.03 -3.00 29.83
CA LEU I 354 45.17 -4.16 29.64
C LEU I 354 45.37 -4.77 28.25
N LEU I 355 45.56 -3.91 27.24
CA LEU I 355 45.84 -4.39 25.89
C LEU I 355 47.26 -4.93 25.74
N ASP I 356 48.12 -4.69 26.73
CA ASP I 356 49.50 -5.17 26.69
C ASP I 356 49.76 -6.36 27.60
N GLU I 357 48.83 -6.72 28.49
CA GLU I 357 49.09 -7.81 29.41
C GLU I 357 47.98 -8.85 29.43
N TYR I 358 46.73 -8.40 29.60
CA TYR I 358 45.65 -9.33 29.93
C TYR I 358 45.33 -10.28 28.78
N ASN I 359 45.36 -11.57 29.07
CA ASN I 359 44.95 -12.63 28.17
C ASN I 359 45.64 -12.54 26.81
N LEU I 360 46.97 -12.61 26.85
CA LEU I 360 47.73 -12.68 25.62
C LEU I 360 47.59 -14.06 24.99
N VAL I 361 47.85 -14.12 23.68
CA VAL I 361 47.68 -15.31 22.84
C VAL I 361 46.48 -16.15 23.27
N LYS J 1 -31.67 -13.49 -28.29
CA LYS J 1 -31.77 -12.43 -29.28
C LYS J 1 -32.74 -11.35 -28.81
N ARG J 2 -32.52 -10.84 -27.59
CA ARG J 2 -33.39 -9.82 -27.03
C ARG J 2 -32.57 -8.66 -26.48
N ARG J 3 -31.40 -8.96 -25.93
CA ARG J 3 -30.56 -7.92 -25.34
C ARG J 3 -29.78 -7.20 -26.44
N ARG J 4 -29.03 -6.17 -26.03
CA ARG J 4 -28.26 -5.38 -26.97
C ARG J 4 -27.14 -4.66 -26.23
N GLN J 5 -25.96 -4.63 -26.83
CA GLN J 5 -24.76 -4.05 -26.23
C GLN J 5 -24.26 -2.92 -27.15
N HIS J 6 -24.63 -1.69 -26.81
CA HIS J 6 -24.35 -0.54 -27.66
C HIS J 6 -22.85 -0.23 -27.67
N GLY J 7 -22.49 0.74 -28.51
CA GLY J 7 -21.13 1.23 -28.61
C GLY J 7 -21.07 2.69 -29.00
N GLN J 8 -20.23 3.02 -29.98
CA GLN J 8 -20.18 4.38 -30.52
C GLN J 8 -19.59 4.34 -31.92
N LEU J 9 -20.29 4.96 -32.86
CA LEU J 9 -19.91 4.86 -34.26
C LEU J 9 -18.62 5.63 -34.55
N TRP J 10 -18.00 5.27 -35.69
CA TRP J 10 -16.80 5.92 -36.16
C TRP J 10 -16.66 5.63 -37.66
N PHE J 11 -16.25 6.64 -38.42
CA PHE J 11 -16.19 6.46 -39.86
C PHE J 11 -14.86 6.97 -40.40
N PRO J 12 -14.38 6.38 -41.51
CA PRO J 12 -13.26 6.98 -42.25
C PRO J 12 -13.74 7.94 -43.33
N GLU J 13 -12.80 8.45 -44.13
CA GLU J 13 -13.11 9.47 -45.13
C GLU J 13 -14.07 8.93 -46.19
N GLY J 14 -15.09 9.72 -46.50
CA GLY J 14 -16.06 9.35 -47.52
C GLY J 14 -17.24 8.55 -47.01
N PHE J 15 -18.33 9.24 -46.68
CA PHE J 15 -19.57 8.60 -46.26
C PHE J 15 -20.66 8.66 -47.31
N LYS J 16 -20.51 9.54 -48.32
CA LYS J 16 -21.52 9.68 -49.37
C LYS J 16 -21.84 8.35 -50.03
N VAL J 17 -20.99 7.33 -49.84
CA VAL J 17 -21.19 6.00 -50.38
C VAL J 17 -22.46 5.35 -49.86
N SER J 18 -23.07 5.91 -48.81
CA SER J 18 -24.33 5.35 -48.29
C SER J 18 -25.46 5.40 -49.30
N GLU J 19 -25.33 6.21 -50.35
CA GLU J 19 -26.34 6.35 -51.41
C GLU J 19 -27.68 6.83 -50.88
N VAL J 116 -56.51 -4.59 -8.22
CA VAL J 116 -55.50 -5.54 -8.67
C VAL J 116 -55.02 -6.37 -7.49
N ASN J 117 -54.83 -7.67 -7.71
CA ASN J 117 -54.41 -8.56 -6.64
C ASN J 117 -52.90 -8.48 -6.40
N VAL J 118 -52.10 -8.72 -7.43
CA VAL J 118 -50.66 -8.81 -7.29
C VAL J 118 -50.04 -7.45 -7.57
N ARG J 119 -49.44 -6.85 -6.53
CA ARG J 119 -48.80 -5.54 -6.59
C ARG J 119 -47.83 -5.45 -5.42
N GLY J 120 -46.79 -4.63 -5.59
CA GLY J 120 -45.90 -4.33 -4.49
C GLY J 120 -44.49 -3.94 -4.87
N PRO J 121 -43.60 -3.90 -3.87
CA PRO J 121 -42.21 -3.53 -4.10
C PRO J 121 -41.29 -4.73 -4.34
N ASP J 122 -40.18 -4.45 -5.02
CA ASP J 122 -39.11 -5.42 -5.29
C ASP J 122 -39.62 -6.68 -6.00
N GLY J 123 -40.72 -6.56 -6.74
CA GLY J 123 -41.32 -7.70 -7.39
C GLY J 123 -41.99 -8.68 -6.44
N PHE J 124 -42.05 -8.38 -5.15
CA PHE J 124 -42.69 -9.29 -4.20
C PHE J 124 -44.20 -9.24 -4.39
N THR J 125 -44.79 -10.40 -4.59
CA THR J 125 -46.21 -10.71 -4.79
C THR J 125 -46.81 -11.24 -3.49
N PRO J 126 -48.07 -10.89 -3.19
CA PRO J 126 -48.71 -11.44 -1.99
C PRO J 126 -48.64 -12.96 -1.91
N LEU J 127 -48.76 -13.64 -3.04
CA LEU J 127 -48.61 -15.09 -3.06
C LEU J 127 -47.18 -15.51 -2.78
N MET J 128 -46.19 -14.72 -3.22
CA MET J 128 -44.80 -15.05 -2.94
C MET J 128 -44.52 -15.03 -1.44
N ILE J 129 -44.90 -13.95 -0.77
CA ILE J 129 -44.67 -13.86 0.66
C ILE J 129 -45.58 -14.83 1.41
N ALA J 130 -46.75 -15.14 0.87
CA ALA J 130 -47.62 -16.12 1.51
C ALA J 130 -46.97 -17.51 1.51
N SER J 131 -46.32 -17.88 0.41
CA SER J 131 -45.60 -19.14 0.35
C SER J 131 -44.24 -19.07 1.03
N CYS J 132 -43.71 -17.88 1.27
CA CYS J 132 -42.42 -17.70 1.91
C CYS J 132 -42.50 -17.67 3.43
N SER J 133 -43.60 -17.15 3.99
CA SER J 133 -43.70 -17.01 5.44
C SER J 133 -44.03 -18.35 6.11
N GLY J 134 -45.03 -19.06 5.59
CA GLY J 134 -45.43 -20.33 6.16
C GLY J 134 -46.11 -20.20 7.51
N SER J 142 -48.59 -23.73 17.24
CA SER J 142 -49.55 -23.59 18.33
C SER J 142 -50.98 -23.61 17.82
N GLU J 143 -51.12 -23.78 16.50
CA GLU J 143 -52.42 -23.84 15.83
C GLU J 143 -53.25 -22.58 16.07
N GLU J 144 -52.58 -21.43 16.18
CA GLU J 144 -53.28 -20.14 16.31
C GLU J 144 -53.59 -19.61 14.92
N GLU J 145 -54.59 -20.24 14.29
CA GLU J 145 -54.98 -19.97 12.91
C GLU J 145 -53.77 -20.14 11.97
N GLU J 146 -53.18 -21.33 12.02
CA GLU J 146 -52.02 -21.67 11.20
C GLU J 146 -52.40 -22.14 9.81
N ASP J 147 -53.49 -21.63 9.23
CA ASP J 147 -53.89 -22.04 7.89
C ASP J 147 -53.14 -21.23 6.83
N ALA J 148 -51.81 -21.18 6.95
CA ALA J 148 -50.95 -20.54 5.96
C ALA J 148 -51.03 -21.27 4.62
N PRO J 149 -51.06 -22.61 4.60
CA PRO J 149 -51.35 -23.29 3.33
C PRO J 149 -52.70 -22.89 2.74
N ALA J 150 -53.72 -22.78 3.58
CA ALA J 150 -55.02 -22.31 3.10
C ALA J 150 -54.94 -20.87 2.64
N VAL J 151 -54.10 -20.04 3.26
CA VAL J 151 -53.95 -18.67 2.81
C VAL J 151 -53.33 -18.62 1.41
N ILE J 152 -52.28 -19.42 1.19
CA ILE J 152 -51.65 -19.46 -0.13
C ILE J 152 -52.64 -19.99 -1.17
N SER J 153 -53.42 -21.00 -0.78
CA SER J 153 -54.43 -21.54 -1.69
C SER J 153 -55.46 -20.47 -2.06
N ASP J 154 -56.03 -19.81 -1.04
CA ASP J 154 -57.02 -18.77 -1.29
C ASP J 154 -56.45 -17.64 -2.13
N PHE J 155 -55.15 -17.36 -2.00
CA PHE J 155 -54.54 -16.39 -2.90
C PHE J 155 -54.53 -16.92 -4.33
N ILE J 156 -54.19 -18.20 -4.50
CA ILE J 156 -54.21 -18.83 -5.81
C ILE J 156 -55.65 -18.97 -6.30
N TYR J 157 -56.62 -19.07 -5.39
CA TYR J 157 -58.00 -19.34 -5.75
C TYR J 157 -58.66 -18.21 -6.54
N GLN J 158 -58.13 -16.99 -6.48
CA GLN J 158 -58.70 -15.86 -7.17
C GLN J 158 -57.80 -15.46 -8.34
N GLY J 159 -57.87 -14.20 -8.76
CA GLY J 159 -57.11 -13.73 -9.91
C GLY J 159 -55.70 -13.34 -9.57
N ALA J 160 -54.89 -14.31 -9.17
CA ALA J 160 -53.50 -14.11 -8.83
C ALA J 160 -52.63 -14.79 -9.87
N SER J 161 -51.60 -14.08 -10.34
CA SER J 161 -50.69 -14.60 -11.36
C SER J 161 -49.57 -15.37 -10.67
N LEU J 162 -49.53 -16.68 -10.89
CA LEU J 162 -48.52 -17.52 -10.25
C LEU J 162 -47.14 -17.27 -10.85
N HIS J 163 -47.06 -17.15 -12.18
CA HIS J 163 -45.78 -17.01 -12.88
C HIS J 163 -45.38 -15.54 -12.86
N ASN J 164 -44.71 -15.14 -11.78
CA ASN J 164 -44.18 -13.80 -11.62
C ASN J 164 -42.74 -13.91 -11.11
N GLN J 165 -41.80 -13.32 -11.84
CA GLN J 165 -40.39 -13.41 -11.47
C GLN J 165 -39.97 -12.21 -10.63
N THR J 166 -38.96 -12.43 -9.78
CA THR J 166 -38.45 -11.39 -8.91
C THR J 166 -37.63 -10.38 -9.73
N ASP J 167 -37.67 -9.11 -9.29
CA ASP J 167 -36.91 -8.07 -9.95
C ASP J 167 -35.41 -8.26 -9.75
N ARG J 168 -35.00 -8.70 -8.56
CA ARG J 168 -33.58 -8.86 -8.24
C ARG J 168 -33.10 -10.28 -8.56
N THR J 169 -33.60 -11.27 -7.84
CA THR J 169 -33.15 -12.64 -7.98
C THR J 169 -33.77 -13.37 -9.16
N GLY J 170 -34.85 -12.84 -9.74
CA GLY J 170 -35.52 -13.51 -10.83
C GLY J 170 -36.35 -14.70 -10.42
N GLU J 171 -36.44 -15.00 -9.14
CA GLU J 171 -37.16 -16.14 -8.63
C GLU J 171 -38.67 -15.89 -8.63
N THR J 172 -39.43 -16.98 -8.54
CA THR J 172 -40.87 -16.96 -8.51
C THR J 172 -41.36 -17.41 -7.13
N ALA J 173 -42.68 -17.62 -7.02
CA ALA J 173 -43.26 -18.06 -5.75
C ALA J 173 -42.79 -19.46 -5.39
N LEU J 174 -42.73 -20.36 -6.38
CA LEU J 174 -42.25 -21.71 -6.13
C LEU J 174 -40.78 -21.72 -5.70
N HIS J 175 -39.97 -20.81 -6.26
CA HIS J 175 -38.58 -20.71 -5.83
C HIS J 175 -38.49 -20.32 -4.36
N LEU J 176 -39.31 -19.36 -3.93
CA LEU J 176 -39.31 -18.96 -2.53
C LEU J 176 -39.81 -20.08 -1.62
N ALA J 177 -40.82 -20.82 -2.08
CA ALA J 177 -41.32 -21.94 -1.29
C ALA J 177 -40.28 -23.05 -1.18
N ALA J 178 -39.45 -23.22 -2.21
CA ALA J 178 -38.42 -24.26 -2.15
C ALA J 178 -37.22 -23.82 -1.31
N ARG J 179 -36.83 -22.55 -1.41
CA ARG J 179 -35.66 -22.07 -0.67
C ARG J 179 -35.93 -22.03 0.83
N TYR J 180 -37.06 -21.45 1.22
CA TYR J 180 -37.43 -21.34 2.63
C TYR J 180 -37.99 -22.64 3.21
N SER J 181 -37.90 -23.73 2.46
CA SER J 181 -38.28 -25.07 2.93
C SER J 181 -39.77 -25.16 3.28
N ARG J 182 -40.60 -24.38 2.60
CA ARG J 182 -42.05 -24.46 2.78
C ARG J 182 -42.61 -25.47 1.79
N SER J 183 -42.61 -26.74 2.20
CA SER J 183 -43.06 -27.81 1.31
C SER J 183 -44.58 -27.78 1.12
N ASP J 184 -45.32 -27.42 2.18
CA ASP J 184 -46.77 -27.37 2.08
C ASP J 184 -47.23 -26.38 1.01
N ALA J 185 -46.52 -25.26 0.89
CA ALA J 185 -46.85 -24.29 -0.14
C ALA J 185 -46.58 -24.86 -1.53
N ALA J 186 -45.42 -25.50 -1.70
CA ALA J 186 -45.07 -26.07 -2.99
C ALA J 186 -46.03 -27.16 -3.43
N LYS J 187 -46.64 -27.87 -2.46
CA LYS J 187 -47.62 -28.89 -2.80
C LYS J 187 -48.76 -28.31 -3.64
N ARG J 188 -49.51 -27.36 -3.06
CA ARG J 188 -50.61 -26.76 -3.81
C ARG J 188 -50.12 -25.88 -4.95
N LEU J 189 -48.88 -25.39 -4.89
CA LEU J 189 -48.34 -24.68 -6.05
C LEU J 189 -48.25 -25.60 -7.25
N LEU J 190 -47.64 -26.78 -7.09
CA LEU J 190 -47.58 -27.76 -8.16
C LEU J 190 -48.98 -28.24 -8.54
N GLU J 191 -49.87 -28.39 -7.56
CA GLU J 191 -51.25 -28.77 -7.86
C GLU J 191 -52.00 -27.72 -8.66
N ALA J 192 -51.59 -26.45 -8.56
CA ALA J 192 -52.22 -25.36 -9.30
C ALA J 192 -51.64 -25.18 -10.70
N SER J 193 -51.09 -26.24 -11.28
CA SER J 193 -50.55 -26.22 -12.65
C SER J 193 -49.44 -25.19 -12.79
N ALA J 194 -48.55 -25.13 -11.80
CA ALA J 194 -47.40 -24.26 -11.87
C ALA J 194 -46.28 -24.92 -12.66
N ASP J 195 -45.26 -24.13 -12.98
CA ASP J 195 -44.11 -24.60 -13.75
C ASP J 195 -42.94 -24.89 -12.81
N ALA J 196 -42.27 -26.01 -13.04
CA ALA J 196 -41.11 -26.40 -12.25
C ALA J 196 -39.80 -26.29 -13.03
N ASN J 197 -39.85 -25.74 -14.24
CA ASN J 197 -38.67 -25.60 -15.09
C ASN J 197 -38.45 -24.15 -15.48
N ILE J 198 -38.56 -23.24 -14.51
CA ILE J 198 -38.37 -21.82 -14.73
C ILE J 198 -36.98 -21.44 -14.22
N GLN J 199 -36.18 -20.85 -15.09
CA GLN J 199 -34.83 -20.42 -14.73
C GLN J 199 -34.90 -19.03 -14.12
N ASP J 200 -34.17 -18.85 -13.02
CA ASP J 200 -34.11 -17.56 -12.33
C ASP J 200 -33.02 -16.70 -12.97
N ASN J 201 -32.68 -15.57 -12.33
CA ASN J 201 -31.64 -14.70 -12.85
C ASN J 201 -30.31 -15.40 -13.03
N MET J 202 -30.11 -16.54 -12.36
CA MET J 202 -28.92 -17.37 -12.52
C MET J 202 -29.21 -18.71 -13.16
N GLY J 203 -30.45 -18.96 -13.57
CA GLY J 203 -30.83 -20.21 -14.20
C GLY J 203 -31.25 -21.31 -13.26
N ARG J 204 -31.36 -21.04 -11.96
CA ARG J 204 -31.72 -22.07 -11.00
C ARG J 204 -33.22 -22.38 -11.10
N THR J 205 -33.54 -23.64 -11.33
CA THR J 205 -34.91 -24.11 -11.21
C THR J 205 -35.25 -24.31 -9.73
N PRO J 206 -36.55 -24.38 -9.40
CA PRO J 206 -36.91 -24.62 -7.99
C PRO J 206 -36.25 -25.84 -7.38
N LEU J 207 -35.96 -26.86 -8.19
CA LEU J 207 -35.25 -28.03 -7.67
C LEU J 207 -33.84 -27.66 -7.23
N HIS J 208 -33.18 -26.77 -7.96
CA HIS J 208 -31.85 -26.31 -7.55
C HIS J 208 -31.90 -25.62 -6.21
N ALA J 209 -32.91 -24.76 -6.00
CA ALA J 209 -33.06 -24.08 -4.71
C ALA J 209 -33.39 -25.07 -3.61
N ALA J 210 -34.17 -26.12 -3.92
CA ALA J 210 -34.49 -27.12 -2.91
C ALA J 210 -33.26 -27.92 -2.51
N VAL J 211 -32.38 -28.22 -3.48
CA VAL J 211 -31.17 -28.99 -3.17
C VAL J 211 -30.16 -28.13 -2.42
N SER J 212 -30.00 -26.88 -2.83
CA SER J 212 -29.01 -26.01 -2.20
C SER J 212 -29.39 -25.67 -0.76
N ALA J 213 -30.66 -25.30 -0.55
CA ALA J 213 -31.13 -24.93 0.79
C ALA J 213 -31.36 -26.14 1.69
N ASP J 214 -31.07 -27.35 1.22
CA ASP J 214 -31.29 -28.59 1.97
C ASP J 214 -32.76 -28.72 2.38
N ALA J 215 -33.66 -28.42 1.44
CA ALA J 215 -35.09 -28.57 1.66
C ALA J 215 -35.46 -30.03 1.39
N GLN J 216 -35.47 -30.84 2.47
CA GLN J 216 -35.72 -32.27 2.33
C GLN J 216 -37.13 -32.54 1.80
N GLY J 217 -38.13 -31.92 2.42
CA GLY J 217 -39.50 -32.15 1.99
C GLY J 217 -39.78 -31.64 0.59
N VAL J 218 -39.30 -30.44 0.28
CA VAL J 218 -39.49 -29.89 -1.06
C VAL J 218 -38.78 -30.76 -2.09
N PHE J 219 -37.62 -31.32 -1.72
CA PHE J 219 -36.90 -32.20 -2.62
C PHE J 219 -37.73 -33.46 -2.93
N GLN J 220 -38.19 -34.14 -1.88
CA GLN J 220 -38.96 -35.36 -2.08
C GLN J 220 -40.30 -35.10 -2.77
N ILE J 221 -40.83 -33.88 -2.64
CA ILE J 221 -42.08 -33.55 -3.31
C ILE J 221 -41.83 -33.23 -4.79
N LEU J 222 -40.71 -32.58 -5.09
CA LEU J 222 -40.43 -32.19 -6.47
C LEU J 222 -39.98 -33.37 -7.32
N ILE J 223 -39.23 -34.30 -6.74
CA ILE J 223 -38.74 -35.42 -7.54
C ILE J 223 -39.86 -36.34 -7.98
N ARG J 224 -40.91 -36.47 -7.18
CA ARG J 224 -42.02 -37.33 -7.53
C ARG J 224 -42.98 -36.69 -8.52
N ASN J 225 -42.74 -35.44 -8.92
CA ASN J 225 -43.56 -34.79 -9.92
C ASN J 225 -43.09 -35.15 -11.33
N ARG J 226 -44.04 -35.21 -12.26
CA ARG J 226 -43.75 -35.67 -13.61
C ARG J 226 -42.95 -34.63 -14.39
N ALA J 227 -43.49 -33.42 -14.53
CA ALA J 227 -42.87 -32.41 -15.38
C ALA J 227 -41.59 -31.83 -14.78
N THR J 228 -41.17 -32.25 -13.59
CA THR J 228 -39.96 -31.71 -13.00
C THR J 228 -38.73 -32.24 -13.73
N ASP J 229 -37.86 -31.32 -14.13
CA ASP J 229 -36.63 -31.70 -14.81
C ASP J 229 -35.56 -32.08 -13.80
N LEU J 230 -34.85 -33.19 -14.08
CA LEU J 230 -33.75 -33.62 -13.24
C LEU J 230 -32.39 -33.32 -13.84
N ASP J 231 -32.30 -33.19 -15.16
CA ASP J 231 -31.08 -32.80 -15.84
C ASP J 231 -31.09 -31.31 -16.20
N ALA J 232 -31.77 -30.49 -15.40
CA ALA J 232 -31.88 -29.07 -15.70
C ALA J 232 -30.51 -28.40 -15.63
N ARG J 233 -30.23 -27.54 -16.60
CA ARG J 233 -28.98 -26.81 -16.70
C ARG J 233 -29.25 -25.33 -16.48
N MET J 234 -28.52 -24.73 -15.54
CA MET J 234 -28.71 -23.32 -15.20
C MET J 234 -27.89 -22.46 -16.16
N HIS J 235 -27.66 -21.19 -15.79
CA HIS J 235 -26.84 -20.32 -16.62
C HIS J 235 -25.43 -20.89 -16.78
N ASP J 236 -24.84 -21.38 -15.68
CA ASP J 236 -23.60 -22.13 -15.72
C ASP J 236 -23.82 -23.63 -15.82
N GLY J 237 -25.02 -24.07 -16.20
CA GLY J 237 -25.26 -25.45 -16.56
C GLY J 237 -25.21 -26.45 -15.41
N THR J 238 -25.03 -25.99 -14.18
CA THR J 238 -24.93 -26.92 -13.05
C THR J 238 -26.27 -27.61 -12.81
N THR J 239 -26.22 -28.94 -12.67
CA THR J 239 -27.40 -29.76 -12.46
C THR J 239 -27.61 -30.00 -10.97
N PRO J 240 -28.85 -30.29 -10.55
CA PRO J 240 -29.09 -30.57 -9.13
C PRO J 240 -28.31 -31.77 -8.63
N LEU J 241 -28.11 -32.77 -9.48
CA LEU J 241 -27.30 -33.91 -9.12
C LEU J 241 -25.86 -33.50 -8.84
N ILE J 242 -25.40 -32.41 -9.47
CA ILE J 242 -24.07 -31.87 -9.16
C ILE J 242 -24.08 -31.08 -7.86
N LEU J 243 -25.15 -30.32 -7.61
CA LEU J 243 -25.25 -29.56 -6.37
C LEU J 243 -25.28 -30.47 -5.15
N ALA J 244 -26.00 -31.59 -5.25
CA ALA J 244 -26.09 -32.51 -4.12
C ALA J 244 -24.73 -33.06 -3.72
N ALA J 245 -23.85 -33.29 -4.70
CA ALA J 245 -22.51 -33.77 -4.40
C ALA J 245 -21.58 -32.63 -4.00
N ARG J 246 -21.82 -31.42 -4.52
CA ARG J 246 -20.97 -30.28 -4.18
C ARG J 246 -21.18 -29.83 -2.74
N LEU J 247 -22.42 -29.89 -2.25
CA LEU J 247 -22.72 -29.47 -0.90
C LEU J 247 -22.71 -30.60 0.11
N ALA J 248 -22.54 -31.85 -0.33
CA ALA J 248 -22.46 -33.01 0.56
C ALA J 248 -23.69 -33.12 1.44
N VAL J 249 -24.86 -32.85 0.88
CA VAL J 249 -26.11 -32.96 1.60
C VAL J 249 -26.50 -34.42 1.69
N GLU J 250 -26.73 -34.90 2.90
CA GLU J 250 -26.98 -36.33 3.12
C GLU J 250 -28.32 -36.75 2.54
N GLY J 251 -28.32 -37.90 1.86
CA GLY J 251 -29.52 -38.46 1.29
C GLY J 251 -29.99 -37.81 0.02
N MET J 252 -29.62 -36.56 -0.23
CA MET J 252 -30.13 -35.82 -1.38
C MET J 252 -29.53 -36.28 -2.71
N LEU J 253 -28.41 -36.99 -2.69
CA LEU J 253 -27.78 -37.41 -3.92
C LEU J 253 -28.47 -38.64 -4.51
N GLU J 254 -28.58 -39.70 -3.72
CA GLU J 254 -29.12 -40.96 -4.20
C GLU J 254 -30.59 -40.86 -4.56
N ASP J 255 -31.32 -39.89 -4.01
CA ASP J 255 -32.73 -39.74 -4.36
C ASP J 255 -32.90 -39.32 -5.82
N LEU J 256 -31.93 -38.59 -6.37
CA LEU J 256 -31.98 -38.23 -7.78
C LEU J 256 -31.57 -39.41 -8.66
N ILE J 257 -30.59 -40.19 -8.22
CA ILE J 257 -30.11 -41.32 -9.02
C ILE J 257 -31.16 -42.43 -9.06
N ASN J 258 -31.84 -42.68 -7.95
CA ASN J 258 -32.91 -43.67 -7.92
C ASN J 258 -34.08 -43.27 -8.80
N SER J 259 -34.26 -41.98 -9.08
CA SER J 259 -35.27 -41.52 -10.01
C SER J 259 -34.79 -41.50 -11.45
N HIS J 260 -33.69 -42.20 -11.73
CA HIS J 260 -33.16 -42.38 -13.08
C HIS J 260 -32.81 -41.03 -13.73
N ALA J 261 -31.92 -40.31 -13.06
CA ALA J 261 -31.35 -39.08 -13.59
C ALA J 261 -30.05 -39.37 -14.32
N ASP J 262 -29.64 -38.44 -15.17
CA ASP J 262 -28.44 -38.60 -15.98
C ASP J 262 -27.23 -38.35 -15.09
N VAL J 263 -26.54 -39.43 -14.72
CA VAL J 263 -25.35 -39.31 -13.88
C VAL J 263 -24.17 -38.77 -14.69
N ASN J 264 -24.08 -39.13 -15.97
CA ASN J 264 -22.99 -38.66 -16.83
C ASN J 264 -23.38 -37.31 -17.43
N ALA J 265 -23.48 -36.32 -16.56
CA ALA J 265 -23.85 -34.96 -16.91
C ALA J 265 -22.66 -34.01 -16.72
N VAL J 266 -22.69 -32.91 -17.45
CA VAL J 266 -21.62 -31.90 -17.40
C VAL J 266 -22.24 -30.54 -17.12
N ASP J 267 -21.41 -29.66 -16.57
CA ASP J 267 -21.81 -28.28 -16.32
C ASP J 267 -21.42 -27.43 -17.53
N ASP J 268 -21.57 -26.10 -17.41
CA ASP J 268 -21.22 -25.22 -18.53
C ASP J 268 -19.75 -25.39 -18.92
N LEU J 269 -18.86 -25.44 -17.93
CA LEU J 269 -17.46 -25.71 -18.22
C LEU J 269 -17.31 -27.10 -18.83
N GLY J 270 -17.86 -28.11 -18.16
CA GLY J 270 -17.78 -29.49 -18.64
C GLY J 270 -17.34 -30.48 -17.59
N LYS J 271 -17.44 -30.09 -16.32
CA LYS J 271 -17.14 -30.99 -15.22
C LYS J 271 -18.27 -31.98 -15.00
N SER J 272 -17.92 -33.19 -14.59
CA SER J 272 -18.90 -34.23 -14.33
C SER J 272 -19.24 -34.26 -12.85
N ALA J 273 -20.33 -34.98 -12.53
CA ALA J 273 -20.73 -35.14 -11.14
C ALA J 273 -19.65 -35.83 -10.32
N LEU J 274 -19.00 -36.85 -10.88
CA LEU J 274 -17.93 -37.52 -10.18
C LEU J 274 -16.73 -36.59 -9.99
N HIS J 275 -16.53 -35.64 -10.90
CA HIS J 275 -15.48 -34.65 -10.72
C HIS J 275 -15.71 -33.83 -9.46
N TRP J 276 -16.92 -33.29 -9.28
CA TRP J 276 -17.23 -32.53 -8.08
C TRP J 276 -17.23 -33.41 -6.84
N ALA J 277 -17.66 -34.67 -6.97
CA ALA J 277 -17.61 -35.59 -5.84
C ALA J 277 -16.16 -35.85 -5.40
N ALA J 278 -15.23 -35.88 -6.36
CA ALA J 278 -13.82 -36.05 -6.03
C ALA J 278 -13.19 -34.76 -5.52
N ALA J 279 -13.75 -33.60 -5.89
CA ALA J 279 -13.20 -32.33 -5.43
C ALA J 279 -13.47 -32.13 -3.94
N VAL J 280 -14.74 -32.27 -3.52
CA VAL J 280 -15.11 -32.04 -2.13
C VAL J 280 -14.77 -33.22 -1.23
N ASN J 281 -14.27 -34.32 -1.79
CA ASN J 281 -13.94 -35.53 -1.03
C ASN J 281 -15.18 -36.08 -0.30
N ASN J 282 -16.28 -36.18 -1.04
CA ASN J 282 -17.51 -36.78 -0.52
C ASN J 282 -17.52 -38.25 -0.93
N VAL J 283 -17.02 -39.10 -0.03
CA VAL J 283 -16.91 -40.52 -0.33
C VAL J 283 -18.28 -41.14 -0.56
N ASP J 284 -19.26 -40.75 0.25
CA ASP J 284 -20.62 -41.27 0.08
C ASP J 284 -21.19 -40.90 -1.29
N ALA J 285 -20.72 -39.79 -1.87
CA ALA J 285 -21.17 -39.41 -3.20
C ALA J 285 -20.50 -40.26 -4.27
N ALA J 286 -19.16 -40.38 -4.21
CA ALA J 286 -18.43 -41.11 -5.23
C ALA J 286 -18.82 -42.58 -5.25
N VAL J 287 -19.08 -43.16 -4.08
CA VAL J 287 -19.48 -44.56 -4.03
C VAL J 287 -20.78 -44.79 -4.79
N VAL J 288 -21.81 -44.02 -4.44
CA VAL J 288 -23.11 -44.18 -5.09
C VAL J 288 -23.02 -43.84 -6.58
N LEU J 289 -22.18 -42.89 -6.96
CA LEU J 289 -22.01 -42.57 -8.36
C LEU J 289 -21.39 -43.74 -9.12
N LEU J 290 -20.28 -44.28 -8.61
CA LEU J 290 -19.60 -45.37 -9.30
C LEU J 290 -20.46 -46.63 -9.35
N LYS J 291 -21.29 -46.85 -8.33
CA LYS J 291 -22.16 -48.02 -8.35
C LYS J 291 -23.26 -47.91 -9.40
N ASN J 292 -23.75 -46.69 -9.67
CA ASN J 292 -24.84 -46.49 -10.62
C ASN J 292 -24.34 -46.09 -12.00
N GLY J 293 -23.16 -46.54 -12.40
CA GLY J 293 -22.69 -46.34 -13.75
C GLY J 293 -22.16 -44.95 -14.07
N ALA J 294 -21.30 -44.41 -13.20
CA ALA J 294 -20.61 -43.17 -13.49
C ALA J 294 -19.33 -43.46 -14.24
N ASN J 295 -18.97 -42.57 -15.16
CA ASN J 295 -17.76 -42.77 -15.95
C ASN J 295 -16.54 -42.55 -15.06
N LYS J 296 -15.74 -43.61 -14.89
CA LYS J 296 -14.61 -43.53 -13.98
C LYS J 296 -13.46 -42.71 -14.56
N ASP J 297 -13.34 -42.68 -15.88
CA ASP J 297 -12.22 -42.02 -16.54
C ASP J 297 -12.70 -40.90 -17.46
N MET J 298 -13.79 -40.24 -17.11
CA MET J 298 -14.28 -39.12 -17.91
C MET J 298 -13.34 -37.94 -17.75
N GLN J 299 -12.93 -37.36 -18.88
CA GLN J 299 -12.07 -36.20 -18.91
C GLN J 299 -12.87 -34.99 -19.35
N ASN J 300 -12.70 -33.89 -18.63
CA ASN J 300 -13.39 -32.64 -18.96
C ASN J 300 -12.69 -31.97 -20.14
N ASN J 301 -13.11 -30.74 -20.45
CA ASN J 301 -12.47 -29.96 -21.51
C ASN J 301 -11.00 -29.69 -21.22
N ARG J 302 -10.59 -29.77 -19.96
CA ARG J 302 -9.19 -29.65 -19.59
C ARG J 302 -8.51 -31.01 -19.56
N GLU J 303 -9.20 -32.04 -20.06
CA GLU J 303 -8.65 -33.40 -20.19
C GLU J 303 -8.22 -33.96 -18.84
N GLU J 304 -9.03 -33.72 -17.81
CA GLU J 304 -8.70 -34.12 -16.45
C GLU J 304 -9.69 -35.14 -15.93
N THR J 305 -9.18 -36.13 -15.22
CA THR J 305 -9.95 -37.21 -14.61
C THR J 305 -10.30 -36.86 -13.17
N PRO J 306 -11.35 -37.46 -12.62
CA PRO J 306 -11.67 -37.21 -11.20
C PRO J 306 -10.50 -37.48 -10.26
N LEU J 307 -9.63 -38.45 -10.60
CA LEU J 307 -8.45 -38.69 -9.78
C LEU J 307 -7.51 -37.49 -9.77
N PHE J 308 -7.44 -36.76 -10.89
CA PHE J 308 -6.60 -35.57 -10.95
C PHE J 308 -7.09 -34.50 -9.97
N LEU J 309 -8.39 -34.22 -9.98
CA LEU J 309 -8.95 -33.25 -9.06
C LEU J 309 -8.87 -33.74 -7.61
N ALA J 310 -8.95 -35.05 -7.40
CA ALA J 310 -8.80 -35.58 -6.05
C ALA J 310 -7.37 -35.40 -5.53
N ALA J 311 -6.39 -35.61 -6.40
CA ALA J 311 -4.99 -35.42 -6.03
C ALA J 311 -4.60 -33.95 -5.92
N ARG J 312 -5.31 -33.06 -6.60
CA ARG J 312 -4.98 -31.64 -6.53
C ARG J 312 -5.33 -31.04 -5.18
N GLU J 313 -6.52 -31.36 -4.67
CA GLU J 313 -7.03 -30.75 -3.45
C GLU J 313 -6.87 -31.65 -2.23
N GLY J 314 -6.02 -32.67 -2.31
CA GLY J 314 -5.75 -33.54 -1.19
C GLY J 314 -6.95 -34.36 -0.75
N SER J 315 -7.49 -35.16 -1.67
CA SER J 315 -8.63 -36.02 -1.38
C SER J 315 -8.10 -37.45 -1.22
N TYR J 316 -7.71 -37.79 0.01
CA TYR J 316 -7.16 -39.12 0.28
C TYR J 316 -8.19 -40.21 0.08
N GLU J 317 -9.35 -40.08 0.74
CA GLU J 317 -10.32 -41.18 0.74
C GLU J 317 -10.97 -41.34 -0.62
N THR J 318 -11.29 -40.23 -1.30
CA THR J 318 -11.91 -40.34 -2.61
C THR J 318 -10.95 -40.90 -3.65
N ALA J 319 -9.68 -40.49 -3.60
CA ALA J 319 -8.70 -41.07 -4.51
C ALA J 319 -8.49 -42.54 -4.22
N LYS J 320 -8.52 -42.93 -2.94
CA LYS J 320 -8.42 -44.35 -2.59
C LYS J 320 -9.60 -45.13 -3.14
N VAL J 321 -10.80 -44.54 -3.09
CA VAL J 321 -11.98 -45.22 -3.62
C VAL J 321 -11.88 -45.34 -5.14
N LEU J 322 -11.43 -44.28 -5.81
CA LEU J 322 -11.28 -44.34 -7.27
C LEU J 322 -10.22 -45.38 -7.67
N LEU J 323 -9.16 -45.51 -6.87
CA LEU J 323 -8.18 -46.56 -7.13
C LEU J 323 -8.74 -47.94 -6.85
N ASP J 324 -9.63 -48.06 -5.86
CA ASP J 324 -10.27 -49.34 -5.59
C ASP J 324 -11.16 -49.80 -6.73
N HIS J 325 -11.78 -48.86 -7.46
CA HIS J 325 -12.65 -49.18 -8.58
C HIS J 325 -11.93 -49.12 -9.92
N PHE J 326 -10.61 -49.22 -9.93
CA PHE J 326 -9.80 -49.35 -11.13
C PHE J 326 -10.01 -48.16 -12.08
N ALA J 327 -9.78 -46.97 -11.54
CA ALA J 327 -9.69 -45.78 -12.36
C ALA J 327 -8.32 -45.71 -13.03
N ASN J 328 -8.28 -45.16 -14.24
CA ASN J 328 -7.02 -45.09 -14.97
C ASN J 328 -6.22 -43.94 -14.39
N ARG J 329 -5.13 -44.26 -13.70
CA ARG J 329 -4.29 -43.25 -13.08
C ARG J 329 -3.42 -42.51 -14.10
N ASP J 330 -2.96 -43.20 -15.14
CA ASP J 330 -2.04 -42.63 -16.11
C ASP J 330 -2.84 -42.09 -17.29
N ILE J 331 -3.45 -40.93 -17.08
CA ILE J 331 -4.13 -40.18 -18.13
C ILE J 331 -3.65 -38.74 -18.07
N THR J 332 -3.07 -38.25 -19.16
CA THR J 332 -2.57 -36.89 -19.21
C THR J 332 -3.73 -35.89 -19.22
N ASP J 333 -3.41 -34.67 -18.79
CA ASP J 333 -4.36 -33.56 -18.89
C ASP J 333 -4.11 -32.79 -20.18
N HIS J 334 -4.67 -31.59 -20.29
CA HIS J 334 -4.44 -30.78 -21.48
C HIS J 334 -3.02 -30.24 -21.56
N MET J 335 -2.29 -30.25 -20.44
CA MET J 335 -0.89 -29.84 -20.42
C MET J 335 0.05 -31.02 -20.16
N ASP J 336 -0.43 -32.24 -20.37
CA ASP J 336 0.36 -33.46 -20.19
C ASP J 336 0.93 -33.55 -18.78
N ARG J 337 0.06 -33.35 -17.78
CA ARG J 337 0.43 -33.46 -16.38
C ARG J 337 -0.29 -34.66 -15.80
N LEU J 338 0.47 -35.61 -15.25
CA LEU J 338 -0.11 -36.78 -14.63
C LEU J 338 -0.55 -36.46 -13.21
N PRO J 339 -1.50 -37.24 -12.67
CA PRO J 339 -1.92 -37.01 -11.28
C PRO J 339 -0.79 -37.10 -10.27
N ARG J 340 0.20 -37.95 -10.50
CA ARG J 340 1.35 -38.02 -9.60
C ARG J 340 2.12 -36.71 -9.60
N ASP J 341 2.22 -36.05 -10.77
CA ASP J 341 2.95 -34.80 -10.87
C ASP J 341 2.28 -33.71 -10.05
N ILE J 342 0.96 -33.54 -10.21
CA ILE J 342 0.25 -32.50 -9.45
C ILE J 342 0.20 -32.87 -7.98
N ALA J 343 0.18 -34.17 -7.65
CA ALA J 343 0.19 -34.58 -6.26
C ALA J 343 1.51 -34.21 -5.59
N GLN J 344 2.63 -34.43 -6.28
CA GLN J 344 3.92 -34.00 -5.73
C GLN J 344 4.06 -32.49 -5.73
N GLU J 345 3.38 -31.81 -6.66
CA GLU J 345 3.43 -30.34 -6.70
C GLU J 345 2.71 -29.74 -5.50
N ARG J 346 1.53 -30.24 -5.18
CA ARG J 346 0.79 -29.75 -4.02
C ARG J 346 1.34 -30.27 -2.69
N MET J 347 2.36 -31.14 -2.72
CA MET J 347 2.99 -31.68 -1.50
C MET J 347 1.97 -32.44 -0.65
N HIS J 348 1.50 -33.55 -1.22
CA HIS J 348 0.58 -34.47 -0.57
C HIS J 348 1.28 -35.82 -0.54
N HIS J 349 2.11 -36.04 0.49
CA HIS J 349 3.03 -37.18 0.48
C HIS J 349 2.27 -38.51 0.52
N ASP J 350 1.27 -38.62 1.40
CA ASP J 350 0.51 -39.86 1.48
C ASP J 350 -0.27 -40.11 0.20
N ILE J 351 -0.77 -39.05 -0.43
CA ILE J 351 -1.47 -39.20 -1.71
C ILE J 351 -0.53 -39.71 -2.79
N VAL J 352 0.71 -39.20 -2.81
CA VAL J 352 1.70 -39.69 -3.76
C VAL J 352 2.02 -41.16 -3.48
N ARG J 353 2.10 -41.52 -2.19
CA ARG J 353 2.36 -42.91 -1.85
C ARG J 353 1.21 -43.82 -2.30
N LEU J 354 -0.02 -43.31 -2.27
CA LEU J 354 -1.14 -44.09 -2.79
C LEU J 354 -1.00 -44.37 -4.28
N LEU J 355 -0.46 -43.41 -5.03
CA LEU J 355 -0.21 -43.62 -6.45
C LEU J 355 0.98 -44.53 -6.73
N ASP J 356 1.74 -44.93 -5.71
CA ASP J 356 2.90 -45.78 -5.91
C ASP J 356 2.70 -47.23 -5.51
N GLU J 357 1.64 -47.57 -4.78
CA GLU J 357 1.50 -48.94 -4.32
C GLU J 357 0.12 -49.54 -4.54
N TYR J 358 -0.93 -48.86 -4.07
CA TYR J 358 -2.23 -49.50 -3.94
C TYR J 358 -2.86 -49.76 -5.31
N ASN J 359 -3.24 -51.01 -5.55
CA ASN J 359 -3.97 -51.44 -6.74
C ASN J 359 -3.26 -51.03 -8.03
N LEU J 360 -2.04 -51.52 -8.18
CA LEU J 360 -1.32 -51.32 -9.42
C LEU J 360 -1.92 -52.21 -10.51
N VAL J 361 -1.66 -51.83 -11.77
CA VAL J 361 -2.20 -52.47 -12.97
C VAL J 361 -3.64 -52.96 -12.78
#